data_3MMX
#
_entry.id   3MMX
#
_cell.length_a   295.151
_cell.length_b   46.446
_cell.length_c   114.952
_cell.angle_alpha   90.00
_cell.angle_beta   91.42
_cell.angle_gamma   90.00
#
_symmetry.space_group_name_H-M   'C 1 2 1'
#
loop_
_entity.id
_entity.type
_entity.pdbx_description
1 polymer 'nicotinate-nucleotide adenylyltransferase'
2 non-polymer 'POTASSIUM ION'
3 non-polymer 'CITRIC ACID'
4 non-polymer '[(2E)-1-{4-[(2-chlorophenyl)amino]-4-oxobutanoyl}-2-(naphthalen-1-ylmethylidene)hydrazino]acetic acid'
5 non-polymer 'DIMETHYL SULFOXIDE'
6 water water
#
_entity_poly.entity_id   1
_entity_poly.type   'polypeptide(L)'
_entity_poly.pdbx_seq_one_letter_code
;GAMRKIGIIGGTFDPPHYGHLLIANEVYHALNLEEVWFLPNQIPPHKQGRNITSVESRLQMLELATEAEEHFSICLEELS
RKGPSYTYDTMLQLTKKYPDVQFHFIIGGDMVEYLPKWYNIEALLDLVTFVGVARPGYKLRTPYPITTVEIPEFAVSSSL
LRERYKEKKTCKYLLPEKVQVYIERNGLYES
;
_entity_poly.pdbx_strand_id   A,B,C,D,E,F,G,H
#
loop_
_chem_comp.id
_chem_comp.type
_chem_comp.name
_chem_comp.formula
CIT non-polymer 'CITRIC ACID' 'C6 H8 O7'
DMS non-polymer 'DIMETHYL SULFOXIDE' 'C2 H6 O S'
K non-polymer 'POTASSIUM ION' 'K 1'
KJZ non-polymer '[(2E)-1-{4-[(2-chlorophenyl)amino]-4-oxobutanoyl}-2-(naphthalen-1-ylmethylidene)hydrazino]acetic acid' 'C23 H20 Cl N3 O4'
#
# COMPACT_ATOMS: atom_id res chain seq x y z
N MET A 3 13.47 -22.58 -4.08
CA MET A 3 13.66 -21.22 -3.55
C MET A 3 14.95 -20.56 -4.02
N ARG A 4 14.84 -19.48 -4.76
CA ARG A 4 16.05 -18.78 -5.21
C ARG A 4 16.36 -17.56 -4.34
N LYS A 5 17.65 -17.36 -4.07
CA LYS A 5 18.11 -16.26 -3.23
C LYS A 5 18.48 -15.03 -4.06
N ILE A 6 17.66 -13.98 -3.93
CA ILE A 6 17.87 -12.76 -4.68
C ILE A 6 18.05 -11.57 -3.72
N GLY A 7 19.10 -10.79 -3.97
CA GLY A 7 19.35 -9.59 -3.19
C GLY A 7 18.57 -8.44 -3.77
N ILE A 8 18.16 -7.50 -2.93
CA ILE A 8 17.52 -6.28 -3.41
C ILE A 8 18.30 -5.10 -2.87
N ILE A 9 18.65 -4.17 -3.75
CA ILE A 9 19.29 -2.94 -3.30
C ILE A 9 18.60 -1.72 -3.89
N GLY A 10 17.99 -0.91 -3.02
CA GLY A 10 17.19 0.22 -3.41
C GLY A 10 18.03 1.48 -3.43
N GLY A 11 17.54 2.52 -4.11
CA GLY A 11 18.25 3.79 -4.15
C GLY A 11 17.71 4.66 -5.26
N THR A 12 18.11 5.92 -5.27
CA THR A 12 17.74 6.81 -6.38
C THR A 12 18.54 6.47 -7.63
N PHE A 13 19.77 6.00 -7.43
CA PHE A 13 20.68 5.74 -8.53
C PHE A 13 20.73 6.96 -9.45
N ASP A 14 20.97 8.10 -8.81
CA ASP A 14 20.94 9.38 -9.47
C ASP A 14 22.20 10.22 -9.13
N PRO A 15 23.38 9.76 -9.57
CA PRO A 15 23.64 8.59 -10.41
C PRO A 15 23.98 7.32 -9.61
N PRO A 16 24.00 6.17 -10.31
CA PRO A 16 24.50 4.94 -9.72
C PRO A 16 26.02 5.08 -9.57
N HIS A 17 26.64 4.37 -8.63
CA HIS A 17 28.04 4.56 -8.37
C HIS A 17 28.74 3.33 -7.81
N TYR A 18 30.04 3.41 -7.63
CA TYR A 18 30.78 2.25 -7.16
C TYR A 18 30.40 1.78 -5.75
N GLY A 19 29.82 2.67 -4.94
CA GLY A 19 29.28 2.24 -3.66
C GLY A 19 28.22 1.16 -3.82
N HIS A 20 27.35 1.34 -4.83
CA HIS A 20 26.30 0.39 -5.11
C HIS A 20 26.87 -0.96 -5.55
N LEU A 21 27.81 -0.89 -6.49
CA LEU A 21 28.39 -2.07 -7.06
C LEU A 21 29.14 -2.84 -5.99
N LEU A 22 29.88 -2.12 -5.16
CA LEU A 22 30.64 -2.76 -4.11
C LEU A 22 29.74 -3.57 -3.17
N ILE A 23 28.70 -2.92 -2.65
CA ILE A 23 27.76 -3.60 -1.75
C ILE A 23 27.11 -4.80 -2.42
N ALA A 24 26.57 -4.61 -3.63
CA ALA A 24 25.95 -5.67 -4.38
C ALA A 24 26.90 -6.86 -4.54
N ASN A 25 28.16 -6.60 -4.88
CA ASN A 25 29.12 -7.69 -5.08
C ASN A 25 29.43 -8.41 -3.77
N GLU A 26 29.66 -7.66 -2.72
CA GLU A 26 29.97 -8.24 -1.42
C GLU A 26 28.88 -9.17 -0.89
N VAL A 27 27.63 -8.69 -0.98
CA VAL A 27 26.49 -9.44 -0.49
C VAL A 27 26.21 -10.65 -1.38
N TYR A 28 26.34 -10.45 -2.69
CA TYR A 28 26.22 -11.53 -3.62
C TYR A 28 27.13 -12.70 -3.23
N HIS A 29 28.41 -12.41 -2.96
CA HIS A 29 29.37 -13.44 -2.63
C HIS A 29 29.20 -13.95 -1.20
N ALA A 30 29.05 -13.03 -0.25
CA ALA A 30 28.92 -13.40 1.16
C ALA A 30 27.77 -14.37 1.38
N LEU A 31 26.62 -14.12 0.78
CA LEU A 31 25.43 -14.92 1.07
C LEU A 31 25.15 -15.87 -0.07
N ASN A 32 26.06 -15.93 -1.02
CA ASN A 32 25.89 -16.86 -2.13
C ASN A 32 24.53 -16.70 -2.82
N LEU A 33 24.21 -15.48 -3.21
CA LEU A 33 22.96 -15.17 -3.89
C LEU A 33 23.01 -15.64 -5.35
N GLU A 34 21.82 -15.84 -5.92
CA GLU A 34 21.69 -16.05 -7.33
C GLU A 34 21.85 -14.73 -8.14
N GLU A 35 21.24 -13.67 -7.64
CA GLU A 35 21.23 -12.39 -8.34
C GLU A 35 21.08 -11.28 -7.33
N VAL A 36 21.41 -10.07 -7.76
CA VAL A 36 21.09 -8.88 -7.01
C VAL A 36 20.26 -7.98 -7.92
N TRP A 37 19.13 -7.50 -7.40
CA TRP A 37 18.32 -6.58 -8.19
C TRP A 37 18.46 -5.16 -7.67
N PHE A 38 18.78 -4.25 -8.57
CA PHE A 38 18.83 -2.83 -8.25
C PHE A 38 17.43 -2.26 -8.44
N LEU A 39 16.95 -1.58 -7.41
CA LEU A 39 15.56 -1.18 -7.35
C LEU A 39 15.47 0.34 -7.25
N PRO A 40 15.38 1.02 -8.40
CA PRO A 40 15.27 2.49 -8.43
C PRO A 40 14.03 3.02 -7.70
N ASN A 41 14.23 4.05 -6.86
CA ASN A 41 13.19 4.86 -6.22
C ASN A 41 12.44 5.75 -7.19
N GLN A 42 11.24 6.16 -6.76
CA GLN A 42 10.56 7.33 -7.33
C GLN A 42 10.96 8.62 -6.58
N ASN A 51 16.52 20.63 -10.23
CA ASN A 51 15.78 20.00 -11.34
C ASN A 51 16.10 18.51 -11.53
N ILE A 52 15.06 17.70 -11.54
CA ILE A 52 15.15 16.25 -11.38
C ILE A 52 15.49 15.45 -12.65
N THR A 53 16.40 14.48 -12.49
CA THR A 53 16.79 13.61 -13.58
C THR A 53 15.61 12.76 -14.06
N SER A 54 15.50 12.58 -15.36
CA SER A 54 14.45 11.72 -15.91
C SER A 54 14.64 10.26 -15.45
N VAL A 55 13.54 9.53 -15.41
CA VAL A 55 13.60 8.11 -15.14
C VAL A 55 14.45 7.42 -16.19
N GLU A 56 14.25 7.77 -17.45
CA GLU A 56 14.97 7.07 -18.48
C GLU A 56 16.48 7.30 -18.33
N SER A 57 16.89 8.52 -18.00
CA SER A 57 18.31 8.79 -17.78
C SER A 57 18.85 7.92 -16.65
N ARG A 58 18.08 7.81 -15.57
CA ARG A 58 18.53 7.01 -14.45
C ARG A 58 18.63 5.56 -14.81
N LEU A 59 17.63 5.07 -15.54
CA LEU A 59 17.61 3.66 -15.92
C LEU A 59 18.77 3.36 -16.87
N GLN A 60 19.10 4.31 -17.73
CA GLN A 60 20.15 4.11 -18.71
C GLN A 60 21.53 4.06 -18.05
N MET A 61 21.74 4.93 -17.06
CA MET A 61 22.98 4.97 -16.27
C MET A 61 23.10 3.65 -15.50
N LEU A 62 21.98 3.23 -14.94
CA LEU A 62 21.93 2.03 -14.14
C LEU A 62 22.34 0.82 -14.99
N GLU A 63 21.85 0.83 -16.23
CA GLU A 63 22.21 -0.16 -17.22
C GLU A 63 23.72 -0.18 -17.49
N LEU A 64 24.29 0.99 -17.79
CA LEU A 64 25.72 1.15 -18.02
C LEU A 64 26.52 0.67 -16.80
N ALA A 65 26.00 0.97 -15.61
CA ALA A 65 26.69 0.62 -14.38
C ALA A 65 26.74 -0.91 -14.21
N THR A 66 25.70 -1.59 -14.69
CA THR A 66 25.56 -3.00 -14.40
C THR A 66 25.72 -3.91 -15.62
N GLU A 67 25.95 -3.35 -16.80
CA GLU A 67 25.95 -4.16 -18.01
C GLU A 67 26.94 -5.35 -17.99
N ALA A 68 27.97 -5.26 -17.15
CA ALA A 68 29.04 -6.25 -17.20
C ALA A 68 28.83 -7.48 -16.33
N GLU A 69 27.76 -7.55 -15.56
CA GLU A 69 27.58 -8.72 -14.72
C GLU A 69 26.20 -9.30 -14.83
N GLU A 70 26.09 -10.50 -15.40
CA GLU A 70 24.80 -11.11 -15.65
C GLU A 70 23.92 -11.23 -14.42
N HIS A 71 24.53 -11.29 -13.25
CA HIS A 71 23.80 -11.52 -12.02
C HIS A 71 23.41 -10.22 -11.30
N PHE A 72 23.63 -9.07 -11.96
CA PHE A 72 23.06 -7.80 -11.50
C PHE A 72 21.88 -7.50 -12.42
N SER A 73 20.70 -7.18 -11.91
CA SER A 73 19.62 -6.83 -12.81
C SER A 73 18.87 -5.61 -12.30
N ILE A 74 18.11 -4.98 -13.17
CA ILE A 74 17.32 -3.82 -12.79
C ILE A 74 15.87 -4.21 -12.55
N CYS A 75 15.33 -3.83 -11.41
CA CYS A 75 13.92 -4.12 -11.09
C CYS A 75 13.08 -2.85 -11.08
N LEU A 76 12.04 -2.81 -11.92
CA LEU A 76 11.25 -1.59 -12.12
C LEU A 76 10.01 -1.45 -11.23
N GLU A 77 9.82 -2.38 -10.31
CA GLU A 77 8.60 -2.43 -9.52
C GLU A 77 8.17 -1.08 -8.96
N GLU A 78 9.07 -0.38 -8.26
CA GLU A 78 8.70 0.88 -7.62
C GLU A 78 8.38 1.99 -8.64
N LEU A 79 8.90 1.84 -9.85
CA LEU A 79 8.76 2.83 -10.91
C LEU A 79 7.44 2.66 -11.64
N SER A 80 6.88 1.46 -11.55
CA SER A 80 5.63 1.14 -12.21
C SER A 80 4.43 1.59 -11.39
N ARG A 81 4.66 2.16 -10.22
CA ARG A 81 3.61 2.84 -9.49
C ARG A 81 3.97 4.32 -9.37
N LYS A 82 3.26 5.19 -10.07
CA LYS A 82 3.41 6.64 -9.85
C LYS A 82 3.28 7.00 -8.36
N GLY A 83 4.13 7.90 -7.89
CA GLY A 83 4.18 8.21 -6.47
C GLY A 83 5.09 7.25 -5.74
N PRO A 84 5.44 7.58 -4.49
CA PRO A 84 6.39 6.77 -3.71
C PRO A 84 5.74 5.49 -3.19
N SER A 85 6.57 4.51 -2.84
CA SER A 85 6.08 3.20 -2.44
C SER A 85 6.75 2.78 -1.14
N TYR A 86 5.95 2.50 -0.12
CA TYR A 86 6.51 1.93 1.09
C TYR A 86 7.18 0.63 0.74
N THR A 87 8.24 0.33 1.45
CA THR A 87 8.97 -0.88 1.17
C THR A 87 8.05 -2.09 1.28
N TYR A 88 7.16 -2.09 2.28
CA TYR A 88 6.21 -3.19 2.42
C TYR A 88 5.38 -3.40 1.14
N ASP A 89 4.82 -2.33 0.58
CA ASP A 89 4.00 -2.44 -0.63
C ASP A 89 4.81 -3.10 -1.75
N THR A 90 6.05 -2.62 -1.93
CA THR A 90 6.93 -3.09 -2.98
C THR A 90 7.26 -4.56 -2.80
N MET A 91 7.65 -4.95 -1.60
CA MET A 91 8.01 -6.33 -1.35
C MET A 91 6.81 -7.28 -1.41
N LEU A 92 5.63 -6.79 -1.03
CA LEU A 92 4.40 -7.55 -1.16
C LEU A 92 4.16 -7.88 -2.63
N GLN A 93 4.26 -6.88 -3.48
CA GLN A 93 4.15 -7.10 -4.92
C GLN A 93 5.16 -8.10 -5.45
N LEU A 94 6.43 -7.95 -5.05
CA LEU A 94 7.49 -8.81 -5.56
C LEU A 94 7.32 -10.24 -5.09
N THR A 95 6.87 -10.44 -3.86
CA THR A 95 6.67 -11.79 -3.36
C THR A 95 5.48 -12.44 -4.06
N LYS A 96 4.48 -11.65 -4.43
CA LYS A 96 3.37 -12.17 -5.24
C LYS A 96 3.86 -12.67 -6.60
N LYS A 97 4.65 -11.84 -7.29
CA LYS A 97 5.15 -12.16 -8.64
C LYS A 97 6.23 -13.25 -8.67
N TYR A 98 7.04 -13.31 -7.63
CA TYR A 98 8.11 -14.30 -7.59
C TYR A 98 8.02 -15.11 -6.30
N PRO A 99 7.03 -16.03 -6.24
CA PRO A 99 6.68 -16.80 -5.05
C PRO A 99 7.80 -17.71 -4.57
N ASP A 100 8.68 -18.12 -5.48
CA ASP A 100 9.76 -19.03 -5.06
C ASP A 100 11.08 -18.32 -4.74
N VAL A 101 11.05 -17.00 -4.67
CA VAL A 101 12.22 -16.24 -4.38
C VAL A 101 12.30 -15.89 -2.88
N GLN A 102 13.47 -16.12 -2.29
CA GLN A 102 13.75 -15.59 -0.97
C GLN A 102 14.46 -14.25 -1.15
N PHE A 103 13.77 -13.16 -0.87
CA PHE A 103 14.35 -11.84 -1.05
C PHE A 103 15.26 -11.40 0.11
N HIS A 104 16.45 -10.92 -0.23
CA HIS A 104 17.37 -10.40 0.77
C HIS A 104 17.46 -8.89 0.62
N PHE A 105 16.75 -8.19 1.47
CA PHE A 105 16.68 -6.75 1.38
C PHE A 105 17.89 -6.10 2.06
N ILE A 106 18.73 -5.43 1.28
CA ILE A 106 20.00 -4.94 1.78
C ILE A 106 19.90 -3.52 2.32
N ILE A 107 20.33 -3.31 3.55
CA ILE A 107 20.30 -1.95 4.10
C ILE A 107 21.63 -1.59 4.75
N GLY A 108 21.87 -0.30 4.92
CA GLY A 108 23.04 0.16 5.66
C GLY A 108 22.94 -0.15 7.14
N GLY A 109 24.09 -0.41 7.77
CA GLY A 109 24.11 -0.67 9.20
C GLY A 109 23.49 0.48 9.99
N ASP A 110 23.65 1.69 9.49
CA ASP A 110 23.13 2.85 10.21
C ASP A 110 21.60 2.85 10.23
N MET A 111 21.02 2.12 9.29
CA MET A 111 19.57 2.08 9.13
C MET A 111 18.93 1.05 10.08
N VAL A 112 19.72 0.05 10.46
CA VAL A 112 19.22 -1.07 11.26
C VAL A 112 18.54 -0.61 12.55
N GLU A 113 19.10 0.44 13.14
CA GLU A 113 18.54 1.07 14.33
C GLU A 113 17.08 1.45 14.13
N TYR A 114 16.78 1.96 12.94
CA TYR A 114 15.48 2.53 12.66
C TYR A 114 14.49 1.62 11.95
N LEU A 115 14.74 0.32 11.92
CA LEU A 115 13.77 -0.62 11.35
C LEU A 115 12.41 -0.63 12.07
N PRO A 116 12.39 -0.59 13.41
CA PRO A 116 11.08 -0.59 14.07
C PRO A 116 10.18 0.56 13.61
N LYS A 117 10.79 1.59 13.01
CA LYS A 117 10.03 2.77 12.57
C LYS A 117 9.44 2.65 11.16
N TRP A 118 9.77 1.56 10.47
CA TRP A 118 9.29 1.36 9.11
C TRP A 118 7.84 0.95 9.07
N TYR A 119 7.15 1.43 8.06
CA TYR A 119 5.77 1.08 7.82
C TYR A 119 5.58 -0.44 7.78
N ASN A 120 4.69 -0.95 8.62
CA ASN A 120 4.36 -2.36 8.61
C ASN A 120 5.57 -3.29 8.79
N ILE A 121 6.55 -2.84 9.58
CA ILE A 121 7.79 -3.55 9.71
C ILE A 121 7.59 -5.02 10.05
N GLU A 122 6.58 -5.32 10.86
CA GLU A 122 6.42 -6.69 11.35
C GLU A 122 5.91 -7.64 10.26
N ALA A 123 5.00 -7.16 9.43
CA ALA A 123 4.60 -7.95 8.28
C ALA A 123 5.70 -8.02 7.21
N LEU A 124 6.45 -6.93 7.11
CA LEU A 124 7.57 -6.87 6.19
C LEU A 124 8.62 -7.92 6.51
N LEU A 125 8.85 -8.17 7.81
CA LEU A 125 9.80 -9.19 8.24
C LEU A 125 9.48 -10.61 7.71
N ASP A 126 8.20 -10.87 7.45
CA ASP A 126 7.81 -12.18 6.95
C ASP A 126 8.00 -12.26 5.45
N LEU A 127 8.18 -11.10 4.81
CA LEU A 127 8.34 -11.06 3.36
C LEU A 127 9.81 -11.13 2.91
N VAL A 128 10.72 -10.61 3.74
CA VAL A 128 12.11 -10.52 3.33
C VAL A 128 13.06 -10.91 4.44
N THR A 129 14.30 -11.21 4.05
CA THR A 129 15.39 -11.33 5.00
C THR A 129 16.21 -10.07 4.89
N PHE A 130 16.32 -9.31 5.97
CA PHE A 130 17.14 -8.11 5.95
C PHE A 130 18.62 -8.44 6.01
N VAL A 131 19.41 -7.70 5.23
CA VAL A 131 20.85 -7.86 5.26
C VAL A 131 21.44 -6.50 5.60
N GLY A 132 22.08 -6.41 6.76
CA GLY A 132 22.66 -5.15 7.16
C GLY A 132 24.15 -5.11 6.82
N VAL A 133 24.59 -3.99 6.27
CA VAL A 133 25.99 -3.81 5.95
C VAL A 133 26.74 -3.17 7.13
N ALA A 134 27.68 -3.91 7.69
CA ALA A 134 28.47 -3.42 8.80
C ALA A 134 29.93 -3.14 8.38
N ARG A 135 30.53 -2.18 9.04
CA ARG A 135 31.97 -2.00 8.93
C ARG A 135 32.64 -3.23 9.50
N PRO A 136 33.81 -3.57 8.95
CA PRO A 136 34.54 -4.75 9.40
C PRO A 136 34.82 -4.69 10.89
N GLY A 137 34.53 -5.78 11.59
CA GLY A 137 34.80 -5.87 13.01
C GLY A 137 33.68 -5.39 13.92
N TYR A 138 32.64 -4.80 13.37
CA TYR A 138 31.54 -4.32 14.19
C TYR A 138 30.29 -5.22 14.10
N LYS A 139 29.62 -5.43 15.24
CA LYS A 139 28.38 -6.21 15.32
C LYS A 139 27.19 -5.26 15.31
N LEU A 140 26.18 -5.58 14.51
CA LEU A 140 24.97 -4.77 14.45
C LEU A 140 24.03 -5.11 15.61
N ARG A 141 23.49 -4.08 16.26
CA ARG A 141 22.54 -4.26 17.34
C ARG A 141 21.11 -4.10 16.83
N THR A 142 20.29 -5.13 16.99
CA THR A 142 18.89 -5.05 16.60
C THR A 142 18.03 -6.15 17.21
N PRO A 143 16.75 -5.83 17.48
CA PRO A 143 15.78 -6.77 18.05
C PRO A 143 15.39 -7.82 17.04
N TYR A 144 15.46 -7.46 15.76
CA TYR A 144 15.02 -8.35 14.69
C TYR A 144 16.13 -9.26 14.19
N PRO A 145 15.75 -10.42 13.67
CA PRO A 145 16.70 -11.40 13.14
C PRO A 145 17.21 -10.98 11.77
N ILE A 146 18.36 -10.32 11.71
CA ILE A 146 18.91 -9.94 10.42
C ILE A 146 20.24 -10.59 10.13
N THR A 147 20.60 -10.65 8.86
CA THR A 147 21.91 -11.12 8.43
C THR A 147 22.91 -9.95 8.32
N THR A 148 24.15 -10.19 8.72
CA THR A 148 25.18 -9.15 8.66
C THR A 148 26.23 -9.51 7.62
N VAL A 149 26.59 -8.53 6.80
CA VAL A 149 27.72 -8.71 5.90
C VAL A 149 28.71 -7.57 6.17
N GLU A 150 29.97 -7.93 6.39
CA GLU A 150 30.99 -6.91 6.62
C GLU A 150 31.56 -6.39 5.32
N ILE A 151 31.54 -5.07 5.16
CA ILE A 151 32.02 -4.44 3.93
C ILE A 151 32.76 -3.17 4.31
N PRO A 152 33.93 -2.95 3.69
CA PRO A 152 34.70 -1.73 3.99
C PRO A 152 33.85 -0.52 3.64
N GLU A 153 33.85 0.49 4.48
CA GLU A 153 33.04 1.66 4.19
C GLU A 153 33.51 2.37 2.93
N PHE A 154 32.57 2.64 2.04
CA PHE A 154 32.82 3.50 0.89
C PHE A 154 31.77 4.62 0.93
N ALA A 155 32.10 5.73 1.55
CA ALA A 155 31.11 6.76 1.84
C ALA A 155 30.73 7.63 0.64
N VAL A 156 30.55 7.02 -0.52
CA VAL A 156 30.13 7.75 -1.70
C VAL A 156 28.60 7.67 -1.79
N SER A 157 27.97 8.73 -2.28
CA SER A 157 26.51 8.73 -2.46
C SER A 157 26.12 9.52 -3.68
N SER A 158 24.92 9.26 -4.21
CA SER A 158 24.44 10.00 -5.41
C SER A 158 24.49 11.50 -5.19
N SER A 159 23.98 11.95 -4.05
CA SER A 159 23.90 13.38 -3.81
C SER A 159 25.28 14.01 -3.74
N LEU A 160 26.24 13.32 -3.17
CA LEU A 160 27.61 13.83 -3.14
C LEU A 160 28.16 14.02 -4.54
N LEU A 161 27.90 13.03 -5.40
CA LEU A 161 28.33 13.09 -6.78
C LEU A 161 27.65 14.23 -7.54
N ARG A 162 26.35 14.43 -7.30
CA ARG A 162 25.61 15.52 -7.97
C ARG A 162 26.23 16.86 -7.63
N GLU A 163 26.54 17.05 -6.36
CA GLU A 163 27.22 18.24 -5.90
C GLU A 163 28.59 18.38 -6.56
N ARG A 164 29.37 17.31 -6.54
CA ARG A 164 30.65 17.32 -7.21
C ARG A 164 30.59 17.78 -8.68
N TYR A 165 29.64 17.22 -9.45
CA TYR A 165 29.48 17.52 -10.88
C TYR A 165 29.08 18.98 -11.10
N LYS A 166 28.24 19.49 -10.21
CA LYS A 166 27.80 20.88 -10.31
C LYS A 166 28.98 21.82 -10.09
N GLU A 167 29.88 21.43 -9.18
CA GLU A 167 31.06 22.23 -8.91
C GLU A 167 32.23 21.89 -9.82
N LYS A 168 31.96 21.11 -10.86
CA LYS A 168 32.98 20.74 -11.82
C LYS A 168 34.22 20.17 -11.12
N LYS A 169 33.94 19.28 -10.17
CA LYS A 169 34.97 18.65 -9.34
C LYS A 169 35.14 17.18 -9.77
N THR A 170 36.35 16.65 -9.59
CA THR A 170 36.70 15.29 -10.03
C THR A 170 35.81 14.22 -9.40
N CYS A 171 35.46 13.21 -10.19
CA CYS A 171 34.67 12.10 -9.67
C CYS A 171 35.33 10.78 -9.97
N LYS A 172 36.59 10.85 -10.33
CA LYS A 172 37.36 9.67 -10.69
C LYS A 172 37.37 8.65 -9.55
N TYR A 173 37.09 7.40 -9.89
CA TYR A 173 37.12 6.29 -8.92
C TYR A 173 35.86 6.20 -8.11
N LEU A 174 34.94 7.15 -8.26
CA LEU A 174 33.72 7.11 -7.46
C LEU A 174 32.53 6.42 -8.15
N LEU A 175 32.48 6.52 -9.48
CA LEU A 175 31.45 5.84 -10.24
C LEU A 175 32.07 5.36 -11.56
N PRO A 176 31.44 4.37 -12.21
CA PRO A 176 31.99 3.79 -13.45
C PRO A 176 32.19 4.81 -14.58
N GLU A 177 33.27 4.63 -15.33
CA GLU A 177 33.59 5.53 -16.43
C GLU A 177 32.41 5.68 -17.40
N LYS A 178 31.74 4.56 -17.67
CA LYS A 178 30.66 4.58 -18.64
C LYS A 178 29.56 5.51 -18.17
N VAL A 179 29.34 5.51 -16.86
CA VAL A 179 28.35 6.38 -16.28
C VAL A 179 28.82 7.84 -16.28
N GLN A 180 30.11 8.07 -16.06
CA GLN A 180 30.66 9.43 -16.10
C GLN A 180 30.47 10.02 -17.49
N VAL A 181 30.86 9.24 -18.49
CA VAL A 181 30.77 9.63 -19.90
C VAL A 181 29.32 9.95 -20.24
N TYR A 182 28.41 9.10 -19.78
CA TYR A 182 27.00 9.33 -20.01
C TYR A 182 26.60 10.67 -19.44
N ILE A 183 27.04 10.92 -18.21
CA ILE A 183 26.73 12.17 -17.52
C ILE A 183 27.26 13.40 -18.26
N GLU A 184 28.52 13.35 -18.69
CA GLU A 184 29.13 14.47 -19.37
C GLU A 184 28.46 14.72 -20.74
N ARG A 185 27.94 13.65 -21.37
CA ARG A 185 27.31 13.69 -22.71
C ARG A 185 25.86 14.11 -22.72
N ASN A 186 25.16 13.85 -21.63
CA ASN A 186 23.79 14.33 -21.53
C ASN A 186 23.73 15.60 -20.66
N GLY A 187 24.91 16.10 -20.27
CA GLY A 187 25.04 17.28 -19.45
C GLY A 187 24.19 17.23 -18.20
N LEU A 188 24.19 16.08 -17.54
CA LEU A 188 23.45 15.93 -16.30
C LEU A 188 24.16 16.68 -15.17
N TYR A 189 23.38 17.11 -14.18
CA TYR A 189 23.90 17.72 -12.97
C TYR A 189 24.69 19.00 -13.13
N GLU A 190 24.39 19.85 -14.09
CA GLU A 190 24.95 21.19 -14.00
C GLU A 190 23.87 22.26 -13.79
N MET B 3 -50.12 -39.95 -13.98
CA MET B 3 -48.81 -40.34 -13.48
C MET B 3 -47.66 -40.00 -14.43
N ARG B 4 -47.92 -40.08 -15.74
CA ARG B 4 -46.97 -39.62 -16.75
C ARG B 4 -46.66 -38.13 -16.52
N LYS B 5 -45.38 -37.80 -16.42
CA LYS B 5 -44.98 -36.43 -16.15
C LYS B 5 -44.60 -35.71 -17.43
N ILE B 6 -45.42 -34.75 -17.83
CA ILE B 6 -45.19 -33.97 -19.04
C ILE B 6 -45.06 -32.49 -18.70
N GLY B 7 -43.98 -31.86 -19.19
CA GLY B 7 -43.77 -30.43 -19.05
C GLY B 7 -44.51 -29.66 -20.13
N ILE B 8 -44.97 -28.47 -19.80
CA ILE B 8 -45.62 -27.62 -20.78
C ILE B 8 -44.86 -26.31 -20.86
N ILE B 9 -44.49 -25.89 -22.06
CA ILE B 9 -43.88 -24.58 -22.22
C ILE B 9 -44.55 -23.76 -23.33
N GLY B 10 -45.22 -22.68 -22.89
CA GLY B 10 -45.96 -21.81 -23.77
C GLY B 10 -45.10 -20.69 -24.33
N GLY B 11 -45.56 -20.08 -25.41
CA GLY B 11 -44.83 -19.00 -26.04
C GLY B 11 -45.35 -18.75 -27.43
N THR B 12 -44.98 -17.59 -28.00
CA THR B 12 -45.32 -17.30 -29.39
C THR B 12 -44.43 -18.13 -30.35
N PHE B 13 -43.22 -18.43 -29.89
CA PHE B 13 -42.25 -19.16 -30.70
C PHE B 13 -42.12 -18.48 -32.05
N ASP B 14 -41.94 -17.16 -32.00
CA ASP B 14 -41.99 -16.30 -33.17
C ASP B 14 -40.78 -15.36 -33.20
N PRO B 15 -39.58 -15.93 -33.32
CA PRO B 15 -39.26 -17.34 -33.55
C PRO B 15 -38.94 -18.14 -32.28
N PRO B 16 -38.87 -19.48 -32.40
CA PRO B 16 -38.41 -20.26 -31.26
C PRO B 16 -36.90 -20.05 -31.13
N HIS B 17 -36.33 -20.22 -29.93
CA HIS B 17 -34.93 -19.94 -29.74
C HIS B 17 -34.30 -20.81 -28.66
N TYR B 18 -33.01 -20.59 -28.43
CA TYR B 18 -32.28 -21.43 -27.50
C TYR B 18 -32.74 -21.25 -26.06
N GLY B 19 -33.36 -20.12 -25.76
CA GLY B 19 -33.92 -19.90 -24.44
C GLY B 19 -34.97 -20.95 -24.15
N HIS B 20 -35.81 -21.21 -25.12
CA HIS B 20 -36.84 -22.23 -24.99
C HIS B 20 -36.22 -23.59 -24.77
N LEU B 21 -35.26 -23.93 -25.63
CA LEU B 21 -34.64 -25.25 -25.58
C LEU B 21 -33.95 -25.47 -24.25
N LEU B 22 -33.24 -24.45 -23.80
CA LEU B 22 -32.51 -24.52 -22.53
C LEU B 22 -33.47 -24.85 -21.39
N ILE B 23 -34.55 -24.08 -21.28
CA ILE B 23 -35.51 -24.27 -20.20
C ILE B 23 -36.12 -25.65 -20.26
N ALA B 24 -36.63 -26.01 -21.43
CA ALA B 24 -37.22 -27.33 -21.65
C ALA B 24 -36.25 -28.42 -21.21
N ASN B 25 -34.97 -28.29 -21.59
CA ASN B 25 -33.98 -29.33 -21.25
C ASN B 25 -33.74 -29.42 -19.75
N GLU B 26 -33.54 -28.27 -19.13
CA GLU B 26 -33.27 -28.20 -17.71
C GLU B 26 -34.37 -28.83 -16.88
N VAL B 27 -35.61 -28.46 -17.20
CA VAL B 27 -36.76 -28.94 -16.44
C VAL B 27 -36.99 -30.43 -16.70
N TYR B 28 -36.82 -30.85 -17.95
CA TYR B 28 -36.88 -32.24 -18.34
C TYR B 28 -35.98 -33.09 -17.44
N HIS B 29 -34.73 -32.65 -17.29
CA HIS B 29 -33.78 -33.39 -16.47
C HIS B 29 -34.02 -33.22 -14.97
N ALA B 30 -34.27 -31.98 -14.56
CA ALA B 30 -34.43 -31.70 -13.13
C ALA B 30 -35.57 -32.52 -12.52
N LEU B 31 -36.69 -32.60 -13.21
CA LEU B 31 -37.91 -33.18 -12.66
C LEU B 31 -38.14 -34.55 -13.26
N ASN B 32 -37.21 -34.98 -14.09
CA ASN B 32 -37.30 -36.32 -14.63
C ASN B 32 -38.63 -36.53 -15.35
N LEU B 33 -38.92 -35.61 -16.28
CA LEU B 33 -40.13 -35.70 -17.07
C LEU B 33 -39.99 -36.76 -18.16
N GLU B 34 -41.12 -37.17 -18.71
CA GLU B 34 -41.14 -38.07 -19.84
C GLU B 34 -41.02 -37.26 -21.12
N GLU B 35 -41.67 -36.09 -21.16
CA GLU B 35 -41.67 -35.23 -22.33
C GLU B 35 -41.85 -33.78 -21.93
N VAL B 36 -41.49 -32.89 -22.85
CA VAL B 36 -41.84 -31.48 -22.77
C VAL B 36 -42.60 -31.07 -24.03
N TRP B 37 -43.79 -30.50 -23.85
CA TRP B 37 -44.60 -30.05 -24.99
C TRP B 37 -44.46 -28.55 -25.15
N PHE B 38 -44.13 -28.13 -26.36
CA PHE B 38 -44.13 -26.72 -26.69
C PHE B 38 -45.51 -26.32 -27.15
N LEU B 39 -46.05 -25.30 -26.51
CA LEU B 39 -47.45 -24.90 -26.71
C LEU B 39 -47.53 -23.49 -27.31
N PRO B 40 -47.58 -23.40 -28.63
CA PRO B 40 -47.68 -22.12 -29.34
C PRO B 40 -48.96 -21.35 -28.99
N ASN B 41 -48.86 -20.03 -28.79
CA ASN B 41 -50.01 -19.22 -28.42
C ASN B 41 -50.75 -18.62 -29.61
N GLN B 42 -52.07 -18.53 -29.49
CA GLN B 42 -52.82 -17.80 -30.48
C GLN B 42 -52.44 -16.33 -30.34
N ILE B 43 -51.77 -15.79 -31.34
CA ILE B 43 -51.40 -14.37 -31.33
C ILE B 43 -52.55 -13.56 -31.90
N PRO B 44 -53.08 -12.63 -31.10
CA PRO B 44 -54.28 -11.86 -31.50
C PRO B 44 -53.91 -10.93 -32.64
N PRO B 45 -54.90 -10.41 -33.38
CA PRO B 45 -54.58 -9.44 -34.44
C PRO B 45 -54.09 -8.12 -33.84
N HIS B 46 -53.01 -7.57 -34.39
CA HIS B 46 -52.49 -6.30 -33.92
C HIS B 46 -53.46 -5.15 -34.22
N LYS B 47 -53.45 -4.12 -33.39
CA LYS B 47 -54.35 -2.96 -33.58
C LYS B 47 -53.87 -1.99 -34.68
N GLN B 48 -52.61 -1.57 -34.59
CA GLN B 48 -51.96 -0.74 -35.60
C GLN B 48 -51.58 -1.57 -36.82
N GLY B 49 -52.22 -2.73 -36.96
CA GLY B 49 -51.97 -3.64 -38.06
C GLY B 49 -50.51 -3.98 -38.35
N ARG B 50 -49.73 -4.23 -37.31
CA ARG B 50 -48.34 -4.70 -37.45
C ARG B 50 -48.36 -6.11 -38.01
N ASN B 51 -47.50 -6.39 -38.98
CA ASN B 51 -47.52 -7.68 -39.66
C ASN B 51 -47.16 -8.85 -38.76
N ILE B 52 -47.84 -9.97 -38.97
CA ILE B 52 -47.74 -11.15 -38.12
C ILE B 52 -47.35 -12.42 -38.88
N THR B 53 -46.43 -13.18 -38.30
CA THR B 53 -45.97 -14.45 -38.87
C THR B 53 -47.12 -15.45 -38.95
N SER B 54 -47.17 -16.22 -40.02
CA SER B 54 -48.22 -17.22 -40.19
C SER B 54 -48.04 -18.33 -39.17
N VAL B 55 -49.13 -19.00 -38.82
CA VAL B 55 -49.07 -20.16 -37.96
C VAL B 55 -48.21 -21.20 -38.63
N GLU B 56 -48.36 -21.30 -39.95
CA GLU B 56 -47.63 -22.29 -40.73
C GLU B 56 -46.13 -22.13 -40.47
N SER B 57 -45.66 -20.91 -40.57
CA SER B 57 -44.25 -20.59 -40.39
C SER B 57 -43.76 -20.84 -38.98
N ARG B 58 -44.56 -20.49 -37.99
CA ARG B 58 -44.18 -20.69 -36.61
C ARG B 58 -44.05 -22.18 -36.31
N LEU B 59 -45.00 -22.95 -36.82
CA LEU B 59 -45.00 -24.36 -36.51
C LEU B 59 -43.78 -24.94 -37.20
N GLN B 60 -43.47 -24.42 -38.38
CA GLN B 60 -42.37 -24.94 -39.16
C GLN B 60 -41.01 -24.72 -38.48
N MET B 61 -40.85 -23.54 -37.89
CA MET B 61 -39.65 -23.19 -37.16
C MET B 61 -39.56 -24.01 -35.90
N LEU B 62 -40.70 -24.20 -35.25
CA LEU B 62 -40.78 -24.94 -34.00
C LEU B 62 -40.35 -26.37 -34.24
N GLU B 63 -40.80 -26.92 -35.35
CA GLU B 63 -40.40 -28.25 -35.78
C GLU B 63 -38.89 -28.36 -35.99
N LEU B 64 -38.32 -27.40 -36.71
CA LEU B 64 -36.87 -27.36 -36.93
C LEU B 64 -36.11 -27.22 -35.60
N ALA B 65 -36.66 -26.40 -34.69
CA ALA B 65 -36.02 -26.17 -33.40
C ALA B 65 -35.98 -27.45 -32.56
N THR B 66 -36.99 -28.30 -32.71
CA THR B 66 -37.15 -29.43 -31.81
C THR B 66 -36.93 -30.80 -32.47
N GLU B 67 -36.67 -30.82 -33.77
CA GLU B 67 -36.59 -32.09 -34.51
C GLU B 67 -35.60 -33.11 -33.94
N ALA B 68 -34.61 -32.64 -33.19
CA ALA B 68 -33.52 -33.49 -32.74
C ALA B 68 -33.72 -34.23 -31.40
N GLU B 69 -34.83 -33.98 -30.72
CA GLU B 69 -35.06 -34.67 -29.44
C GLU B 69 -36.45 -35.26 -29.33
N GLU B 70 -36.53 -36.59 -29.33
CA GLU B 70 -37.82 -37.27 -29.32
C GLU B 70 -38.72 -36.84 -28.18
N HIS B 71 -38.10 -36.37 -27.09
CA HIS B 71 -38.84 -36.01 -25.90
C HIS B 71 -39.51 -34.63 -25.96
N PHE B 72 -39.14 -33.80 -26.94
CA PHE B 72 -39.76 -32.50 -27.14
C PHE B 72 -40.86 -32.66 -28.17
N SER B 73 -42.06 -32.16 -27.91
CA SER B 73 -43.14 -32.29 -28.88
C SER B 73 -43.89 -31.00 -28.99
N ILE B 74 -44.64 -30.84 -30.09
CA ILE B 74 -45.44 -29.63 -30.32
C ILE B 74 -46.88 -29.93 -30.00
N CYS B 75 -47.50 -29.06 -29.22
CA CYS B 75 -48.90 -29.22 -28.82
C CYS B 75 -49.78 -28.10 -29.37
N LEU B 76 -50.78 -28.47 -30.15
CA LEU B 76 -51.54 -27.48 -30.91
C LEU B 76 -52.82 -27.01 -30.24
N GLU B 77 -53.05 -27.45 -29.01
CA GLU B 77 -54.30 -27.18 -28.34
C GLU B 77 -54.71 -25.72 -28.42
N GLU B 78 -53.78 -24.84 -28.08
CA GLU B 78 -54.15 -23.44 -27.95
C GLU B 78 -54.37 -22.82 -29.31
N LEU B 79 -53.57 -23.24 -30.29
CA LEU B 79 -53.72 -22.77 -31.66
C LEU B 79 -55.06 -23.17 -32.22
N SER B 80 -55.52 -24.36 -31.88
CA SER B 80 -56.74 -24.90 -32.47
C SER B 80 -58.00 -24.20 -31.95
N ARG B 81 -58.02 -23.83 -30.68
CA ARG B 81 -59.11 -22.98 -30.21
C ARG B 81 -58.91 -21.63 -30.88
N LYS B 82 -59.71 -21.36 -31.90
CA LYS B 82 -59.70 -20.07 -32.54
C LYS B 82 -60.02 -19.07 -31.45
N GLY B 83 -59.27 -17.98 -31.35
CA GLY B 83 -59.59 -16.98 -30.36
C GLY B 83 -58.88 -17.25 -29.06
N PRO B 84 -58.83 -16.24 -28.17
CA PRO B 84 -57.99 -16.22 -26.96
C PRO B 84 -58.31 -17.32 -25.93
N SER B 85 -57.26 -17.85 -25.30
CA SER B 85 -57.36 -18.80 -24.19
C SER B 85 -56.91 -18.19 -22.85
N TYR B 86 -57.67 -18.45 -21.80
CA TYR B 86 -57.06 -18.47 -20.49
C TYR B 86 -56.28 -19.77 -20.39
N THR B 87 -55.22 -19.74 -19.63
CA THR B 87 -54.43 -20.93 -19.40
C THR B 87 -55.35 -22.04 -18.85
N TYR B 88 -56.26 -21.65 -17.99
CA TYR B 88 -57.23 -22.57 -17.43
C TYR B 88 -58.02 -23.33 -18.52
N ASP B 89 -58.50 -22.62 -19.53
CA ASP B 89 -59.25 -23.28 -20.59
C ASP B 89 -58.38 -24.35 -21.25
N THR B 90 -57.14 -23.97 -21.57
CA THR B 90 -56.24 -24.85 -22.26
C THR B 90 -55.93 -26.09 -21.40
N MET B 91 -55.60 -25.86 -20.14
CA MET B 91 -55.24 -26.98 -19.26
C MET B 91 -56.43 -27.87 -18.97
N LEU B 92 -57.62 -27.29 -18.95
CA LEU B 92 -58.84 -28.06 -18.76
C LEU B 92 -59.03 -29.06 -19.93
N GLN B 93 -58.84 -28.56 -21.16
CA GLN B 93 -58.92 -29.41 -22.33
C GLN B 93 -57.84 -30.49 -22.33
N LEU B 94 -56.61 -30.12 -21.98
CA LEU B 94 -55.52 -31.08 -21.97
C LEU B 94 -55.68 -32.16 -20.89
N THR B 95 -56.21 -31.79 -19.73
CA THR B 95 -56.42 -32.77 -18.69
C THR B 95 -57.59 -33.71 -19.08
N LYS B 96 -58.51 -33.21 -19.92
CA LYS B 96 -59.57 -34.08 -20.44
C LYS B 96 -58.99 -35.11 -21.38
N LYS B 97 -58.11 -34.66 -22.27
CA LYS B 97 -57.62 -35.50 -23.35
C LYS B 97 -56.56 -36.45 -22.87
N TYR B 98 -55.86 -36.05 -21.82
CA TYR B 98 -54.81 -36.89 -21.29
C TYR B 98 -54.97 -37.07 -19.77
N PRO B 99 -55.97 -37.84 -19.38
CA PRO B 99 -56.36 -38.03 -17.97
C PRO B 99 -55.24 -38.61 -17.12
N ASP B 100 -54.34 -39.38 -17.69
CA ASP B 100 -53.29 -39.97 -16.86
C ASP B 100 -51.95 -39.26 -17.06
N VAL B 101 -52.02 -37.96 -17.34
CA VAL B 101 -50.83 -37.11 -17.39
C VAL B 101 -50.82 -36.11 -16.22
N GLN B 102 -49.69 -36.04 -15.53
CA GLN B 102 -49.48 -34.96 -14.58
C GLN B 102 -48.74 -33.82 -15.30
N PHE B 103 -49.45 -32.74 -15.58
CA PHE B 103 -48.87 -31.63 -16.33
C PHE B 103 -48.05 -30.68 -15.45
N HIS B 104 -46.84 -30.38 -15.92
CA HIS B 104 -45.96 -29.44 -15.23
C HIS B 104 -45.88 -28.16 -16.06
N PHE B 105 -46.62 -27.15 -15.61
CA PHE B 105 -46.68 -25.90 -16.35
C PHE B 105 -45.50 -24.98 -16.02
N ILE B 106 -44.63 -24.74 -16.99
CA ILE B 106 -43.38 -24.04 -16.72
C ILE B 106 -43.54 -22.53 -16.89
N ILE B 107 -43.14 -21.78 -15.86
CA ILE B 107 -43.19 -20.32 -15.95
C ILE B 107 -41.93 -19.67 -15.43
N GLY B 108 -41.65 -18.46 -15.93
CA GLY B 108 -40.57 -17.65 -15.41
C GLY B 108 -40.73 -17.34 -13.94
N GLY B 109 -39.63 -17.24 -13.22
CA GLY B 109 -39.67 -16.85 -11.82
C GLY B 109 -40.34 -15.49 -11.65
N ASP B 110 -40.12 -14.60 -12.60
CA ASP B 110 -40.67 -13.25 -12.50
C ASP B 110 -42.18 -13.29 -12.53
N MET B 111 -42.73 -14.38 -13.06
CA MET B 111 -44.17 -14.49 -13.26
C MET B 111 -44.84 -15.01 -12.01
N VAL B 112 -44.07 -15.70 -11.18
CA VAL B 112 -44.61 -16.38 -10.01
C VAL B 112 -45.40 -15.46 -9.06
N GLU B 113 -44.95 -14.23 -8.84
CA GLU B 113 -45.65 -13.36 -7.89
C GLU B 113 -47.10 -13.09 -8.27
N TYR B 114 -47.39 -13.16 -9.56
CA TYR B 114 -48.65 -12.65 -10.06
C TYR B 114 -49.63 -13.76 -10.36
N LEU B 115 -49.21 -14.99 -10.08
CA LEU B 115 -50.13 -16.11 -10.25
C LEU B 115 -51.51 -15.84 -9.65
N PRO B 116 -51.56 -15.17 -8.50
CA PRO B 116 -52.89 -14.89 -7.95
C PRO B 116 -53.77 -14.08 -8.91
N LYS B 117 -53.16 -13.37 -9.87
CA LYS B 117 -53.93 -12.55 -10.80
C LYS B 117 -54.47 -13.32 -12.01
N TRP B 118 -54.03 -14.58 -12.16
CA TRP B 118 -54.44 -15.39 -13.30
C TRP B 118 -55.90 -15.83 -13.22
N TYR B 119 -56.55 -15.85 -14.37
CA TYR B 119 -57.93 -16.29 -14.44
C TYR B 119 -58.11 -17.68 -13.83
N ASN B 120 -59.02 -17.77 -12.88
CA ASN B 120 -59.37 -19.04 -12.26
C ASN B 120 -58.18 -19.77 -11.62
N ILE B 121 -57.25 -19.00 -11.07
CA ILE B 121 -56.00 -19.58 -10.58
C ILE B 121 -56.20 -20.77 -9.62
N GLU B 122 -57.20 -20.72 -8.74
CA GLU B 122 -57.39 -21.80 -7.73
C GLU B 122 -57.77 -23.13 -8.36
N ALA B 123 -58.70 -23.08 -9.29
CA ALA B 123 -59.07 -24.27 -10.07
C ALA B 123 -57.94 -24.76 -10.98
N LEU B 124 -57.17 -23.82 -11.54
CA LEU B 124 -56.01 -24.14 -12.36
C LEU B 124 -54.97 -24.90 -11.53
N LEU B 125 -54.81 -24.55 -10.26
CA LEU B 125 -53.84 -25.22 -9.39
C LEU B 125 -54.14 -26.72 -9.19
N ASP B 126 -55.39 -27.11 -9.36
CA ASP B 126 -55.77 -28.51 -9.27
C ASP B 126 -55.54 -29.26 -10.57
N LEU B 127 -55.33 -28.52 -11.66
CA LEU B 127 -55.09 -29.11 -12.96
C LEU B 127 -53.59 -29.30 -13.27
N VAL B 128 -52.72 -28.46 -12.73
CA VAL B 128 -51.32 -28.53 -13.11
C VAL B 128 -50.46 -28.37 -11.88
N THR B 129 -49.18 -28.77 -12.04
CA THR B 129 -48.13 -28.43 -11.11
C THR B 129 -47.30 -27.35 -11.77
N PHE B 130 -47.23 -26.19 -11.15
CA PHE B 130 -46.42 -25.10 -11.69
C PHE B 130 -44.94 -25.33 -11.42
N VAL B 131 -44.12 -24.95 -12.40
CA VAL B 131 -42.69 -25.06 -12.26
C VAL B 131 -42.16 -23.68 -12.53
N GLY B 132 -41.59 -23.04 -11.51
CA GLY B 132 -40.99 -21.74 -11.68
C GLY B 132 -39.50 -21.82 -11.95
N VAL B 133 -39.02 -21.01 -12.90
CA VAL B 133 -37.62 -20.99 -13.26
C VAL B 133 -36.93 -19.92 -12.47
N ALA B 134 -36.02 -20.32 -11.60
CA ALA B 134 -35.26 -19.36 -10.79
C ALA B 134 -33.83 -19.25 -11.28
N ARG B 135 -33.23 -18.07 -11.08
CA ARG B 135 -31.78 -17.94 -11.21
C ARG B 135 -31.12 -18.78 -10.14
N PRO B 136 -29.93 -19.31 -10.45
CA PRO B 136 -29.21 -20.16 -9.47
C PRO B 136 -28.99 -19.42 -8.15
N GLY B 137 -29.33 -20.08 -7.05
CA GLY B 137 -29.12 -19.52 -5.74
C GLY B 137 -30.27 -18.68 -5.18
N TYR B 138 -31.30 -18.41 -5.98
CA TYR B 138 -32.45 -17.60 -5.55
C TYR B 138 -33.71 -18.43 -5.31
N LYS B 139 -34.33 -18.26 -4.14
CA LYS B 139 -35.58 -18.92 -3.76
C LYS B 139 -36.79 -18.12 -4.22
N LEU B 140 -37.78 -18.79 -4.81
CA LEU B 140 -39.00 -18.13 -5.27
C LEU B 140 -40.00 -17.93 -4.15
N ARG B 141 -40.54 -16.72 -4.04
CA ARG B 141 -41.53 -16.42 -3.01
C ARG B 141 -42.93 -16.52 -3.60
N THR B 142 -43.75 -17.39 -3.00
CA THR B 142 -45.13 -17.55 -3.46
C THR B 142 -46.02 -18.30 -2.47
N PRO B 143 -47.31 -17.90 -2.39
CA PRO B 143 -48.29 -18.50 -1.49
C PRO B 143 -48.63 -19.91 -1.93
N TYR B 144 -48.50 -20.17 -3.23
CA TYR B 144 -48.91 -21.44 -3.80
C TYR B 144 -47.77 -22.45 -3.77
N PRO B 145 -48.12 -23.74 -3.79
CA PRO B 145 -47.14 -24.83 -3.78
C PRO B 145 -46.54 -25.08 -5.15
N ILE B 146 -45.41 -24.47 -5.46
CA ILE B 146 -44.82 -24.69 -6.77
C ILE B 146 -43.46 -25.35 -6.68
N THR B 147 -43.05 -25.97 -7.79
CA THR B 147 -41.72 -26.54 -7.92
C THR B 147 -40.73 -25.52 -8.53
N THR B 148 -39.51 -25.50 -8.01
CA THR B 148 -38.50 -24.58 -8.49
C THR B 148 -37.39 -25.32 -9.21
N VAL B 149 -37.00 -24.82 -10.39
CA VAL B 149 -35.85 -25.36 -11.08
C VAL B 149 -34.87 -24.22 -11.32
N GLU B 150 -33.62 -24.39 -10.91
CA GLU B 150 -32.61 -23.37 -11.09
C GLU B 150 -31.96 -23.48 -12.46
N ILE B 151 -32.01 -22.39 -13.20
CA ILE B 151 -31.48 -22.34 -14.56
C ILE B 151 -30.76 -21.03 -14.79
N PRO B 152 -29.56 -21.09 -15.38
CA PRO B 152 -28.81 -19.86 -15.65
C PRO B 152 -29.64 -18.96 -16.56
N GLU B 153 -29.64 -17.67 -16.28
CA GLU B 153 -30.46 -16.78 -17.07
C GLU B 153 -29.93 -16.68 -18.50
N PHE B 154 -30.82 -16.89 -19.46
CA PHE B 154 -30.51 -16.62 -20.84
C PHE B 154 -31.56 -15.64 -21.37
N ALA B 155 -31.26 -14.34 -21.32
CA ALA B 155 -32.26 -13.29 -21.56
C ALA B 155 -32.61 -13.08 -23.02
N VAL B 156 -32.75 -14.17 -23.78
CA VAL B 156 -33.14 -14.06 -25.17
C VAL B 156 -34.69 -14.20 -25.28
N SER B 157 -35.29 -13.48 -26.21
CA SER B 157 -36.75 -13.58 -26.44
C SER B 157 -37.07 -13.49 -27.91
N SER B 158 -38.25 -14.00 -28.29
CA SER B 158 -38.69 -13.88 -29.70
C SER B 158 -38.65 -12.42 -30.17
N SER B 159 -39.17 -11.50 -29.36
CA SER B 159 -39.30 -10.12 -29.82
C SER B 159 -37.92 -9.51 -30.01
N LEU B 160 -36.98 -9.83 -29.12
CA LEU B 160 -35.61 -9.33 -29.29
C LEU B 160 -35.02 -9.80 -30.63
N LEU B 161 -35.25 -11.07 -30.95
CA LEU B 161 -34.78 -11.62 -32.21
C LEU B 161 -35.44 -10.95 -33.41
N ARG B 162 -36.74 -10.70 -33.34
CA ARG B 162 -37.42 -10.08 -34.46
C ARG B 162 -36.74 -8.74 -34.75
N GLU B 163 -36.29 -8.07 -33.71
CA GLU B 163 -35.68 -6.77 -33.86
C GLU B 163 -34.27 -6.82 -34.48
N ARG B 164 -33.43 -7.76 -34.01
CA ARG B 164 -32.13 -7.93 -34.63
C ARG B 164 -32.24 -8.33 -36.10
N TYR B 165 -33.22 -9.15 -36.42
CA TYR B 165 -33.42 -9.49 -37.81
C TYR B 165 -33.84 -8.28 -38.65
N LYS B 166 -34.72 -7.45 -38.10
CA LYS B 166 -35.17 -6.27 -38.83
C LYS B 166 -34.01 -5.30 -39.02
N GLU B 167 -33.14 -5.22 -38.02
CA GLU B 167 -31.96 -4.35 -38.08
C GLU B 167 -30.75 -5.03 -38.71
N LYS B 168 -30.97 -6.19 -39.33
CA LYS B 168 -29.90 -6.97 -39.96
C LYS B 168 -28.72 -7.26 -39.03
N LYS B 169 -29.02 -7.48 -37.76
CA LYS B 169 -28.02 -7.65 -36.71
C LYS B 169 -27.82 -9.14 -36.41
N THR B 170 -26.63 -9.50 -35.94
CA THR B 170 -26.26 -10.91 -35.72
C THR B 170 -27.17 -11.64 -34.73
N CYS B 171 -27.51 -12.89 -35.03
CA CYS B 171 -28.31 -13.68 -34.11
C CYS B 171 -27.63 -14.97 -33.76
N LYS B 172 -26.35 -15.04 -34.07
CA LYS B 172 -25.57 -16.23 -33.82
C LYS B 172 -25.57 -16.62 -32.35
N TYR B 173 -25.80 -17.91 -32.09
CA TYR B 173 -25.85 -18.45 -30.72
C TYR B 173 -27.17 -18.24 -29.97
N LEU B 174 -28.09 -17.45 -30.54
CA LEU B 174 -29.32 -17.13 -29.86
C LEU B 174 -30.44 -18.11 -30.21
N LEU B 175 -30.42 -18.62 -31.43
CA LEU B 175 -31.42 -19.58 -31.87
C LEU B 175 -30.75 -20.60 -32.79
N PRO B 176 -31.36 -21.78 -32.95
CA PRO B 176 -30.78 -22.84 -33.78
C PRO B 176 -30.55 -22.45 -35.25
N GLU B 177 -29.47 -22.99 -35.80
CA GLU B 177 -29.11 -22.77 -37.20
C GLU B 177 -30.21 -23.13 -38.19
N LYS B 178 -30.93 -24.21 -37.89
CA LYS B 178 -31.99 -24.66 -38.76
C LYS B 178 -33.08 -23.62 -38.82
N VAL B 179 -33.22 -22.86 -37.73
CA VAL B 179 -34.28 -21.86 -37.64
C VAL B 179 -33.83 -20.56 -38.30
N GLN B 180 -32.57 -20.18 -38.09
CA GLN B 180 -32.00 -19.00 -38.74
C GLN B 180 -32.12 -19.11 -40.26
N VAL B 181 -31.74 -20.27 -40.78
CA VAL B 181 -31.75 -20.54 -42.21
C VAL B 181 -33.17 -20.43 -42.72
N TYR B 182 -34.09 -21.06 -42.02
CA TYR B 182 -35.51 -20.92 -42.37
C TYR B 182 -35.95 -19.45 -42.44
N ILE B 183 -35.55 -18.68 -41.44
CA ILE B 183 -35.88 -17.26 -41.37
C ILE B 183 -35.32 -16.47 -42.54
N GLU B 184 -34.04 -16.68 -42.86
CA GLU B 184 -33.40 -15.95 -43.95
C GLU B 184 -33.94 -16.36 -45.31
N ARG B 185 -34.28 -17.63 -45.47
CA ARG B 185 -34.84 -18.15 -46.72
C ARG B 185 -36.13 -17.42 -47.11
N ASN B 186 -37.07 -17.43 -46.18
CA ASN B 186 -38.42 -16.91 -46.40
C ASN B 186 -38.51 -15.45 -46.06
N GLY B 187 -37.39 -14.90 -45.66
CA GLY B 187 -37.37 -13.48 -45.38
C GLY B 187 -38.35 -13.07 -44.31
N LEU B 188 -38.42 -13.84 -43.22
CA LEU B 188 -39.23 -13.43 -42.10
C LEU B 188 -38.57 -12.26 -41.42
N TYR B 189 -39.39 -11.44 -40.78
CA TYR B 189 -38.92 -10.33 -39.93
C TYR B 189 -38.15 -9.24 -40.66
N GLU B 190 -38.44 -9.03 -41.93
CA GLU B 190 -37.86 -7.90 -42.67
C GLU B 190 -38.95 -7.04 -43.30
N MET C 3 -57.49 17.12 -20.98
CA MET C 3 -56.72 18.36 -20.87
C MET C 3 -56.01 18.48 -19.53
N ARG C 4 -56.50 17.77 -18.51
CA ARG C 4 -55.77 17.67 -17.23
C ARG C 4 -54.95 16.36 -17.16
N LYS C 5 -53.64 16.49 -16.91
CA LYS C 5 -52.77 15.31 -16.76
C LYS C 5 -52.69 14.85 -15.31
N ILE C 6 -53.29 13.69 -15.04
CA ILE C 6 -53.33 13.13 -13.71
C ILE C 6 -52.73 11.71 -13.69
N GLY C 7 -51.79 11.51 -12.79
CA GLY C 7 -51.17 10.21 -12.59
C GLY C 7 -52.04 9.36 -11.68
N ILE C 8 -52.07 8.06 -11.94
CA ILE C 8 -52.76 7.12 -11.05
C ILE C 8 -51.77 6.10 -10.55
N ILE C 9 -51.77 5.87 -9.24
CA ILE C 9 -50.91 4.83 -8.68
C ILE C 9 -51.72 3.96 -7.72
N GLY C 10 -51.87 2.69 -8.10
CA GLY C 10 -52.67 1.76 -7.35
C GLY C 10 -51.82 0.93 -6.41
N GLY C 11 -52.47 0.29 -5.46
CA GLY C 11 -51.77 -0.51 -4.47
C GLY C 11 -52.65 -0.75 -3.27
N THR C 12 -52.24 -1.68 -2.42
CA THR C 12 -52.94 -1.94 -1.17
C THR C 12 -52.74 -0.79 -0.17
N PHE C 13 -51.56 -0.17 -0.25
CA PHE C 13 -51.18 0.84 0.72
C PHE C 13 -51.38 0.33 2.13
N ASP C 14 -50.84 -0.87 2.36
CA ASP C 14 -51.06 -1.59 3.60
C ASP C 14 -49.74 -2.10 4.18
N PRO C 15 -48.83 -1.18 4.57
CA PRO C 15 -49.00 0.28 4.62
C PRO C 15 -48.43 1.02 3.41
N PRO C 16 -48.80 2.29 3.26
CA PRO C 16 -48.14 3.13 2.23
C PRO C 16 -46.71 3.38 2.64
N HIS C 17 -45.81 3.58 1.68
CA HIS C 17 -44.40 3.71 2.02
C HIS C 17 -43.63 4.66 1.11
N TYR C 18 -42.34 4.79 1.34
CA TYR C 18 -41.55 5.74 0.57
C TYR C 18 -41.39 5.32 -0.89
N GLY C 19 -41.56 4.03 -1.17
CA GLY C 19 -41.55 3.58 -2.56
C GLY C 19 -42.64 4.27 -3.36
N HIS C 20 -43.84 4.32 -2.79
CA HIS C 20 -44.98 4.97 -3.41
C HIS C 20 -44.70 6.45 -3.65
N LEU C 21 -44.22 7.11 -2.61
CA LEU C 21 -44.01 8.55 -2.66
C LEU C 21 -42.94 8.85 -3.72
N LEU C 22 -41.88 8.07 -3.72
CA LEU C 22 -40.81 8.27 -4.69
C LEU C 22 -41.33 8.21 -6.13
N ILE C 23 -42.00 7.11 -6.47
CA ILE C 23 -42.56 6.95 -7.80
C ILE C 23 -43.51 8.11 -8.14
N ALA C 24 -44.47 8.38 -7.25
CA ALA C 24 -45.40 9.48 -7.47
C ALA C 24 -44.68 10.80 -7.77
N ASN C 25 -43.63 11.09 -7.00
CA ASN C 25 -42.88 12.33 -7.19
C ASN C 25 -42.13 12.36 -8.52
N GLU C 26 -41.46 11.27 -8.84
CA GLU C 26 -40.68 11.20 -10.07
C GLU C 26 -41.58 11.40 -11.31
N VAL C 27 -42.70 10.69 -11.33
CA VAL C 27 -43.56 10.73 -12.50
C VAL C 27 -44.24 12.07 -12.59
N TYR C 28 -44.65 12.59 -11.45
CA TYR C 28 -45.21 13.93 -11.37
C TYR C 28 -44.28 14.94 -12.06
N HIS C 29 -42.99 14.92 -11.73
CA HIS C 29 -42.05 15.86 -12.31
C HIS C 29 -41.69 15.51 -13.75
N ALA C 30 -41.44 14.24 -14.01
CA ALA C 30 -40.98 13.82 -15.33
C ALA C 30 -42.00 14.21 -16.38
N LEU C 31 -43.27 13.94 -16.09
CA LEU C 31 -44.31 14.10 -17.10
C LEU C 31 -45.07 15.38 -16.89
N ASN C 32 -44.62 16.14 -15.91
CA ASN C 32 -45.25 17.43 -15.68
C ASN C 32 -46.76 17.27 -15.45
N LEU C 33 -47.13 16.41 -14.51
CA LEU C 33 -48.53 16.18 -14.19
C LEU C 33 -49.07 17.30 -13.32
N GLU C 34 -50.39 17.43 -13.22
CA GLU C 34 -51.01 18.37 -12.29
C GLU C 34 -51.18 17.69 -10.92
N GLU C 35 -51.51 16.40 -10.94
CA GLU C 35 -51.70 15.65 -9.70
C GLU C 35 -51.35 14.20 -9.87
N VAL C 36 -51.10 13.55 -8.74
CA VAL C 36 -51.05 12.09 -8.70
C VAL C 36 -52.10 11.57 -7.71
N TRP C 37 -52.94 10.64 -8.14
CA TRP C 37 -53.95 10.06 -7.28
C TRP C 37 -53.52 8.68 -6.84
N PHE C 38 -53.48 8.48 -5.51
CA PHE C 38 -53.25 7.16 -4.95
C PHE C 38 -54.56 6.40 -4.92
N LEU C 39 -54.55 5.22 -5.52
CA LEU C 39 -55.78 4.45 -5.69
C LEU C 39 -55.73 3.14 -4.92
N PRO C 40 -56.20 3.16 -3.68
CA PRO C 40 -56.25 1.96 -2.83
C PRO C 40 -57.02 0.82 -3.49
N ASN C 41 -56.36 -0.33 -3.61
CA ASN C 41 -57.00 -1.50 -4.19
C ASN C 41 -57.89 -2.21 -3.21
N GLN C 42 -58.99 -2.76 -3.72
CA GLN C 42 -59.87 -3.58 -2.93
C GLN C 42 -59.13 -4.85 -2.48
N ILE C 43 -59.17 -5.17 -1.20
CA ILE C 43 -58.64 -6.46 -0.77
C ILE C 43 -59.76 -7.44 -0.35
N ILE C 52 -56.71 -8.87 8.35
CA ILE C 52 -56.68 -7.79 7.36
C ILE C 52 -56.94 -6.41 7.94
N THR C 53 -56.12 -5.45 7.52
CA THR C 53 -56.22 -4.06 7.94
C THR C 53 -57.53 -3.45 7.47
N SER C 54 -58.15 -2.65 8.33
CA SER C 54 -59.42 -2.00 7.97
C SER C 54 -59.19 -0.95 6.91
N VAL C 55 -60.22 -0.67 6.11
CA VAL C 55 -60.16 0.39 5.11
C VAL C 55 -59.88 1.76 5.76
N GLU C 56 -60.59 2.04 6.84
CA GLU C 56 -60.37 3.20 7.71
C GLU C 56 -58.87 3.42 8.07
N SER C 57 -58.20 2.37 8.53
CA SER C 57 -56.78 2.43 8.85
C SER C 57 -55.93 2.74 7.61
N ARG C 58 -56.26 2.11 6.50
CA ARG C 58 -55.46 2.32 5.30
C ARG C 58 -55.57 3.77 4.77
N LEU C 59 -56.79 4.35 4.75
CA LEU C 59 -57.03 5.77 4.42
C LEU C 59 -56.28 6.77 5.30
N GLN C 60 -56.28 6.51 6.61
CA GLN C 60 -55.60 7.37 7.56
C GLN C 60 -54.10 7.30 7.41
N MET C 61 -53.58 6.10 7.11
CA MET C 61 -52.15 6.01 6.85
C MET C 61 -51.81 6.73 5.56
N LEU C 62 -52.64 6.51 4.55
CA LEU C 62 -52.46 7.08 3.24
C LEU C 62 -52.54 8.58 3.33
N GLU C 63 -53.44 9.06 4.17
CA GLU C 63 -53.59 10.49 4.45
C GLU C 63 -52.32 11.08 5.11
N LEU C 64 -51.80 10.36 6.10
CA LEU C 64 -50.56 10.77 6.78
C LEU C 64 -49.36 10.76 5.83
N ALA C 65 -49.30 9.75 4.98
CA ALA C 65 -48.22 9.63 4.00
C ALA C 65 -48.24 10.77 3.00
N THR C 66 -49.41 11.27 2.66
CA THR C 66 -49.52 12.25 1.59
C THR C 66 -49.89 13.66 2.05
N GLU C 67 -50.16 13.87 3.34
CA GLU C 67 -50.69 15.15 3.79
C GLU C 67 -49.86 16.37 3.38
N ALA C 68 -48.58 16.16 3.07
CA ALA C 68 -47.66 17.26 2.86
C ALA C 68 -47.54 17.80 1.43
N GLU C 69 -48.24 17.21 0.47
CA GLU C 69 -48.15 17.69 -0.90
C GLU C 69 -49.49 17.83 -1.59
N GLU C 70 -49.92 19.06 -1.82
CA GLU C 70 -51.25 19.33 -2.35
C GLU C 70 -51.52 18.55 -3.62
N HIS C 71 -50.44 18.18 -4.30
CA HIS C 71 -50.49 17.50 -5.59
C HIS C 71 -50.63 15.96 -5.52
N PHE C 72 -50.70 15.40 -4.31
CA PHE C 72 -51.00 13.99 -4.13
C PHE C 72 -52.39 13.88 -3.54
N SER C 73 -53.25 13.03 -4.09
CA SER C 73 -54.61 12.94 -3.55
C SER C 73 -55.03 11.48 -3.43
N ILE C 74 -56.05 11.22 -2.65
CA ILE C 74 -56.53 9.85 -2.51
C ILE C 74 -57.79 9.63 -3.33
N CYS C 75 -57.80 8.56 -4.12
CA CYS C 75 -58.96 8.27 -4.95
C CYS C 75 -59.63 6.97 -4.51
N LEU C 76 -60.90 7.06 -4.14
CA LEU C 76 -61.61 5.94 -3.54
C LEU C 76 -62.41 5.07 -4.49
N GLU C 77 -62.29 5.33 -5.78
CA GLU C 77 -63.12 4.65 -6.76
C GLU C 77 -63.18 3.13 -6.54
N GLU C 78 -62.04 2.49 -6.42
CA GLU C 78 -61.98 1.04 -6.31
C GLU C 78 -62.68 0.54 -5.03
N LEU C 79 -62.87 1.43 -4.06
CA LEU C 79 -63.41 1.02 -2.76
C LEU C 79 -64.88 1.39 -2.54
N SER C 80 -65.44 2.27 -3.38
CA SER C 80 -66.78 2.78 -3.09
C SER C 80 -67.87 1.94 -3.74
N ARG C 81 -67.49 1.10 -4.69
CA ARG C 81 -68.39 0.06 -5.20
C ARG C 81 -67.98 -1.18 -4.43
N LYS C 82 -68.80 -2.20 -4.36
CA LYS C 82 -68.44 -3.35 -3.51
C LYS C 82 -67.76 -4.50 -4.27
N GLY C 83 -66.76 -5.08 -3.63
CA GLY C 83 -66.18 -6.32 -4.10
C GLY C 83 -64.96 -6.25 -5.02
N PRO C 84 -65.05 -6.91 -6.18
CA PRO C 84 -63.93 -7.23 -7.07
C PRO C 84 -63.70 -6.16 -8.13
N SER C 85 -62.46 -5.67 -8.27
CA SER C 85 -62.18 -4.63 -9.25
C SER C 85 -61.14 -5.01 -10.31
N TYR C 86 -61.47 -4.77 -11.56
CA TYR C 86 -60.53 -4.92 -12.67
C TYR C 86 -60.13 -3.52 -13.11
N THR C 87 -58.88 -3.36 -13.55
CA THR C 87 -58.39 -2.04 -13.91
C THR C 87 -59.28 -1.35 -14.94
N TYR C 88 -59.67 -2.10 -15.98
CA TYR C 88 -60.56 -1.55 -17.00
C TYR C 88 -61.83 -0.93 -16.41
N ASP C 89 -62.50 -1.67 -15.53
CA ASP C 89 -63.72 -1.19 -14.92
C ASP C 89 -63.46 0.14 -14.21
N THR C 90 -62.41 0.17 -13.40
CA THR C 90 -62.05 1.34 -12.61
C THR C 90 -61.79 2.55 -13.51
N MET C 91 -60.97 2.35 -14.53
CA MET C 91 -60.61 3.44 -15.42
C MET C 91 -61.80 3.90 -16.27
N LEU C 92 -62.68 2.96 -16.62
CA LEU C 92 -63.92 3.31 -17.30
C LEU C 92 -64.72 4.30 -16.44
N GLN C 93 -64.90 3.95 -15.17
CA GLN C 93 -65.61 4.83 -14.24
C GLN C 93 -64.96 6.20 -14.08
N LEU C 94 -63.63 6.20 -13.96
CA LEU C 94 -62.91 7.46 -13.79
C LEU C 94 -62.97 8.36 -15.03
N THR C 95 -62.85 7.78 -16.22
CA THR C 95 -62.93 8.58 -17.44
C THR C 95 -64.35 9.12 -17.58
N LYS C 96 -65.29 8.37 -17.03
CA LYS C 96 -66.68 8.80 -17.06
C LYS C 96 -66.87 9.98 -16.09
N LYS C 97 -66.31 9.88 -14.88
CA LYS C 97 -66.41 10.96 -13.92
C LYS C 97 -65.55 12.19 -14.22
N TYR C 98 -64.46 12.01 -14.95
CA TYR C 98 -63.54 13.12 -15.24
C TYR C 98 -63.16 13.14 -16.71
N PRO C 99 -64.10 13.56 -17.55
CA PRO C 99 -64.00 13.49 -19.01
C PRO C 99 -62.87 14.36 -19.54
N ASP C 100 -62.50 15.39 -18.80
CA ASP C 100 -61.43 16.27 -19.26
C ASP C 100 -60.05 15.94 -18.63
N VAL C 101 -59.90 14.71 -18.15
CA VAL C 101 -58.64 14.26 -17.58
C VAL C 101 -57.93 13.25 -18.48
N GLN C 102 -56.65 13.46 -18.75
CA GLN C 102 -55.83 12.43 -19.37
C GLN C 102 -55.15 11.64 -18.25
N PHE C 103 -55.60 10.41 -18.03
CA PHE C 103 -55.07 9.59 -16.96
C PHE C 103 -53.76 8.90 -17.35
N HIS C 104 -52.78 8.99 -16.46
CA HIS C 104 -51.51 8.32 -16.68
C HIS C 104 -51.40 7.20 -15.64
N PHE C 105 -51.61 5.97 -16.10
CA PHE C 105 -51.60 4.84 -15.22
C PHE C 105 -50.19 4.33 -15.02
N ILE C 106 -49.72 4.43 -13.79
CA ILE C 106 -48.32 4.10 -13.49
C ILE C 106 -48.15 2.64 -13.13
N ILE C 107 -47.22 1.96 -13.80
CA ILE C 107 -46.92 0.57 -13.46
C ILE C 107 -45.42 0.33 -13.37
N GLY C 108 -45.03 -0.72 -12.66
CA GLY C 108 -43.65 -1.13 -12.63
C GLY C 108 -43.20 -1.67 -13.99
N GLY C 109 -41.91 -1.48 -14.30
CA GLY C 109 -41.35 -2.00 -15.53
C GLY C 109 -41.49 -3.50 -15.66
N ASP C 110 -41.47 -4.20 -14.53
CA ASP C 110 -41.60 -5.66 -14.54
C ASP C 110 -42.98 -6.10 -14.97
N MET C 111 -43.93 -5.19 -14.88
CA MET C 111 -45.32 -5.48 -15.18
C MET C 111 -45.61 -5.29 -16.67
N VAL C 112 -44.82 -4.42 -17.30
CA VAL C 112 -45.03 -4.07 -18.71
C VAL C 112 -45.08 -5.32 -19.57
N GLU C 113 -44.35 -6.31 -19.08
CA GLU C 113 -44.18 -7.61 -19.71
C GLU C 113 -45.51 -8.36 -19.75
N TYR C 114 -46.35 -8.06 -18.77
CA TYR C 114 -47.60 -8.75 -18.60
C TYR C 114 -48.85 -8.01 -19.11
N LEU C 115 -48.72 -6.85 -19.77
CA LEU C 115 -49.90 -6.08 -20.17
C LEU C 115 -50.87 -6.79 -21.11
N PRO C 116 -50.35 -7.54 -22.09
CA PRO C 116 -51.27 -8.25 -22.99
C PRO C 116 -52.21 -9.23 -22.25
N LYS C 117 -51.85 -9.57 -21.01
CA LYS C 117 -52.64 -10.51 -20.22
C LYS C 117 -53.74 -9.88 -19.37
N TRP C 118 -53.78 -8.54 -19.34
CA TRP C 118 -54.79 -7.82 -18.56
C TRP C 118 -56.16 -7.87 -19.20
N TYR C 119 -57.18 -7.93 -18.35
CA TYR C 119 -58.55 -7.90 -18.81
C TYR C 119 -58.79 -6.68 -19.69
N ASN C 120 -59.30 -6.94 -20.90
CA ASN C 120 -59.72 -5.87 -21.79
C ASN C 120 -58.61 -4.86 -22.02
N ILE C 121 -57.39 -5.37 -22.15
CA ILE C 121 -56.21 -4.50 -22.30
C ILE C 121 -56.29 -3.54 -23.50
N GLU C 122 -56.85 -3.99 -24.61
CA GLU C 122 -56.95 -3.16 -25.80
C GLU C 122 -57.84 -1.94 -25.57
N ALA C 123 -59.04 -2.17 -25.03
CA ALA C 123 -59.99 -1.10 -24.71
C ALA C 123 -59.43 -0.20 -23.62
N LEU C 124 -58.67 -0.82 -22.72
CA LEU C 124 -58.02 -0.08 -21.64
C LEU C 124 -56.99 0.91 -22.17
N LEU C 125 -56.31 0.55 -23.24
CA LEU C 125 -55.32 1.43 -23.88
C LEU C 125 -55.91 2.73 -24.43
N ASP C 126 -57.20 2.73 -24.72
CA ASP C 126 -57.86 3.93 -25.19
C ASP C 126 -58.28 4.83 -24.06
N LEU C 127 -58.30 4.27 -22.86
CA LEU C 127 -58.74 4.99 -21.68
C LEU C 127 -57.59 5.71 -21.00
N VAL C 128 -56.40 5.12 -21.02
CA VAL C 128 -55.29 5.64 -20.25
C VAL C 128 -53.99 5.67 -21.03
N THR C 129 -53.05 6.46 -20.54
CA THR C 129 -51.68 6.38 -20.99
C THR C 129 -50.91 5.62 -19.91
N PHE C 130 -50.32 4.49 -20.28
CA PHE C 130 -49.49 3.74 -19.34
C PHE C 130 -48.13 4.42 -19.14
N VAL C 131 -47.69 4.48 -17.88
CA VAL C 131 -46.35 4.96 -17.59
C VAL C 131 -45.63 3.84 -16.90
N GLY C 132 -44.54 3.38 -17.52
CA GLY C 132 -43.77 2.31 -16.94
C GLY C 132 -42.54 2.87 -16.23
N VAL C 133 -42.26 2.32 -15.06
CA VAL C 133 -41.10 2.73 -14.29
C VAL C 133 -39.93 1.84 -14.61
N ALA C 134 -38.90 2.42 -15.19
CA ALA C 134 -37.70 1.65 -15.53
C ALA C 134 -36.53 2.02 -14.63
N ARG C 135 -35.66 1.05 -14.39
CA ARG C 135 -34.37 1.37 -13.78
C ARG C 135 -33.61 2.30 -14.72
N PRO C 136 -32.80 3.20 -14.16
CA PRO C 136 -32.00 4.14 -14.97
C PRO C 136 -31.12 3.43 -15.98
N GLY C 137 -31.17 3.89 -17.22
CA GLY C 137 -30.37 3.31 -18.28
C GLY C 137 -31.07 2.18 -19.01
N TYR C 138 -32.25 1.79 -18.56
CA TYR C 138 -32.97 0.68 -19.19
C TYR C 138 -34.08 1.13 -20.13
N LYS C 139 -34.26 0.38 -21.21
CA LYS C 139 -35.38 0.57 -22.12
C LYS C 139 -36.40 -0.55 -21.90
N LEU C 140 -37.67 -0.17 -21.80
CA LEU C 140 -38.73 -1.14 -21.63
C LEU C 140 -39.16 -1.72 -22.97
N ARG C 141 -39.32 -3.03 -23.02
CA ARG C 141 -39.77 -3.70 -24.25
C ARG C 141 -41.27 -3.99 -24.17
N THR C 142 -42.01 -3.49 -25.15
CA THR C 142 -43.45 -3.71 -25.19
C THR C 142 -44.07 -3.35 -26.54
N PRO C 143 -45.09 -4.11 -26.96
CA PRO C 143 -45.81 -3.90 -28.22
C PRO C 143 -46.65 -2.64 -28.15
N TYR C 144 -47.04 -2.26 -26.93
CA TYR C 144 -47.94 -1.12 -26.75
C TYR C 144 -47.17 0.19 -26.61
N PRO C 145 -47.81 1.31 -26.96
CA PRO C 145 -47.21 2.64 -26.85
C PRO C 145 -47.26 3.14 -25.43
N ILE C 146 -46.20 2.95 -24.66
CA ILE C 146 -46.21 3.47 -23.30
C ILE C 146 -45.11 4.48 -23.05
N THR C 147 -45.29 5.29 -22.00
CA THR C 147 -44.30 6.28 -21.59
C THR C 147 -43.37 5.69 -20.53
N THR C 148 -42.10 6.04 -20.59
CA THR C 148 -41.11 5.50 -19.66
C THR C 148 -40.57 6.60 -18.75
N VAL C 149 -40.55 6.33 -17.45
CA VAL C 149 -39.87 7.23 -16.53
C VAL C 149 -38.80 6.45 -15.77
N GLU C 150 -37.57 6.95 -15.81
CA GLU C 150 -36.46 6.29 -15.13
C GLU C 150 -36.40 6.71 -13.66
N ILE C 151 -36.41 5.71 -12.79
CA ILE C 151 -36.44 5.94 -11.34
C ILE C 151 -35.53 4.92 -10.68
N PRO C 152 -34.68 5.39 -9.76
CA PRO C 152 -33.82 4.45 -9.03
C PRO C 152 -34.69 3.40 -8.36
N GLU C 153 -34.28 2.14 -8.40
CA GLU C 153 -35.07 1.12 -7.76
C GLU C 153 -35.08 1.30 -6.25
N PHE C 154 -36.27 1.23 -5.69
CA PHE C 154 -36.44 1.19 -4.25
C PHE C 154 -37.35 0.00 -3.93
N ALA C 155 -36.74 -1.15 -3.70
CA ALA C 155 -37.45 -2.42 -3.59
C ALA C 155 -38.21 -2.61 -2.29
N VAL C 156 -38.85 -1.56 -1.80
CA VAL C 156 -39.65 -1.68 -0.59
C VAL C 156 -41.08 -1.98 -1.02
N SER C 157 -41.81 -2.72 -0.20
CA SER C 157 -43.20 -3.05 -0.50
C SER C 157 -44.02 -3.16 0.78
N SER C 158 -45.34 -3.04 0.66
CA SER C 158 -46.22 -3.18 1.82
C SER C 158 -46.01 -4.48 2.57
N SER C 159 -45.99 -5.60 1.85
CA SER C 159 -45.84 -6.92 2.49
C SER C 159 -44.51 -7.09 3.22
N LEU C 160 -43.42 -6.59 2.65
CA LEU C 160 -42.14 -6.62 3.33
C LEU C 160 -42.23 -5.88 4.69
N LEU C 161 -42.91 -4.73 4.70
CA LEU C 161 -43.04 -3.92 5.89
C LEU C 161 -43.92 -4.61 6.93
N ARG C 162 -44.99 -5.26 6.47
CA ARG C 162 -45.83 -6.03 7.37
C ARG C 162 -45.06 -7.16 8.05
N GLU C 163 -44.42 -8.00 7.24
CA GLU C 163 -43.52 -9.01 7.74
C GLU C 163 -42.67 -8.41 8.86
N ARG C 164 -41.96 -7.35 8.53
CA ARG C 164 -40.99 -6.72 9.43
C ARG C 164 -41.55 -6.23 10.76
N TYR C 165 -42.68 -5.54 10.70
CA TYR C 165 -43.36 -5.09 11.90
C TYR C 165 -43.73 -6.27 12.78
N LYS C 166 -44.12 -7.37 12.14
CA LYS C 166 -44.42 -8.60 12.89
C LYS C 166 -43.19 -9.15 13.62
N GLU C 167 -42.03 -9.08 12.98
CA GLU C 167 -40.77 -9.55 13.57
C GLU C 167 -40.13 -8.48 14.43
N LYS C 168 -40.89 -7.43 14.69
CA LYS C 168 -40.39 -6.23 15.36
C LYS C 168 -38.97 -5.86 14.93
N LYS C 169 -38.83 -5.67 13.61
CA LYS C 169 -37.60 -5.32 12.93
C LYS C 169 -37.65 -3.87 12.42
N THR C 170 -36.50 -3.22 12.32
CA THR C 170 -36.47 -1.79 11.99
C THR C 170 -37.15 -1.47 10.64
N CYS C 171 -37.81 -0.33 10.55
CA CYS C 171 -38.37 0.06 9.27
C CYS C 171 -37.92 1.46 8.93
N LYS C 172 -36.89 1.92 9.61
CA LYS C 172 -36.43 3.28 9.46
C LYS C 172 -36.07 3.53 7.99
N TYR C 173 -36.53 4.66 7.46
CA TYR C 173 -36.19 5.10 6.10
C TYR C 173 -37.04 4.43 5.04
N LEU C 174 -37.88 3.47 5.43
CA LEU C 174 -38.69 2.76 4.45
C LEU C 174 -40.08 3.41 4.22
N LEU C 175 -40.66 3.97 5.27
CA LEU C 175 -41.94 4.64 5.17
C LEU C 175 -41.90 5.86 6.06
N PRO C 176 -42.82 6.82 5.82
CA PRO C 176 -42.84 8.07 6.59
C PRO C 176 -42.97 7.86 8.10
N GLU C 177 -42.16 8.62 8.82
CA GLU C 177 -42.17 8.65 10.26
C GLU C 177 -43.59 8.67 10.83
N LYS C 178 -44.47 9.48 10.24
CA LYS C 178 -45.83 9.63 10.73
C LYS C 178 -46.62 8.33 10.63
N VAL C 179 -46.45 7.64 9.50
CA VAL C 179 -47.11 6.37 9.26
C VAL C 179 -46.64 5.32 10.25
N GLN C 180 -45.33 5.35 10.55
CA GLN C 180 -44.75 4.45 11.51
C GLN C 180 -45.39 4.62 12.88
N VAL C 181 -45.50 5.88 13.29
CA VAL C 181 -46.12 6.24 14.55
C VAL C 181 -47.56 5.74 14.59
N TYR C 182 -48.30 5.98 13.51
CA TYR C 182 -49.67 5.52 13.43
C TYR C 182 -49.71 4.00 13.64
N ILE C 183 -48.80 3.30 12.97
CA ILE C 183 -48.73 1.85 13.05
C ILE C 183 -48.44 1.36 14.49
N GLU C 184 -47.48 1.97 15.14
CA GLU C 184 -47.08 1.54 16.48
C GLU C 184 -48.10 1.93 17.54
N ARG C 185 -48.51 3.20 17.49
CA ARG C 185 -49.48 3.71 18.44
C ARG C 185 -50.81 2.97 18.28
N ASN C 186 -51.00 2.29 17.16
CA ASN C 186 -52.28 1.66 16.88
C ASN C 186 -52.22 0.13 16.78
N GLY C 187 -51.00 -0.39 16.92
CA GLY C 187 -50.73 -1.81 17.00
C GLY C 187 -51.06 -2.60 15.76
N LEU C 188 -50.88 -1.99 14.60
CA LEU C 188 -51.06 -2.71 13.35
C LEU C 188 -49.92 -3.72 13.13
N TYR C 189 -50.23 -4.81 12.42
CA TYR C 189 -49.23 -5.78 11.98
C TYR C 189 -48.49 -6.52 13.08
N GLU C 190 -49.11 -6.63 14.25
CA GLU C 190 -48.47 -7.37 15.34
C GLU C 190 -48.98 -8.80 15.37
N MET D 3 6.45 34.24 18.21
CA MET D 3 6.96 34.77 19.48
C MET D 3 7.91 33.77 20.17
N ARG D 4 7.34 32.78 20.87
CA ARG D 4 8.12 31.86 21.71
C ARG D 4 8.95 30.82 20.92
N LYS D 5 10.27 30.78 21.14
CA LYS D 5 11.12 29.70 20.62
C LYS D 5 11.21 28.55 21.61
N ILE D 6 10.64 27.41 21.25
CA ILE D 6 10.62 26.25 22.14
C ILE D 6 11.25 25.02 21.48
N GLY D 7 12.18 24.40 22.19
CA GLY D 7 12.77 23.17 21.69
C GLY D 7 11.91 21.96 22.03
N ILE D 8 11.92 20.97 21.14
CA ILE D 8 11.26 19.72 21.43
C ILE D 8 12.27 18.57 21.37
N ILE D 9 12.31 17.76 22.42
CA ILE D 9 13.15 16.59 22.38
C ILE D 9 12.37 15.34 22.78
N GLY D 10 12.24 14.44 21.81
CA GLY D 10 11.44 13.23 21.99
C GLY D 10 12.30 12.09 22.45
N GLY D 11 11.68 11.09 23.05
CA GLY D 11 12.40 9.92 23.53
C GLY D 11 11.49 9.06 24.37
N THR D 12 11.90 7.83 24.64
CA THR D 12 11.16 6.98 25.55
C THR D 12 11.38 7.43 26.99
N PHE D 13 12.54 8.02 27.24
CA PHE D 13 12.96 8.44 28.56
C PHE D 13 12.78 7.30 29.53
N ASP D 14 13.31 6.14 29.15
CA ASP D 14 13.07 4.90 29.88
C ASP D 14 14.38 4.15 30.13
N PRO D 15 15.29 4.76 30.91
CA PRO D 15 15.10 6.01 31.68
C PRO D 15 15.64 7.30 31.00
N PRO D 16 15.29 8.46 31.53
CA PRO D 16 15.92 9.69 31.06
C PRO D 16 17.37 9.69 31.53
N HIS D 17 18.24 10.41 30.85
CA HIS D 17 19.66 10.35 31.17
C HIS D 17 20.41 11.63 30.80
N TYR D 18 21.70 11.66 31.10
CA TYR D 18 22.47 12.87 30.90
C TYR D 18 22.64 13.22 29.43
N GLY D 19 22.50 12.23 28.55
CA GLY D 19 22.53 12.50 27.13
C GLY D 19 21.40 13.44 26.75
N HIS D 20 20.22 13.22 27.31
CA HIS D 20 19.08 14.09 27.08
C HIS D 20 19.33 15.50 27.58
N LEU D 21 19.80 15.60 28.83
CA LEU D 21 20.00 16.87 29.48
C LEU D 21 21.06 17.68 28.74
N LEU D 22 22.14 17.00 28.33
CA LEU D 22 23.22 17.64 27.61
C LEU D 22 22.69 18.30 26.32
N ILE D 23 22.00 17.51 25.50
CA ILE D 23 21.45 18.02 24.24
C ILE D 23 20.51 19.20 24.52
N ALA D 24 19.53 19.00 25.40
CA ALA D 24 18.58 20.05 25.77
C ALA D 24 19.31 21.35 26.16
N ASN D 25 20.36 21.22 26.97
CA ASN D 25 21.10 22.40 27.42
C ASN D 25 21.84 23.11 26.28
N GLU D 26 22.55 22.33 25.48
CA GLU D 26 23.30 22.89 24.36
C GLU D 26 22.43 23.64 23.38
N VAL D 27 21.30 23.05 23.00
CA VAL D 27 20.42 23.64 22.02
C VAL D 27 19.73 24.86 22.61
N TYR D 28 19.30 24.72 23.86
CA TYR D 28 18.75 25.85 24.61
C TYR D 28 19.67 27.10 24.50
N HIS D 29 20.96 26.91 24.76
CA HIS D 29 21.89 28.04 24.72
C HIS D 29 22.23 28.43 23.29
N ALA D 30 22.54 27.45 22.45
CA ALA D 30 22.95 27.73 21.09
C ALA D 30 21.92 28.58 20.36
N LEU D 31 20.66 28.20 20.46
CA LEU D 31 19.63 28.84 19.68
C LEU D 31 18.86 29.85 20.50
N ASN D 32 19.28 30.02 21.74
CA ASN D 32 18.66 31.02 22.58
C ASN D 32 17.15 30.77 22.69
N LEU D 33 16.79 29.54 23.05
CA LEU D 33 15.38 29.17 23.25
C LEU D 33 14.84 29.69 24.59
N GLU D 34 13.52 29.70 24.73
CA GLU D 34 12.89 30.09 25.99
C GLU D 34 12.78 28.85 26.84
N GLU D 35 12.41 27.75 26.21
CA GLU D 35 12.23 26.46 26.88
C GLU D 35 12.60 25.28 26.00
N VAL D 36 12.85 24.16 26.66
CA VAL D 36 12.93 22.88 25.98
C VAL D 36 11.89 21.93 26.58
N TRP D 37 11.07 21.32 25.73
CA TRP D 37 10.07 20.39 26.21
C TRP D 37 10.53 18.99 25.90
N PHE D 38 10.52 18.14 26.92
CA PHE D 38 10.79 16.72 26.75
C PHE D 38 9.48 16.07 26.39
N LEU D 39 9.47 15.33 25.30
CA LEU D 39 8.25 14.74 24.79
C LEU D 39 8.34 13.22 24.79
N PRO D 40 7.88 12.58 25.88
CA PRO D 40 7.85 11.12 26.01
C PRO D 40 7.08 10.45 24.87
N ASN D 41 7.73 9.52 24.17
CA ASN D 41 7.11 8.67 23.16
C ASN D 41 6.33 7.57 23.82
N GLN D 42 5.25 7.14 23.17
CA GLN D 42 4.60 5.89 23.54
C GLN D 42 5.60 4.76 23.46
N ILE D 43 5.33 3.67 24.16
CA ILE D 43 6.13 2.48 23.90
C ILE D 43 5.18 1.31 23.60
N PRO D 44 5.44 0.62 22.48
CA PRO D 44 4.62 -0.50 21.99
C PRO D 44 4.62 -1.71 22.96
N ASN D 51 9.49 -6.23 29.17
CA ASN D 51 8.65 -5.97 30.35
C ASN D 51 8.55 -4.47 30.72
N ILE D 52 7.48 -3.84 30.26
CA ILE D 52 7.48 -2.39 30.01
C ILE D 52 7.23 -1.50 31.21
N THR D 53 8.05 -0.46 31.33
CA THR D 53 7.93 0.54 32.38
C THR D 53 6.61 1.32 32.27
N SER D 54 5.97 1.57 33.42
CA SER D 54 4.72 2.32 33.43
C SER D 54 4.94 3.78 33.01
N VAL D 55 3.90 4.39 32.42
CA VAL D 55 3.96 5.80 32.08
C VAL D 55 4.17 6.67 33.30
N GLU D 56 3.42 6.34 34.34
CA GLU D 56 3.64 6.83 35.68
C GLU D 56 5.13 6.89 36.08
N SER D 57 5.84 5.75 36.03
CA SER D 57 7.27 5.71 36.38
C SER D 57 8.14 6.61 35.47
N ARG D 58 7.85 6.59 34.17
CA ARG D 58 8.66 7.34 33.24
C ARG D 58 8.49 8.82 33.52
N LEU D 59 7.24 9.19 33.77
CA LEU D 59 6.87 10.57 34.04
C LEU D 59 7.55 11.11 35.30
N GLN D 60 7.55 10.29 36.33
CA GLN D 60 8.20 10.62 37.59
C GLN D 60 9.74 10.69 37.50
N MET D 61 10.38 9.82 36.69
CA MET D 61 11.83 9.87 36.47
C MET D 61 12.20 11.12 35.71
N LEU D 62 11.41 11.40 34.68
CA LEU D 62 11.60 12.59 33.85
C LEU D 62 11.52 13.85 34.70
N GLU D 63 10.60 13.86 35.66
CA GLU D 63 10.44 14.96 36.57
C GLU D 63 11.67 15.14 37.43
N LEU D 64 12.18 14.04 38.00
CA LEU D 64 13.42 14.07 38.78
C LEU D 64 14.60 14.51 37.92
N ALA D 65 14.63 14.09 36.65
CA ALA D 65 15.73 14.45 35.77
C ALA D 65 15.76 15.96 35.49
N THR D 66 14.59 16.57 35.46
CA THR D 66 14.49 17.95 35.00
C THR D 66 14.11 18.93 36.09
N GLU D 67 13.83 18.46 37.30
CA GLU D 67 13.28 19.33 38.33
C GLU D 67 14.11 20.61 38.59
N ALA D 68 15.39 20.58 38.25
CA ALA D 68 16.29 21.66 38.61
C ALA D 68 16.40 22.83 37.62
N GLU D 69 15.70 22.78 36.49
CA GLU D 69 15.79 23.89 35.54
C GLU D 69 14.46 24.34 35.00
N GLU D 70 14.02 25.51 35.43
CA GLU D 70 12.69 25.99 35.07
C GLU D 70 12.43 25.94 33.57
N HIS D 71 13.50 25.99 32.79
CA HIS D 71 13.41 26.06 31.34
C HIS D 71 13.36 24.68 30.63
N PHE D 72 13.30 23.60 31.42
CA PHE D 72 12.99 22.27 30.90
C PHE D 72 11.58 21.88 31.34
N SER D 73 10.73 21.42 30.42
CA SER D 73 9.38 21.04 30.83
C SER D 73 8.98 19.72 30.22
N ILE D 74 7.96 19.09 30.78
CA ILE D 74 7.47 17.83 30.25
C ILE D 74 6.21 18.05 29.41
N CYS D 75 6.19 17.49 28.21
CA CYS D 75 5.04 17.64 27.32
C CYS D 75 4.39 16.28 27.07
N LEU D 76 3.11 16.18 27.38
CA LEU D 76 2.44 14.89 27.38
C LEU D 76 1.64 14.63 26.12
N GLU D 77 1.75 15.51 25.13
CA GLU D 77 0.93 15.38 23.94
C GLU D 77 0.88 13.94 23.43
N GLU D 78 2.03 13.27 23.43
CA GLU D 78 2.10 11.95 22.84
C GLU D 78 1.51 10.85 23.68
N LEU D 79 1.57 11.01 24.99
CA LEU D 79 0.95 10.04 25.88
C LEU D 79 -0.54 10.34 26.05
N SER D 80 -0.95 11.57 25.72
CA SER D 80 -2.33 11.98 25.90
C SER D 80 -3.27 11.31 24.91
N ARG D 81 -2.70 10.56 23.98
CA ARG D 81 -3.45 9.99 22.86
C ARG D 81 -3.17 8.50 22.66
N LYS D 82 -4.24 7.76 22.41
CA LYS D 82 -4.23 6.30 22.52
C LYS D 82 -3.41 5.56 21.47
N GLY D 83 -3.76 5.74 20.21
CA GLY D 83 -3.22 4.92 19.14
C GLY D 83 -1.73 5.11 18.95
N PRO D 84 -1.25 4.79 17.74
CA PRO D 84 0.13 5.09 17.33
C PRO D 84 0.19 6.54 16.85
N SER D 85 1.31 7.25 17.03
CA SER D 85 1.41 8.59 16.46
C SER D 85 2.71 8.88 15.67
N TYR D 86 2.54 9.38 14.44
CA TYR D 86 3.64 9.96 13.70
C TYR D 86 3.96 11.34 14.26
N THR D 87 5.19 11.81 14.01
CA THR D 87 5.63 13.13 14.43
C THR D 87 4.74 14.24 13.89
N TYR D 88 4.37 14.14 12.61
CA TYR D 88 3.47 15.11 12.00
C TYR D 88 2.20 15.33 12.82
N ASP D 89 1.57 14.25 13.25
CA ASP D 89 0.33 14.36 14.01
C ASP D 89 0.57 15.15 15.29
N THR D 90 1.62 14.75 16.00
CA THR D 90 1.98 15.42 17.24
C THR D 90 2.21 16.92 17.03
N MET D 91 3.01 17.27 16.03
CA MET D 91 3.38 18.67 15.82
C MET D 91 2.20 19.49 15.30
N LEU D 92 1.32 18.84 14.55
CA LEU D 92 0.08 19.48 14.14
C LEU D 92 -0.75 19.87 15.36
N GLN D 93 -0.90 18.93 16.31
CA GLN D 93 -1.61 19.22 17.53
C GLN D 93 -0.98 20.34 18.35
N LEU D 94 0.34 20.29 18.47
CA LEU D 94 1.07 21.31 19.24
C LEU D 94 1.03 22.70 18.61
N THR D 95 1.13 22.77 17.29
CA THR D 95 1.03 24.07 16.62
C THR D 95 -0.40 24.60 16.74
N LYS D 96 -1.36 23.69 16.74
CA LYS D 96 -2.73 24.09 17.01
C LYS D 96 -2.90 24.59 18.45
N LYS D 97 -2.33 23.89 19.42
CA LYS D 97 -2.40 24.31 20.80
C LYS D 97 -1.58 25.55 21.17
N TYR D 98 -0.47 25.78 20.48
CA TYR D 98 0.39 26.91 20.80
C TYR D 98 0.77 27.66 19.51
N PRO D 99 -0.18 28.44 18.98
CA PRO D 99 -0.07 29.11 17.68
C PRO D 99 1.07 30.10 17.64
N ASP D 100 1.49 30.57 18.81
CA ASP D 100 2.52 31.60 18.86
C ASP D 100 3.90 31.04 19.20
N VAL D 101 4.04 29.73 19.07
CA VAL D 101 5.31 29.10 19.35
C VAL D 101 5.99 28.67 18.06
N GLN D 102 7.27 28.98 17.93
CA GLN D 102 8.10 28.43 16.87
C GLN D 102 8.78 27.20 17.45
N PHE D 103 8.34 26.02 17.03
CA PHE D 103 8.90 24.78 17.55
C PHE D 103 10.21 24.38 16.87
N HIS D 104 11.20 24.03 17.70
CA HIS D 104 12.48 23.57 17.20
C HIS D 104 12.62 22.10 17.50
N PHE D 105 12.38 21.27 16.50
CA PHE D 105 12.38 19.84 16.70
C PHE D 105 13.81 19.27 16.63
N ILE D 106 14.30 18.77 17.76
CA ILE D 106 15.69 18.34 17.85
C ILE D 106 15.87 16.88 17.44
N ILE D 107 16.82 16.63 16.54
CA ILE D 107 17.10 15.26 16.13
C ILE D 107 18.61 15.02 16.08
N GLY D 108 19.00 13.76 16.17
CA GLY D 108 20.40 13.39 15.97
C GLY D 108 20.86 13.61 14.53
N GLY D 109 22.15 13.88 14.35
CA GLY D 109 22.69 14.10 13.05
C GLY D 109 22.55 12.86 12.19
N ASP D 110 22.59 11.70 12.83
CA ASP D 110 22.48 10.45 12.09
C ASP D 110 21.09 10.29 11.49
N MET D 111 20.15 11.02 12.03
CA MET D 111 18.76 10.92 11.61
C MET D 111 18.46 11.83 10.41
N VAL D 112 19.25 12.89 10.26
CA VAL D 112 19.04 13.90 9.22
C VAL D 112 19.00 13.31 7.80
N GLU D 113 19.86 12.32 7.61
CA GLU D 113 19.92 11.51 6.41
C GLU D 113 18.57 10.91 6.02
N TYR D 114 17.73 10.65 7.02
CA TYR D 114 16.53 9.86 6.76
C TYR D 114 15.24 10.68 6.75
N LEU D 115 15.37 12.00 6.89
CA LEU D 115 14.18 12.87 6.95
C LEU D 115 13.18 12.69 5.79
N PRO D 116 13.71 12.52 4.57
CA PRO D 116 12.79 12.34 3.43
C PRO D 116 11.88 11.14 3.61
N LYS D 117 12.25 10.22 4.50
CA LYS D 117 11.46 9.02 4.73
C LYS D 117 10.37 9.15 5.79
N TRP D 118 10.32 10.31 6.45
CA TRP D 118 9.32 10.54 7.50
C TRP D 118 7.95 10.80 6.93
N TYR D 119 6.94 10.29 7.64
CA TYR D 119 5.56 10.54 7.27
C TYR D 119 5.26 12.03 7.11
N ASN D 120 4.77 12.39 5.92
CA ASN D 120 4.34 13.73 5.66
C ASN D 120 5.45 14.75 5.90
N ILE D 121 6.68 14.37 5.58
CA ILE D 121 7.83 15.21 5.89
C ILE D 121 7.68 16.62 5.33
N GLU D 122 7.08 16.69 4.15
CA GLU D 122 6.91 17.93 3.44
C GLU D 122 6.08 18.93 4.26
N ALA D 123 4.90 18.50 4.70
CA ALA D 123 4.00 19.32 5.51
C ALA D 123 4.58 19.57 6.91
N LEU D 124 5.35 18.60 7.40
CA LEU D 124 5.99 18.70 8.70
C LEU D 124 7.00 19.84 8.72
N LEU D 125 7.70 20.03 7.62
CA LEU D 125 8.67 21.12 7.51
C LEU D 125 8.06 22.53 7.69
N ASP D 126 6.76 22.66 7.43
CA ASP D 126 6.10 23.94 7.60
C ASP D 126 5.65 24.14 9.04
N LEU D 127 5.64 23.05 9.80
CA LEU D 127 5.24 23.12 11.18
C LEU D 127 6.40 23.36 12.16
N VAL D 128 7.59 22.88 11.82
CA VAL D 128 8.71 22.97 12.76
C VAL D 128 9.97 23.44 12.07
N THR D 129 10.93 23.88 12.89
CA THR D 129 12.31 24.04 12.46
C THR D 129 13.10 22.85 13.03
N PHE D 130 13.70 22.05 12.16
CA PHE D 130 14.51 20.94 12.61
C PHE D 130 15.86 21.43 13.11
N VAL D 131 16.34 20.82 14.18
CA VAL D 131 17.65 21.12 14.71
C VAL D 131 18.41 19.81 14.72
N GLY D 132 19.47 19.74 13.93
CA GLY D 132 20.29 18.54 13.90
C GLY D 132 21.46 18.69 14.85
N VAL D 133 21.75 17.62 15.60
CA VAL D 133 22.90 17.61 16.48
C VAL D 133 24.09 16.99 15.77
N ALA D 134 25.12 17.79 15.52
CA ALA D 134 26.33 17.31 14.85
C ALA D 134 27.50 17.20 15.81
N ARG D 135 28.41 16.29 15.53
CA ARG D 135 29.67 16.25 16.24
C ARG D 135 30.40 17.54 15.92
N PRO D 136 31.21 18.02 16.85
CA PRO D 136 31.99 19.26 16.63
C PRO D 136 32.88 19.14 15.40
N GLY D 137 32.82 20.15 14.52
CA GLY D 137 33.65 20.20 13.33
C GLY D 137 32.94 19.63 12.13
N TYR D 138 31.69 19.24 12.32
CA TYR D 138 30.99 18.50 11.29
C TYR D 138 29.87 19.29 10.66
N LYS D 139 29.75 19.18 9.34
CA LYS D 139 28.62 19.75 8.62
C LYS D 139 27.62 18.67 8.26
N LEU D 140 26.35 18.93 8.53
CA LEU D 140 25.29 17.98 8.19
C LEU D 140 24.86 18.15 6.72
N ARG D 141 24.72 17.03 6.02
CA ARG D 141 24.28 17.05 4.63
C ARG D 141 22.80 16.75 4.56
N THR D 142 22.04 17.67 3.98
CA THR D 142 20.61 17.48 3.82
C THR D 142 19.98 18.45 2.82
N PRO D 143 18.95 17.97 2.11
CA PRO D 143 18.23 18.77 1.11
C PRO D 143 17.39 19.84 1.79
N TYR D 144 16.97 19.56 3.01
CA TYR D 144 16.07 20.45 3.74
C TYR D 144 16.83 21.51 4.52
N PRO D 145 16.16 22.64 4.79
CA PRO D 145 16.76 23.74 5.55
C PRO D 145 16.73 23.47 7.06
N ILE D 146 17.80 22.95 7.61
CA ILE D 146 17.80 22.70 9.04
C ILE D 146 18.85 23.50 9.76
N THR D 147 18.67 23.65 11.07
CA THR D 147 19.67 24.29 11.92
C THR D 147 20.60 23.24 12.53
N THR D 148 21.88 23.58 12.66
CA THR D 148 22.87 22.66 13.21
C THR D 148 23.39 23.18 14.52
N VAL D 149 23.45 22.31 15.53
CA VAL D 149 24.11 22.63 16.78
C VAL D 149 25.19 21.60 17.02
N GLU D 150 26.41 22.06 17.29
CA GLU D 150 27.53 21.17 17.55
C GLU D 150 27.57 20.77 19.02
N ILE D 151 27.57 19.48 19.27
CA ILE D 151 27.56 18.95 20.61
C ILE D 151 28.48 17.73 20.70
N PRO D 152 29.34 17.70 21.73
CA PRO D 152 30.23 16.54 21.88
C PRO D 152 29.37 15.28 21.96
N GLU D 153 29.81 14.20 21.33
CA GLU D 153 29.03 12.99 21.38
C GLU D 153 29.02 12.39 22.78
N PHE D 154 27.83 12.06 23.25
CA PHE D 154 27.67 11.30 24.48
C PHE D 154 26.78 10.09 24.13
N ALA D 155 27.40 8.97 23.82
CA ALA D 155 26.68 7.83 23.25
C ALA D 155 25.93 7.01 24.29
N VAL D 156 25.27 7.66 25.24
CA VAL D 156 24.45 6.96 26.21
C VAL D 156 23.01 6.92 25.70
N SER D 157 22.28 5.87 26.02
CA SER D 157 20.89 5.72 25.60
C SER D 157 20.11 4.94 26.65
N SER D 158 18.78 5.10 26.61
CA SER D 158 17.91 4.41 27.57
C SER D 158 18.13 2.91 27.53
N SER D 159 18.18 2.34 26.33
CA SER D 159 18.29 0.89 26.23
C SER D 159 19.62 0.36 26.76
N LEU D 160 20.71 1.10 26.52
CA LEU D 160 22.00 0.75 27.12
C LEU D 160 21.94 0.71 28.65
N LEU D 161 21.28 1.71 29.23
CA LEU D 161 21.11 1.80 30.67
C LEU D 161 20.27 0.65 31.20
N ARG D 162 19.18 0.31 30.49
CA ARG D 162 18.33 -0.78 30.94
C ARG D 162 19.12 -2.06 30.95
N GLU D 163 19.90 -2.24 29.90
CA GLU D 163 20.82 -3.33 29.77
C GLU D 163 21.71 -3.39 30.99
N ARG D 164 22.38 -2.28 31.26
CA ARG D 164 23.29 -2.20 32.40
C ARG D 164 22.61 -2.64 33.67
N TYR D 165 21.52 -1.99 34.03
CA TYR D 165 20.83 -2.22 35.29
C TYR D 165 20.48 -3.69 35.47
N LYS D 166 20.12 -4.34 34.37
CA LYS D 166 19.80 -5.75 34.41
C LYS D 166 21.03 -6.60 34.77
N GLU D 167 22.19 -6.20 34.26
CA GLU D 167 23.44 -6.90 34.56
C GLU D 167 24.10 -6.40 35.84
N LYS D 168 23.38 -5.58 36.59
CA LYS D 168 23.93 -5.02 37.83
C LYS D 168 25.29 -4.36 37.60
N LYS D 169 25.36 -3.57 36.53
CA LYS D 169 26.58 -2.88 36.13
C LYS D 169 26.49 -1.37 36.42
N THR D 170 27.64 -0.73 36.65
CA THR D 170 27.68 0.68 37.07
C THR D 170 27.02 1.62 36.06
N CYS D 171 26.29 2.62 36.54
CA CYS D 171 25.73 3.62 35.65
C CYS D 171 26.16 5.00 36.03
N LYS D 172 27.18 5.07 36.87
CA LYS D 172 27.66 6.32 37.41
C LYS D 172 28.02 7.30 36.27
N TYR D 173 27.57 8.54 36.39
CA TYR D 173 27.88 9.57 35.40
C TYR D 173 27.03 9.51 34.14
N LEU D 174 26.18 8.48 34.03
CA LEU D 174 25.38 8.32 32.81
C LEU D 174 23.98 8.95 32.92
N LEU D 175 23.41 8.92 34.12
CA LEU D 175 22.12 9.54 34.36
C LEU D 175 22.13 10.14 35.76
N PRO D 176 21.25 11.11 36.01
CA PRO D 176 21.23 11.82 37.29
C PRO D 176 21.03 10.85 38.50
N GLU D 177 21.71 11.13 39.60
CA GLU D 177 21.60 10.29 40.78
C GLU D 177 20.17 10.16 41.29
N LYS D 178 19.43 11.26 41.28
CA LYS D 178 18.02 11.19 41.66
C LYS D 178 17.28 10.10 40.87
N VAL D 179 17.56 10.02 39.57
CA VAL D 179 16.93 9.02 38.74
C VAL D 179 17.43 7.62 39.11
N GLN D 180 18.73 7.51 39.37
CA GLN D 180 19.31 6.22 39.75
C GLN D 180 18.66 5.72 41.03
N VAL D 181 18.52 6.62 41.99
CA VAL D 181 17.92 6.28 43.27
C VAL D 181 16.49 5.82 43.07
N TYR D 182 15.74 6.55 42.24
CA TYR D 182 14.37 6.16 41.95
C TYR D 182 14.36 4.75 41.36
N ILE D 183 15.27 4.48 40.42
CA ILE D 183 15.33 3.18 39.76
C ILE D 183 15.61 2.05 40.76
N GLU D 184 16.62 2.24 41.61
CA GLU D 184 17.01 1.21 42.57
C GLU D 184 15.93 1.01 43.61
N ARG D 185 15.34 2.11 44.03
CA ARG D 185 14.31 2.05 45.03
C ARG D 185 13.05 1.40 44.51
N ASN D 186 12.67 1.67 43.27
CA ASN D 186 11.46 1.04 42.74
C ASN D 186 11.74 -0.28 42.01
N GLY D 187 13.01 -0.69 41.99
CA GLY D 187 13.41 -1.95 41.37
C GLY D 187 13.11 -2.04 39.89
N LEU D 188 13.26 -0.94 39.17
CA LEU D 188 13.08 -0.94 37.73
C LEU D 188 14.22 -1.70 37.04
N TYR D 189 13.91 -2.27 35.89
CA TYR D 189 14.92 -2.90 35.02
C TYR D 189 15.66 -4.10 35.63
N GLU D 190 15.03 -4.81 36.56
CA GLU D 190 15.63 -6.01 37.14
C GLU D 190 15.05 -7.30 36.56
N MET E 3 59.23 25.67 -4.32
CA MET E 3 58.59 26.09 -5.56
C MET E 3 57.58 25.08 -6.14
N ARG E 4 58.07 23.93 -6.61
CA ARG E 4 57.20 22.94 -7.24
C ARG E 4 56.43 22.11 -6.21
N LYS E 5 55.12 21.98 -6.41
CA LYS E 5 54.25 21.35 -5.42
C LYS E 5 54.09 19.85 -5.64
N ILE E 6 54.66 19.06 -4.76
CA ILE E 6 54.64 17.63 -4.94
C ILE E 6 54.03 16.98 -3.70
N GLY E 7 53.06 16.09 -3.94
CA GLY E 7 52.43 15.34 -2.87
C GLY E 7 53.24 14.09 -2.56
N ILE E 8 53.24 13.70 -1.29
CA ILE E 8 53.87 12.47 -0.88
C ILE E 8 52.85 11.58 -0.21
N ILE E 9 52.71 10.36 -0.70
CA ILE E 9 51.88 9.40 0.00
C ILE E 9 52.65 8.11 0.33
N GLY E 10 52.85 7.88 1.62
CA GLY E 10 53.57 6.71 2.09
C GLY E 10 52.65 5.53 2.30
N GLY E 11 53.25 4.35 2.42
CA GLY E 11 52.51 3.13 2.71
C GLY E 11 53.33 1.91 2.37
N THR E 12 52.85 0.74 2.80
CA THR E 12 53.50 -0.53 2.43
C THR E 12 53.24 -0.83 0.95
N PHE E 13 52.08 -0.42 0.47
CA PHE E 13 51.62 -0.78 -0.87
C PHE E 13 51.69 -2.29 -1.09
N ASP E 14 51.16 -3.02 -0.12
CA ASP E 14 51.32 -4.45 -0.08
C ASP E 14 49.96 -5.13 0.14
N PRO E 15 49.04 -4.97 -0.82
CA PRO E 15 49.25 -4.39 -2.14
C PRO E 15 48.80 -2.95 -2.24
N PRO E 16 49.13 -2.25 -3.34
CA PRO E 16 48.57 -0.91 -3.57
C PRO E 16 47.09 -1.08 -3.92
N HIS E 17 46.26 -0.09 -3.66
CA HIS E 17 44.83 -0.26 -3.90
C HIS E 17 44.14 1.05 -4.28
N TYR E 18 42.84 0.97 -4.53
CA TYR E 18 42.11 2.14 -4.98
C TYR E 18 42.01 3.24 -3.90
N GLY E 19 42.15 2.87 -2.63
CA GLY E 19 42.23 3.86 -1.57
C GLY E 19 43.42 4.80 -1.77
N HIS E 20 44.58 4.26 -2.16
CA HIS E 20 45.74 5.07 -2.48
C HIS E 20 45.47 6.00 -3.67
N LEU E 21 44.90 5.43 -4.73
CA LEU E 21 44.72 6.18 -5.96
C LEU E 21 43.72 7.28 -5.73
N LEU E 22 42.69 6.99 -4.97
CA LEU E 22 41.64 7.98 -4.72
C LEU E 22 42.21 9.19 -3.98
N ILE E 23 42.91 8.94 -2.88
CA ILE E 23 43.53 10.00 -2.10
C ILE E 23 44.52 10.80 -2.95
N ALA E 24 45.44 10.11 -3.62
CA ALA E 24 46.37 10.77 -4.53
C ALA E 24 45.65 11.69 -5.56
N ASN E 25 44.55 11.21 -6.14
CA ASN E 25 43.85 12.00 -7.14
C ASN E 25 43.17 13.23 -6.54
N GLU E 26 42.51 13.03 -5.41
CA GLU E 26 41.81 14.13 -4.76
C GLU E 26 42.74 15.25 -4.35
N VAL E 27 43.85 14.89 -3.69
CA VAL E 27 44.81 15.88 -3.24
C VAL E 27 45.52 16.57 -4.41
N TYR E 28 45.90 15.77 -5.40
CA TYR E 28 46.41 16.30 -6.65
C TYR E 28 45.54 17.45 -7.20
N HIS E 29 44.23 17.22 -7.29
CA HIS E 29 43.32 18.22 -7.83
C HIS E 29 43.02 19.33 -6.82
N ALA E 30 42.75 18.96 -5.58
CA ALA E 30 42.38 19.95 -4.58
C ALA E 30 43.46 21.04 -4.43
N LEU E 31 44.71 20.62 -4.37
CA LEU E 31 45.80 21.53 -4.05
C LEU E 31 46.55 21.91 -5.30
N ASN E 32 46.09 21.41 -6.43
CA ASN E 32 46.72 21.76 -7.69
C ASN E 32 48.20 21.43 -7.69
N LEU E 33 48.52 20.18 -7.37
CA LEU E 33 49.91 19.70 -7.33
C LEU E 33 50.47 19.44 -8.71
N GLU E 34 51.79 19.41 -8.81
CA GLU E 34 52.47 19.01 -10.04
C GLU E 34 52.48 17.49 -10.17
N GLU E 35 52.69 16.81 -9.04
CA GLU E 35 52.83 15.35 -9.03
C GLU E 35 52.47 14.82 -7.66
N VAL E 36 52.21 13.52 -7.61
CA VAL E 36 52.13 12.82 -6.35
C VAL E 36 53.10 11.66 -6.37
N TRP E 37 53.95 11.56 -5.35
CA TRP E 37 54.91 10.45 -5.30
C TRP E 37 54.45 9.42 -4.28
N PHE E 38 54.41 8.18 -4.72
CA PHE E 38 54.10 7.09 -3.82
C PHE E 38 55.41 6.63 -3.20
N LEU E 39 55.43 6.61 -1.87
CA LEU E 39 56.64 6.33 -1.11
C LEU E 39 56.53 5.02 -0.32
N PRO E 40 56.95 3.91 -0.92
CA PRO E 40 56.91 2.59 -0.24
C PRO E 40 57.74 2.56 1.03
N ASN E 41 57.13 2.26 2.18
CA ASN E 41 57.84 2.11 3.44
C ASN E 41 58.52 0.76 3.50
N GLN E 42 59.39 0.59 4.48
CA GLN E 42 59.88 -0.74 4.78
C GLN E 42 58.73 -1.48 5.45
N ILE E 43 58.88 -2.78 5.65
CA ILE E 43 57.85 -3.55 6.33
C ILE E 43 58.23 -3.75 7.80
N PRO E 44 57.26 -3.53 8.72
CA PRO E 44 57.40 -3.65 10.19
C PRO E 44 58.18 -4.89 10.65
N ILE E 52 56.67 -12.35 4.04
CA ILE E 52 56.71 -10.96 3.57
C ILE E 52 56.93 -10.87 2.06
N THR E 53 56.12 -10.04 1.41
CA THR E 53 56.23 -9.76 -0.02
C THR E 53 57.57 -9.12 -0.34
N SER E 54 58.17 -9.51 -1.47
CA SER E 54 59.44 -8.94 -1.90
C SER E 54 59.27 -7.49 -2.30
N VAL E 55 60.34 -6.71 -2.20
CA VAL E 55 60.33 -5.34 -2.66
C VAL E 55 60.00 -5.29 -4.15
N GLU E 56 60.54 -6.23 -4.94
CA GLU E 56 60.29 -6.17 -6.39
C GLU E 56 58.82 -6.33 -6.69
N SER E 57 58.20 -7.27 -6.00
CA SER E 57 56.79 -7.50 -6.18
C SER E 57 56.00 -6.27 -5.84
N ARG E 58 56.34 -5.60 -4.73
CA ARG E 58 55.61 -4.41 -4.35
C ARG E 58 55.79 -3.30 -5.39
N LEU E 59 57.01 -3.13 -5.91
CA LEU E 59 57.22 -2.07 -6.89
C LEU E 59 56.52 -2.37 -8.21
N GLN E 60 56.42 -3.65 -8.58
CA GLN E 60 55.77 -3.94 -9.84
C GLN E 60 54.27 -3.73 -9.69
N MET E 61 53.73 -4.03 -8.52
CA MET E 61 52.31 -3.79 -8.34
C MET E 61 52.05 -2.29 -8.32
N LEU E 62 52.91 -1.55 -7.63
CA LEU E 62 52.83 -0.11 -7.56
C LEU E 62 52.91 0.51 -8.95
N GLU E 63 53.78 -0.04 -9.77
CA GLU E 63 53.93 0.37 -11.16
C GLU E 63 52.63 0.14 -11.98
N LEU E 64 52.07 -1.07 -11.86
CA LEU E 64 50.80 -1.40 -12.50
C LEU E 64 49.68 -0.50 -11.98
N ALA E 65 49.68 -0.22 -10.68
CA ALA E 65 48.65 0.62 -10.12
C ALA E 65 48.69 2.04 -10.71
N THR E 66 49.88 2.51 -11.07
CA THR E 66 50.06 3.92 -11.36
C THR E 66 50.43 4.16 -12.81
N GLU E 67 50.63 3.11 -13.58
CA GLU E 67 51.15 3.27 -14.93
C GLU E 67 50.35 4.25 -15.81
N ALA E 68 49.09 4.46 -15.48
CA ALA E 68 48.22 5.23 -16.35
C ALA E 68 48.19 6.74 -16.11
N GLU E 69 48.90 7.26 -15.13
CA GLU E 69 48.87 8.71 -14.92
C GLU E 69 50.25 9.33 -14.73
N GLU E 70 50.70 10.08 -15.72
CA GLU E 70 52.05 10.63 -15.71
C GLU E 70 52.39 11.40 -14.44
N HIS E 71 51.35 11.93 -13.81
CA HIS E 71 51.49 12.72 -12.59
C HIS E 71 51.63 11.89 -11.28
N PHE E 72 51.51 10.57 -11.36
CA PHE E 72 51.83 9.69 -10.23
C PHE E 72 53.20 9.08 -10.38
N SER E 73 54.06 9.15 -9.39
CA SER E 73 55.37 8.51 -9.56
C SER E 73 55.77 7.72 -8.33
N ILE E 74 56.74 6.84 -8.49
CA ILE E 74 57.23 6.06 -7.36
C ILE E 74 58.52 6.65 -6.83
N CYS E 75 58.60 6.82 -5.51
CA CYS E 75 59.80 7.35 -4.89
C CYS E 75 60.45 6.31 -3.99
N LEU E 76 61.72 6.02 -4.24
CA LEU E 76 62.39 4.89 -3.57
C LEU E 76 63.21 5.27 -2.34
N GLU E 77 63.16 6.53 -1.97
CA GLU E 77 64.00 7.02 -0.88
C GLU E 77 64.00 6.12 0.35
N GLU E 78 62.83 5.80 0.90
CA GLU E 78 62.80 5.02 2.14
C GLU E 78 63.39 3.61 1.98
N LEU E 79 63.72 3.23 0.76
CA LEU E 79 64.26 1.89 0.50
C LEU E 79 65.76 1.82 0.37
N SER E 80 66.40 2.96 0.14
CA SER E 80 67.85 2.98 0.05
C SER E 80 68.49 2.79 1.43
N ARG E 81 67.68 2.54 2.45
CA ARG E 81 68.16 2.36 3.81
C ARG E 81 67.30 1.32 4.51
N LYS E 82 67.94 0.32 5.12
CA LYS E 82 67.19 -0.77 5.76
C LYS E 82 66.49 -0.33 7.06
N GLY E 83 65.55 -1.15 7.53
CA GLY E 83 64.85 -0.85 8.76
C GLY E 83 63.89 0.31 8.65
N PRO E 84 63.21 0.62 9.76
CA PRO E 84 62.21 1.71 9.77
C PRO E 84 62.91 3.06 9.64
N SER E 85 62.25 3.99 8.97
CA SER E 85 62.75 5.36 8.88
C SER E 85 61.81 6.27 9.63
N TYR E 86 62.35 7.19 10.41
CA TYR E 86 61.56 8.30 10.91
C TYR E 86 61.25 9.22 9.74
N THR E 87 59.99 9.58 9.59
CA THR E 87 59.57 10.47 8.52
C THR E 87 60.52 11.65 8.35
N TYR E 88 60.96 12.21 9.48
CA TYR E 88 61.92 13.31 9.45
C TYR E 88 63.18 13.01 8.63
N ASP E 89 63.78 11.84 8.83
CA ASP E 89 64.97 11.44 8.09
C ASP E 89 64.69 11.45 6.60
N THR E 90 63.58 10.80 6.22
CA THR E 90 63.18 10.70 4.82
C THR E 90 62.98 12.08 4.18
N MET E 91 62.23 12.93 4.87
CA MET E 91 61.92 14.24 4.32
C MET E 91 63.15 15.13 4.27
N LEU E 92 64.06 14.96 5.22
CA LEU E 92 65.33 15.65 5.22
C LEU E 92 66.10 15.31 3.94
N GLN E 93 66.19 14.02 3.65
CA GLN E 93 66.86 13.58 2.44
C GLN E 93 66.20 14.11 1.18
N LEU E 94 64.89 14.09 1.13
CA LEU E 94 64.19 14.54 -0.07
C LEU E 94 64.29 16.06 -0.27
N THR E 95 64.22 16.85 0.81
CA THR E 95 64.39 18.30 0.69
C THR E 95 65.83 18.64 0.30
N LYS E 96 66.76 17.83 0.78
CA LYS E 96 68.14 17.99 0.40
C LYS E 96 68.27 17.74 -1.09
N LYS E 97 67.62 16.68 -1.57
CA LYS E 97 67.75 16.29 -2.98
C LYS E 97 66.99 17.18 -3.95
N TYR E 98 65.81 17.64 -3.54
CA TYR E 98 64.94 18.47 -4.38
C TYR E 98 64.63 19.78 -3.67
N PRO E 99 65.61 20.68 -3.67
CA PRO E 99 65.57 21.93 -2.92
C PRO E 99 64.47 22.86 -3.38
N ASP E 100 64.02 22.69 -4.61
CA ASP E 100 63.05 23.60 -5.19
C ASP E 100 61.62 23.05 -5.12
N VAL E 101 61.43 21.98 -4.34
CA VAL E 101 60.14 21.31 -4.20
C VAL E 101 59.49 21.67 -2.86
N GLN E 102 58.22 22.05 -2.90
CA GLN E 102 57.43 22.16 -1.69
C GLN E 102 56.70 20.83 -1.49
N PHE E 103 57.13 20.03 -0.53
CA PHE E 103 56.50 18.73 -0.33
C PHE E 103 55.23 18.80 0.48
N HIS E 104 54.19 18.12 -0.02
CA HIS E 104 52.92 18.03 0.70
C HIS E 104 52.74 16.62 1.22
N PHE E 105 53.00 16.45 2.51
CA PHE E 105 52.94 15.13 3.11
C PHE E 105 51.51 14.76 3.49
N ILE E 106 50.95 13.75 2.83
CA ILE E 106 49.56 13.41 3.01
C ILE E 106 49.34 12.42 4.15
N ILE E 107 48.42 12.76 5.05
CA ILE E 107 48.10 11.85 6.14
C ILE E 107 46.60 11.72 6.36
N GLY E 108 46.20 10.60 6.97
CA GLY E 108 44.80 10.41 7.32
C GLY E 108 44.41 11.39 8.41
N GLY E 109 43.14 11.78 8.43
CA GLY E 109 42.67 12.69 9.46
C GLY E 109 42.79 12.10 10.85
N ASP E 110 42.66 10.78 10.96
CA ASP E 110 42.78 10.12 12.26
C ASP E 110 44.20 10.23 12.80
N MET E 111 45.15 10.51 11.93
CA MET E 111 46.55 10.59 12.30
C MET E 111 46.90 11.97 12.84
N VAL E 112 46.13 12.96 12.45
CA VAL E 112 46.43 14.36 12.73
C VAL E 112 46.53 14.66 14.22
N GLU E 113 45.62 14.08 14.97
CA GLU E 113 45.58 14.20 16.43
C GLU E 113 46.95 13.87 17.04
N TYR E 114 47.61 12.85 16.50
CA TYR E 114 48.84 12.31 17.05
C TYR E 114 50.17 12.96 16.61
N LEU E 115 50.13 13.90 15.66
CA LEU E 115 51.36 14.51 15.11
C LEU E 115 52.39 14.95 16.17
N PRO E 116 51.92 15.47 17.30
CA PRO E 116 52.88 15.89 18.33
C PRO E 116 53.75 14.74 18.82
N LYS E 117 53.34 13.50 18.58
CA LYS E 117 54.11 12.34 19.02
C LYS E 117 55.17 11.87 18.03
N TRP E 118 55.22 12.49 16.85
CA TRP E 118 56.15 12.07 15.80
C TRP E 118 57.55 12.52 16.12
N TYR E 119 58.51 11.67 15.78
CA TYR E 119 59.90 12.01 15.95
C TYR E 119 60.22 13.36 15.31
N ASN E 120 60.77 14.28 16.09
CA ASN E 120 61.28 15.56 15.59
C ASN E 120 60.21 16.38 14.88
N ILE E 121 58.98 16.29 15.37
CA ILE E 121 57.84 16.86 14.67
C ILE E 121 58.00 18.34 14.31
N GLU E 122 58.61 19.12 15.17
CA GLU E 122 58.67 20.56 14.90
C GLU E 122 59.65 20.92 13.80
N ALA E 123 60.75 20.16 13.72
CA ALA E 123 61.72 20.34 12.64
C ALA E 123 61.11 19.82 11.35
N LEU E 124 60.31 18.77 11.48
CA LEU E 124 59.61 18.18 10.35
C LEU E 124 58.62 19.16 9.72
N LEU E 125 57.98 19.95 10.58
CA LEU E 125 57.04 20.98 10.12
C LEU E 125 57.66 22.06 9.22
N ASP E 126 58.97 22.28 9.36
CA ASP E 126 59.69 23.21 8.50
C ASP E 126 60.07 22.60 7.16
N LEU E 127 60.07 21.28 7.08
CA LEU E 127 60.42 20.57 5.87
C LEU E 127 59.22 20.33 4.95
N VAL E 128 58.04 20.15 5.53
CA VAL E 128 56.88 19.77 4.73
C VAL E 128 55.61 20.55 5.08
N THR E 129 54.66 20.55 4.16
CA THR E 129 53.30 20.95 4.46
C THR E 129 52.46 19.68 4.63
N PHE E 130 51.89 19.49 5.81
CA PHE E 130 51.01 18.37 6.04
C PHE E 130 49.66 18.58 5.37
N VAL E 131 49.16 17.52 4.74
CA VAL E 131 47.81 17.52 4.20
C VAL E 131 46.99 16.45 4.89
N GLY E 132 45.97 16.85 5.63
CA GLY E 132 45.13 15.90 6.32
C GLY E 132 43.91 15.57 5.49
N VAL E 133 43.58 14.29 5.40
CA VAL E 133 42.38 13.85 4.70
C VAL E 133 41.22 13.78 5.67
N ALA E 134 40.21 14.63 5.46
CA ALA E 134 39.03 14.63 6.30
C ALA E 134 37.84 14.04 5.56
N ARG E 135 36.91 13.46 6.31
CA ARG E 135 35.61 13.11 5.76
C ARG E 135 34.92 14.40 5.36
N PRO E 136 34.10 14.37 4.30
CA PRO E 136 33.34 15.56 3.87
C PRO E 136 32.47 16.16 4.97
N GLY E 137 32.61 17.47 5.18
CA GLY E 137 31.86 18.17 6.22
C GLY E 137 32.61 18.30 7.53
N TYR E 138 33.86 17.82 7.53
CA TYR E 138 34.61 17.69 8.76
C TYR E 138 35.75 18.66 8.85
N LYS E 139 35.90 19.23 10.03
CA LYS E 139 37.06 20.06 10.33
C LYS E 139 38.02 19.29 11.20
N LEU E 140 39.29 19.32 10.81
CA LEU E 140 40.35 18.66 11.56
C LEU E 140 40.82 19.56 12.70
N ARG E 141 40.97 18.97 13.90
CA ARG E 141 41.46 19.70 15.05
C ARG E 141 42.95 19.43 15.25
N THR E 142 43.75 20.49 15.23
CA THR E 142 45.20 20.36 15.44
C THR E 142 45.88 21.67 15.76
N PRO E 143 46.92 21.62 16.60
CA PRO E 143 47.70 22.79 17.00
C PRO E 143 48.53 23.29 15.83
N TYR E 144 48.87 22.39 14.93
CA TYR E 144 49.77 22.72 13.83
C TYR E 144 49.01 23.23 12.62
N PRO E 145 49.70 24.02 11.78
CA PRO E 145 49.10 24.59 10.57
C PRO E 145 49.09 23.57 9.44
N ILE E 146 47.99 22.85 9.27
CA ILE E 146 47.93 21.88 8.19
C ILE E 146 46.83 22.20 7.17
N THR E 147 46.97 21.64 5.99
CA THR E 147 45.97 21.77 4.93
C THR E 147 44.97 20.61 5.01
N THR E 148 43.70 20.90 4.78
CA THR E 148 42.67 19.87 4.81
C THR E 148 42.12 19.61 3.41
N VAL E 149 42.01 18.35 3.02
CA VAL E 149 41.31 18.01 1.79
C VAL E 149 40.20 17.04 2.15
N GLU E 150 38.97 17.33 1.72
CA GLU E 150 37.82 16.48 2.01
C GLU E 150 37.67 15.38 0.99
N ILE E 151 37.61 14.14 1.47
CA ILE E 151 37.58 12.98 0.61
C ILE E 151 36.65 11.95 1.19
N PRO E 152 35.74 11.39 0.35
CA PRO E 152 34.82 10.36 0.84
C PRO E 152 35.63 9.22 1.41
N GLU E 153 35.19 8.66 2.53
CA GLU E 153 35.94 7.58 3.13
C GLU E 153 35.87 6.32 2.29
N PHE E 154 37.03 5.74 2.06
CA PHE E 154 37.15 4.47 1.40
C PHE E 154 38.02 3.59 2.28
N ALA E 155 37.40 2.86 3.19
CA ALA E 155 38.09 2.14 4.25
C ALA E 155 38.77 0.86 3.81
N VAL E 156 39.41 0.87 2.66
CA VAL E 156 40.16 -0.29 2.19
C VAL E 156 41.62 -0.13 2.63
N SER E 157 42.31 -1.23 2.86
CA SER E 157 43.71 -1.17 3.27
C SER E 157 44.47 -2.39 2.76
N SER E 158 45.78 -2.28 2.68
CA SER E 158 46.59 -3.40 2.25
C SER E 158 46.32 -4.65 3.08
N SER E 159 46.33 -4.51 4.40
CA SER E 159 46.16 -5.69 5.24
C SER E 159 44.79 -6.35 5.05
N LEU E 160 43.73 -5.56 4.89
CA LEU E 160 42.42 -6.12 4.63
C LEU E 160 42.45 -6.97 3.35
N LEU E 161 43.10 -6.45 2.31
CA LEU E 161 43.19 -7.17 1.05
C LEU E 161 44.00 -8.48 1.20
N ARG E 162 45.12 -8.41 1.91
CA ARG E 162 45.90 -9.62 2.16
C ARG E 162 45.08 -10.72 2.84
N GLU E 163 44.36 -10.36 3.91
CA GLU E 163 43.46 -11.32 4.53
C GLU E 163 42.57 -11.96 3.48
N ARG E 164 41.91 -11.12 2.71
CA ARG E 164 40.89 -11.58 1.80
C ARG E 164 41.43 -12.52 0.78
N TYR E 165 42.52 -12.15 0.16
CA TYR E 165 43.20 -13.03 -0.77
C TYR E 165 43.52 -14.38 -0.13
N LYS E 166 43.89 -14.36 1.15
CA LYS E 166 44.18 -15.60 1.86
C LYS E 166 42.91 -16.44 2.02
N GLU E 167 41.79 -15.80 2.29
CA GLU E 167 40.51 -16.49 2.43
C GLU E 167 39.81 -16.72 1.10
N LYS E 168 40.55 -16.56 0.00
CA LYS E 168 39.95 -16.60 -1.33
C LYS E 168 38.60 -15.82 -1.46
N LYS E 169 38.58 -14.60 -0.95
CA LYS E 169 37.39 -13.76 -0.95
C LYS E 169 37.51 -12.64 -1.98
N THR E 170 36.38 -12.18 -2.52
CA THR E 170 36.35 -11.22 -3.62
C THR E 170 37.07 -9.91 -3.27
N CYS E 171 37.77 -9.33 -4.23
CA CYS E 171 38.40 -8.04 -4.00
C CYS E 171 38.00 -7.09 -5.08
N LYS E 172 36.93 -7.43 -5.77
CA LYS E 172 36.49 -6.64 -6.91
C LYS E 172 36.17 -5.22 -6.45
N TYR E 173 36.67 -4.23 -7.19
CA TYR E 173 36.42 -2.82 -6.88
C TYR E 173 37.32 -2.24 -5.78
N LEU E 174 38.14 -3.06 -5.16
CA LEU E 174 39.00 -2.56 -4.10
C LEU E 174 40.40 -2.15 -4.57
N LEU E 175 40.90 -2.78 -5.63
CA LEU E 175 42.22 -2.45 -6.14
C LEU E 175 42.15 -2.69 -7.63
N PRO E 176 43.05 -2.06 -8.39
CA PRO E 176 43.03 -2.14 -9.86
C PRO E 176 43.09 -3.56 -10.36
N GLU E 177 42.26 -3.78 -11.37
CA GLU E 177 42.17 -5.07 -12.04
C GLU E 177 43.56 -5.60 -12.42
N LYS E 178 44.45 -4.70 -12.86
CA LYS E 178 45.82 -5.08 -13.22
C LYS E 178 46.63 -5.64 -12.06
N VAL E 179 46.47 -5.04 -10.88
CA VAL E 179 47.19 -5.48 -9.68
C VAL E 179 46.64 -6.84 -9.25
N GLN E 180 45.32 -7.00 -9.39
CA GLN E 180 44.69 -8.28 -9.02
C GLN E 180 45.28 -9.41 -9.85
N VAL E 181 45.39 -9.17 -11.17
CA VAL E 181 45.97 -10.14 -12.07
C VAL E 181 47.39 -10.49 -11.66
N TYR E 182 48.18 -9.47 -11.38
CA TYR E 182 49.56 -9.69 -10.92
C TYR E 182 49.56 -10.60 -9.70
N ILE E 183 48.70 -10.28 -8.75
CA ILE E 183 48.59 -11.03 -7.50
C ILE E 183 48.25 -12.51 -7.74
N GLU E 184 47.24 -12.76 -8.56
CA GLU E 184 46.77 -14.12 -8.80
C GLU E 184 47.79 -14.90 -9.61
N ARG E 185 48.37 -14.20 -10.57
CA ARG E 185 49.36 -14.79 -11.44
C ARG E 185 50.56 -15.30 -10.66
N ASN E 186 51.03 -14.46 -9.74
CA ASN E 186 52.24 -14.75 -8.98
C ASN E 186 51.96 -15.42 -7.67
N GLY E 187 50.69 -15.63 -7.36
CA GLY E 187 50.27 -16.33 -6.16
C GLY E 187 50.69 -15.67 -4.86
N LEU E 188 50.59 -14.34 -4.82
CA LEU E 188 50.85 -13.59 -3.61
C LEU E 188 49.73 -13.80 -2.61
N TYR E 189 50.07 -13.72 -1.33
CA TYR E 189 49.10 -13.73 -0.25
C TYR E 189 48.36 -15.05 -0.05
N GLU E 190 49.05 -16.17 -0.25
CA GLU E 190 48.49 -17.47 0.13
C GLU E 190 49.47 -18.32 0.94
N MET F 3 -4.75 0.68 -36.26
CA MET F 3 -5.14 0.10 -37.54
C MET F 3 -5.88 -1.25 -37.45
N ARG F 4 -5.13 -2.36 -37.33
CA ARG F 4 -5.74 -3.68 -37.06
C ARG F 4 -6.49 -3.71 -35.74
N LYS F 5 -7.82 -3.79 -35.79
CA LYS F 5 -8.66 -3.87 -34.59
C LYS F 5 -8.82 -5.31 -34.09
N ILE F 6 -8.28 -5.60 -32.91
CA ILE F 6 -8.32 -6.92 -32.34
C ILE F 6 -8.99 -6.87 -30.97
N GLY F 7 -9.94 -7.79 -30.74
CA GLY F 7 -10.61 -7.90 -29.47
C GLY F 7 -9.84 -8.81 -28.57
N ILE F 8 -9.87 -8.55 -27.27
CA ILE F 8 -9.26 -9.44 -26.30
C ILE F 8 -10.34 -9.90 -25.33
N ILE F 9 -10.42 -11.21 -25.12
CA ILE F 9 -11.33 -11.75 -24.10
C ILE F 9 -10.59 -12.71 -23.19
N GLY F 10 -10.43 -12.31 -21.93
CA GLY F 10 -9.72 -13.11 -20.95
C GLY F 10 -10.66 -14.00 -20.17
N GLY F 11 -10.10 -15.01 -19.53
CA GLY F 11 -10.89 -15.93 -18.72
C GLY F 11 -10.06 -17.15 -18.36
N THR F 12 -10.57 -17.99 -17.47
CA THR F 12 -9.91 -19.23 -17.13
C THR F 12 -10.10 -20.22 -18.28
N PHE F 13 -11.26 -20.13 -18.93
CA PHE F 13 -11.67 -21.09 -19.96
C PHE F 13 -11.53 -22.51 -19.43
N ASP F 14 -12.12 -22.71 -18.25
CA ASP F 14 -11.97 -23.94 -17.50
C ASP F 14 -13.34 -24.47 -17.03
N PRO F 15 -14.22 -24.83 -17.97
CA PRO F 15 -13.99 -24.92 -19.42
C PRO F 15 -14.45 -23.68 -20.20
N PRO F 16 -14.09 -23.60 -21.50
CA PRO F 16 -14.64 -22.54 -22.37
C PRO F 16 -16.10 -22.86 -22.66
N HIS F 17 -16.92 -21.85 -22.92
CA HIS F 17 -18.34 -22.14 -23.12
C HIS F 17 -19.01 -21.18 -24.08
N TYR F 18 -20.29 -21.40 -24.32
CA TYR F 18 -21.02 -20.59 -25.31
C TYR F 18 -21.16 -19.12 -24.90
N GLY F 19 -20.98 -18.84 -23.60
CA GLY F 19 -20.98 -17.46 -23.16
C GLY F 19 -19.83 -16.69 -23.80
N HIS F 20 -18.67 -17.33 -23.83
CA HIS F 20 -17.47 -16.76 -24.40
C HIS F 20 -17.68 -16.53 -25.88
N LEU F 21 -18.15 -17.56 -26.56
CA LEU F 21 -18.32 -17.51 -28.00
C LEU F 21 -19.33 -16.42 -28.40
N LEU F 22 -20.42 -16.33 -27.65
CA LEU F 22 -21.43 -15.33 -27.91
C LEU F 22 -20.85 -13.92 -27.80
N ILE F 23 -20.15 -13.65 -26.71
CA ILE F 23 -19.55 -12.35 -26.52
C ILE F 23 -18.56 -12.01 -27.66
N ALA F 24 -17.61 -12.91 -27.88
CA ALA F 24 -16.64 -12.76 -28.94
C ALA F 24 -17.31 -12.46 -30.27
N ASN F 25 -18.39 -13.19 -30.59
CA ASN F 25 -19.08 -12.97 -31.87
C ASN F 25 -19.76 -11.60 -31.96
N GLU F 26 -20.50 -11.24 -30.91
CA GLU F 26 -21.21 -9.97 -30.88
C GLU F 26 -20.29 -8.78 -31.03
N VAL F 27 -19.20 -8.79 -30.27
CA VAL F 27 -18.24 -7.71 -30.31
C VAL F 27 -17.52 -7.65 -31.64
N TYR F 28 -17.11 -8.81 -32.14
CA TYR F 28 -16.53 -8.93 -33.46
C TYR F 28 -17.38 -8.19 -34.51
N HIS F 29 -18.68 -8.46 -34.51
CA HIS F 29 -19.55 -7.86 -35.51
C HIS F 29 -19.87 -6.41 -35.18
N ALA F 30 -20.19 -6.14 -33.92
CA ALA F 30 -20.58 -4.78 -33.51
C ALA F 30 -19.50 -3.75 -33.86
N LEU F 31 -18.23 -4.09 -33.55
CA LEU F 31 -17.13 -3.14 -33.70
C LEU F 31 -16.34 -3.39 -34.95
N ASN F 32 -16.76 -4.38 -35.71
CA ASN F 32 -16.11 -4.68 -36.98
C ASN F 32 -14.62 -4.96 -36.76
N LEU F 33 -14.33 -5.88 -35.84
CA LEU F 33 -12.95 -6.27 -35.56
C LEU F 33 -12.41 -7.18 -36.63
N GLU F 34 -11.10 -7.33 -36.66
CA GLU F 34 -10.48 -8.24 -37.58
C GLU F 34 -10.47 -9.63 -36.94
N GLU F 35 -10.20 -9.65 -35.63
CA GLU F 35 -10.04 -10.89 -34.88
C GLU F 35 -10.41 -10.68 -33.44
N VAL F 36 -10.73 -11.79 -32.77
CA VAL F 36 -10.85 -11.80 -31.32
C VAL F 36 -9.87 -12.84 -30.76
N TRP F 37 -9.04 -12.41 -29.80
CA TRP F 37 -8.11 -13.34 -29.16
C TRP F 37 -8.62 -13.75 -27.82
N PHE F 38 -8.70 -15.06 -27.61
CA PHE F 38 -9.01 -15.59 -26.30
C PHE F 38 -7.73 -15.66 -25.51
N LEU F 39 -7.75 -15.05 -24.33
CA LEU F 39 -6.57 -14.94 -23.47
C LEU F 39 -6.74 -15.68 -22.15
N PRO F 40 -6.31 -16.95 -22.09
CA PRO F 40 -6.38 -17.79 -20.88
C PRO F 40 -5.55 -17.22 -19.73
N ASN F 41 -6.10 -17.15 -18.52
CA ASN F 41 -5.30 -16.73 -17.37
C ASN F 41 -4.37 -17.84 -16.94
N GLN F 42 -3.75 -17.68 -15.78
CA GLN F 42 -2.87 -18.72 -15.24
C GLN F 42 -3.54 -19.51 -14.12
N ILE F 52 -6.91 -28.77 -9.91
CA ILE F 52 -6.83 -27.79 -11.00
C ILE F 52 -6.54 -28.42 -12.36
N THR F 53 -7.30 -27.99 -13.38
CA THR F 53 -7.17 -28.48 -14.74
C THR F 53 -5.80 -28.08 -15.29
N SER F 54 -5.18 -28.97 -16.05
CA SER F 54 -3.89 -28.67 -16.67
C SER F 54 -4.03 -27.59 -17.74
N VAL F 55 -2.95 -26.85 -17.96
CA VAL F 55 -2.91 -25.88 -19.04
C VAL F 55 -3.18 -26.57 -20.37
N GLU F 56 -2.65 -27.79 -20.53
CA GLU F 56 -2.83 -28.52 -21.78
C GLU F 56 -4.28 -28.89 -22.04
N SER F 57 -4.99 -29.19 -20.98
CA SER F 57 -6.40 -29.49 -21.15
C SER F 57 -7.22 -28.25 -21.51
N ARG F 58 -6.88 -27.13 -20.87
CA ARG F 58 -7.58 -25.88 -21.12
C ARG F 58 -7.37 -25.41 -22.56
N LEU F 59 -6.12 -25.53 -23.02
CA LEU F 59 -5.78 -25.11 -24.37
C LEU F 59 -6.50 -25.97 -25.39
N GLN F 60 -6.55 -27.27 -25.14
CA GLN F 60 -7.20 -28.15 -26.09
C GLN F 60 -8.70 -27.92 -26.20
N MET F 61 -9.32 -27.61 -25.06
CA MET F 61 -10.75 -27.34 -25.04
C MET F 61 -11.00 -26.03 -25.75
N LEU F 62 -10.13 -25.06 -25.48
CA LEU F 62 -10.23 -23.73 -26.08
C LEU F 62 -10.11 -23.85 -27.59
N GLU F 63 -9.20 -24.72 -28.03
CA GLU F 63 -9.01 -25.02 -29.43
C GLU F 63 -10.27 -25.61 -30.06
N LEU F 64 -10.84 -26.62 -29.40
CA LEU F 64 -12.09 -27.24 -29.85
C LEU F 64 -13.23 -26.21 -29.89
N ALA F 65 -13.30 -25.38 -28.85
CA ALA F 65 -14.34 -24.36 -28.81
C ALA F 65 -14.27 -23.38 -29.99
N THR F 66 -13.05 -23.08 -30.44
CA THR F 66 -12.83 -22.03 -31.43
C THR F 66 -12.42 -22.52 -32.81
N GLU F 67 -12.22 -23.82 -32.98
CA GLU F 67 -11.65 -24.32 -34.23
C GLU F 67 -12.42 -23.90 -35.50
N ALA F 68 -13.69 -23.55 -35.34
CA ALA F 68 -14.55 -23.31 -36.50
C ALA F 68 -14.56 -21.90 -37.06
N GLU F 69 -13.85 -20.96 -36.45
CA GLU F 69 -13.88 -19.59 -36.96
C GLU F 69 -12.51 -18.96 -37.04
N GLU F 70 -12.02 -18.77 -38.26
CA GLU F 70 -10.66 -18.27 -38.45
C GLU F 70 -10.37 -16.99 -37.68
N HIS F 71 -11.43 -16.25 -37.38
CA HIS F 71 -11.31 -14.96 -36.70
C HIS F 71 -11.25 -15.01 -35.16
N PHE F 72 -11.29 -16.22 -34.59
CA PHE F 72 -11.07 -16.41 -33.16
C PHE F 72 -9.69 -17.02 -33.03
N SER F 73 -8.84 -16.50 -32.15
CA SER F 73 -7.52 -17.09 -31.96
C SER F 73 -7.17 -17.18 -30.49
N ILE F 74 -6.21 -18.04 -30.17
CA ILE F 74 -5.77 -18.20 -28.80
C ILE F 74 -4.49 -17.42 -28.58
N CYS F 75 -4.45 -16.65 -27.50
CA CYS F 75 -3.26 -15.86 -27.16
C CYS F 75 -2.68 -16.32 -25.84
N LEU F 76 -1.42 -16.74 -25.87
CA LEU F 76 -0.79 -17.36 -24.71
C LEU F 76 0.03 -16.43 -23.81
N GLU F 77 -0.02 -15.12 -24.10
CA GLU F 77 0.77 -14.17 -23.33
C GLU F 77 0.73 -14.41 -21.81
N GLU F 78 -0.45 -14.53 -21.23
CA GLU F 78 -0.57 -14.73 -19.78
C GLU F 78 -0.27 -16.17 -19.36
N LEU F 79 0.22 -16.98 -20.30
CA LEU F 79 0.58 -18.37 -19.99
C LEU F 79 2.07 -18.60 -19.75
N SER F 80 2.91 -17.82 -20.44
CA SER F 80 4.36 -17.94 -20.30
C SER F 80 4.78 -17.79 -18.84
N SER F 85 -0.62 -12.26 -13.00
CA SER F 85 -0.57 -11.15 -13.96
C SER F 85 -1.67 -10.09 -13.82
N TYR F 86 -1.25 -8.84 -13.59
CA TYR F 86 -2.17 -7.72 -13.78
C TYR F 86 -2.36 -7.50 -15.28
N THR F 87 -3.53 -6.97 -15.61
CA THR F 87 -3.90 -6.72 -16.98
C THR F 87 -2.94 -5.74 -17.65
N TYR F 88 -2.52 -4.70 -16.92
CA TYR F 88 -1.57 -3.74 -17.44
C TYR F 88 -0.29 -4.39 -17.96
N ASP F 89 0.27 -5.32 -17.18
CA ASP F 89 1.49 -6.00 -17.60
C ASP F 89 1.27 -6.70 -18.92
N THR F 90 0.16 -7.43 -18.99
CA THR F 90 -0.18 -8.22 -20.17
C THR F 90 -0.35 -7.35 -21.40
N MET F 91 -1.11 -6.28 -21.25
CA MET F 91 -1.38 -5.38 -22.37
C MET F 91 -0.14 -4.60 -22.80
N LEU F 92 0.73 -4.29 -21.84
CA LEU F 92 2.01 -3.67 -22.13
C LEU F 92 2.82 -4.58 -23.06
N GLN F 93 2.93 -5.84 -22.69
CA GLN F 93 3.63 -6.81 -23.52
C GLN F 93 3.02 -6.94 -24.91
N LEU F 94 1.69 -7.02 -24.98
CA LEU F 94 1.03 -7.20 -26.26
C LEU F 94 1.17 -5.99 -27.16
N THR F 95 1.09 -4.78 -26.60
CA THR F 95 1.25 -3.57 -27.39
C THR F 95 2.68 -3.44 -27.88
N LYS F 96 3.64 -3.88 -27.06
CA LYS F 96 5.02 -3.91 -27.52
C LYS F 96 5.15 -4.90 -28.68
N LYS F 97 4.56 -6.09 -28.55
CA LYS F 97 4.70 -7.10 -29.59
C LYS F 97 3.96 -6.78 -30.88
N TYR F 98 2.78 -6.17 -30.75
CA TYR F 98 1.94 -5.85 -31.90
C TYR F 98 1.61 -4.37 -31.94
N PRO F 99 2.60 -3.57 -32.35
CA PRO F 99 2.55 -2.10 -32.30
C PRO F 99 1.45 -1.48 -33.17
N ASP F 100 1.05 -2.12 -34.26
CA ASP F 100 0.01 -1.50 -35.07
C ASP F 100 -1.35 -2.18 -34.89
N VAL F 101 -1.55 -2.77 -33.71
CA VAL F 101 -2.84 -3.30 -33.30
C VAL F 101 -3.53 -2.36 -32.31
N GLN F 102 -4.79 -2.07 -32.57
CA GLN F 102 -5.63 -1.38 -31.59
C GLN F 102 -6.39 -2.45 -30.82
N PHE F 103 -5.99 -2.68 -29.57
CA PHE F 103 -6.62 -3.72 -28.76
C PHE F 103 -7.92 -3.26 -28.13
N HIS F 104 -8.94 -4.10 -28.25
CA HIS F 104 -10.24 -3.83 -27.64
C HIS F 104 -10.44 -4.83 -26.52
N PHE F 105 -10.27 -4.36 -25.29
CA PHE F 105 -10.34 -5.24 -24.13
C PHE F 105 -11.78 -5.39 -23.64
N ILE F 106 -12.30 -6.61 -23.74
CA ILE F 106 -13.70 -6.82 -23.48
C ILE F 106 -13.95 -7.16 -22.02
N ILE F 107 -14.89 -6.46 -21.41
CA ILE F 107 -15.26 -6.72 -20.02
C ILE F 107 -16.77 -6.73 -19.87
N GLY F 108 -17.24 -7.41 -18.82
CA GLY F 108 -18.65 -7.38 -18.46
C GLY F 108 -19.04 -5.99 -17.99
N GLY F 109 -20.31 -5.63 -18.20
CA GLY F 109 -20.83 -4.37 -17.72
C GLY F 109 -20.73 -4.21 -16.21
N ASP F 110 -20.86 -5.32 -15.49
CA ASP F 110 -20.79 -5.29 -14.04
C ASP F 110 -19.41 -4.90 -13.57
N MET F 111 -18.43 -5.08 -14.44
CA MET F 111 -17.04 -4.81 -14.10
C MET F 111 -16.68 -3.34 -14.29
N VAL F 112 -17.43 -2.67 -15.16
CA VAL F 112 -17.15 -1.29 -15.55
C VAL F 112 -17.11 -0.32 -14.36
N GLU F 113 -18.10 -0.44 -13.46
CA GLU F 113 -18.19 0.37 -12.26
C GLU F 113 -16.90 0.32 -11.40
N TYR F 114 -16.08 -0.71 -11.62
CA TYR F 114 -14.92 -0.96 -10.75
C TYR F 114 -13.54 -0.67 -11.40
N LEU F 115 -13.52 -0.28 -12.67
CA LEU F 115 -12.27 -0.01 -13.39
C LEU F 115 -11.27 0.88 -12.65
N PRO F 116 -11.77 1.92 -11.94
CA PRO F 116 -10.84 2.78 -11.21
C PRO F 116 -9.99 2.01 -10.19
N LYS F 117 -10.41 0.79 -9.83
CA LYS F 117 -9.69 0.00 -8.85
C LYS F 117 -8.61 -0.89 -9.44
N TRP F 118 -8.52 -0.93 -10.77
CA TRP F 118 -7.54 -1.77 -11.45
C TRP F 118 -6.14 -1.21 -11.36
N TYR F 119 -5.17 -2.11 -11.21
CA TYR F 119 -3.78 -1.74 -11.19
C TYR F 119 -3.42 -0.88 -12.41
N ASN F 120 -2.89 0.30 -12.15
CA ASN F 120 -2.38 1.17 -13.19
C ASN F 120 -3.43 1.49 -14.24
N ILE F 121 -4.67 1.64 -13.80
CA ILE F 121 -5.78 1.84 -14.71
C ILE F 121 -5.59 2.99 -15.71
N GLU F 122 -5.03 4.12 -15.28
CA GLU F 122 -4.91 5.24 -16.21
C GLU F 122 -3.79 5.11 -17.25
N ALA F 123 -2.75 4.33 -16.96
CA ALA F 123 -1.76 3.97 -17.98
C ALA F 123 -2.34 2.90 -18.90
N LEU F 124 -3.17 2.04 -18.31
CA LEU F 124 -3.83 0.98 -19.06
C LEU F 124 -4.81 1.54 -20.09
N LEU F 125 -5.45 2.65 -19.76
CA LEU F 125 -6.37 3.31 -20.69
C LEU F 125 -5.71 3.82 -21.97
N ASP F 126 -4.40 4.05 -21.92
CA ASP F 126 -3.66 4.49 -23.10
C ASP F 126 -3.25 3.30 -23.97
N LEU F 127 -3.29 2.11 -23.38
CA LEU F 127 -2.89 0.89 -24.10
C LEU F 127 -4.06 0.22 -24.83
N VAL F 128 -5.27 0.32 -24.27
CA VAL F 128 -6.42 -0.41 -24.83
C VAL F 128 -7.68 0.45 -24.90
N THR F 129 -8.61 -0.01 -25.71
CA THR F 129 -9.95 0.53 -25.72
C THR F 129 -10.81 -0.50 -25.02
N PHE F 130 -11.42 -0.11 -23.91
CA PHE F 130 -12.32 -1.01 -23.20
C PHE F 130 -13.66 -1.15 -23.90
N VAL F 131 -14.15 -2.38 -23.95
CA VAL F 131 -15.47 -2.64 -24.49
C VAL F 131 -16.30 -3.28 -23.40
N GLY F 132 -17.35 -2.59 -22.96
CA GLY F 132 -18.21 -3.11 -21.93
C GLY F 132 -19.41 -3.80 -22.54
N VAL F 133 -19.74 -4.96 -21.99
CA VAL F 133 -20.92 -5.68 -22.44
C VAL F 133 -22.15 -5.30 -21.61
N ALA F 134 -23.13 -4.70 -22.25
CA ALA F 134 -24.34 -4.27 -21.55
C ALA F 134 -25.53 -5.10 -21.98
N ARG F 135 -26.48 -5.27 -21.06
CA ARG F 135 -27.76 -5.84 -21.40
C ARG F 135 -28.44 -4.89 -22.38
N PRO F 136 -29.24 -5.45 -23.29
CA PRO F 136 -29.95 -4.62 -24.26
C PRO F 136 -30.81 -3.54 -23.59
N GLY F 137 -30.66 -2.30 -24.06
CA GLY F 137 -31.45 -1.20 -23.55
C GLY F 137 -30.79 -0.49 -22.39
N TYR F 138 -29.62 -0.97 -21.99
CA TYR F 138 -28.91 -0.41 -20.84
C TYR F 138 -27.74 0.49 -21.24
N LYS F 139 -27.57 1.59 -20.52
CA LYS F 139 -26.40 2.45 -20.68
C LYS F 139 -25.44 2.22 -19.52
N LEU F 140 -24.16 2.04 -19.84
CA LEU F 140 -23.15 1.84 -18.81
C LEU F 140 -22.70 3.18 -18.24
N ARG F 141 -22.59 3.25 -16.92
CA ARG F 141 -22.12 4.46 -16.25
C ARG F 141 -20.64 4.33 -15.90
N THR F 142 -19.83 5.26 -16.41
CA THR F 142 -18.39 5.23 -16.12
C THR F 142 -17.70 6.56 -16.45
N PRO F 143 -16.67 6.91 -15.66
CA PRO F 143 -15.90 8.15 -15.85
C PRO F 143 -15.02 8.04 -17.08
N TYR F 144 -14.65 6.81 -17.42
CA TYR F 144 -13.73 6.55 -18.52
C TYR F 144 -14.44 6.43 -19.86
N PRO F 145 -13.72 6.71 -20.95
CA PRO F 145 -14.27 6.63 -22.30
C PRO F 145 -14.28 5.19 -22.80
N ILE F 146 -15.39 4.47 -22.63
CA ILE F 146 -15.43 3.10 -23.10
C ILE F 146 -16.48 2.87 -24.17
N THR F 147 -16.32 1.79 -24.94
CA THR F 147 -17.28 1.42 -25.96
C THR F 147 -18.27 0.43 -25.37
N THR F 148 -19.53 0.54 -25.78
CA THR F 148 -20.58 -0.35 -25.27
C THR F 148 -21.08 -1.24 -26.39
N VAL F 149 -21.22 -2.52 -26.10
CA VAL F 149 -21.90 -3.45 -27.01
C VAL F 149 -23.03 -4.13 -26.27
N GLU F 150 -24.22 -4.09 -26.86
CA GLU F 150 -25.39 -4.69 -26.23
C GLU F 150 -25.52 -6.15 -26.62
N ILE F 151 -25.55 -7.02 -25.61
CA ILE F 151 -25.59 -8.46 -25.82
C ILE F 151 -26.55 -9.08 -24.82
N PRO F 152 -27.42 -9.98 -25.30
CA PRO F 152 -28.39 -10.62 -24.41
C PRO F 152 -27.62 -11.35 -23.31
N GLU F 153 -28.10 -11.27 -22.08
CA GLU F 153 -27.37 -11.92 -21.01
C GLU F 153 -27.44 -13.43 -21.16
N PHE F 154 -26.29 -14.06 -21.08
CA PHE F 154 -26.19 -15.50 -21.01
C PHE F 154 -25.36 -15.79 -19.75
N ALA F 155 -26.03 -16.08 -18.64
CA ALA F 155 -25.36 -16.15 -17.35
C ALA F 155 -24.64 -17.48 -17.08
N VAL F 156 -23.94 -18.01 -18.09
CA VAL F 156 -23.20 -19.24 -17.92
C VAL F 156 -21.77 -18.87 -17.57
N SER F 157 -21.09 -19.71 -16.77
CA SER F 157 -19.69 -19.46 -16.42
C SER F 157 -18.95 -20.78 -16.24
N SER F 158 -17.63 -20.73 -16.29
CA SER F 158 -16.81 -21.92 -16.14
C SER F 158 -17.08 -22.60 -14.83
N SER F 159 -17.12 -21.84 -13.76
CA SER F 159 -17.35 -22.44 -12.44
C SER F 159 -18.72 -23.11 -12.32
N LEU F 160 -19.76 -22.50 -12.91
CA LEU F 160 -21.07 -23.11 -12.89
C LEU F 160 -21.01 -24.46 -13.57
N LEU F 161 -20.32 -24.51 -14.70
CA LEU F 161 -20.19 -25.74 -15.46
C LEU F 161 -19.42 -26.82 -14.69
N ARG F 162 -18.35 -26.43 -14.00
CA ARG F 162 -17.56 -27.38 -13.21
C ARG F 162 -18.41 -27.99 -12.10
N GLU F 163 -19.06 -27.10 -11.36
CA GLU F 163 -20.04 -27.47 -10.34
C GLU F 163 -21.09 -28.44 -10.89
N ARG F 164 -21.66 -28.13 -12.05
CA ARG F 164 -22.59 -29.03 -12.71
C ARG F 164 -22.01 -30.42 -13.07
N TYR F 165 -20.89 -30.48 -13.78
CA TYR F 165 -20.27 -31.74 -14.17
C TYR F 165 -20.00 -32.63 -12.97
N LYS F 166 -19.65 -32.01 -11.85
CA LYS F 166 -19.37 -32.75 -10.64
C LYS F 166 -20.63 -33.43 -10.13
N GLU F 167 -21.76 -32.74 -10.28
CA GLU F 167 -23.05 -33.28 -9.87
C GLU F 167 -23.74 -34.10 -10.95
N LYS F 168 -22.99 -34.45 -12.00
CA LYS F 168 -23.55 -35.18 -13.15
C LYS F 168 -24.87 -34.59 -13.64
N LYS F 169 -24.87 -33.27 -13.77
CA LYS F 169 -26.03 -32.54 -14.23
C LYS F 169 -25.85 -32.09 -15.68
N THR F 170 -26.96 -31.97 -16.39
CA THR F 170 -26.94 -31.66 -17.82
C THR F 170 -26.20 -30.34 -18.12
N CYS F 171 -25.46 -30.31 -19.22
CA CYS F 171 -24.81 -29.07 -19.64
C CYS F 171 -25.17 -28.72 -21.08
N LYS F 172 -26.19 -29.41 -21.59
CA LYS F 172 -26.58 -29.23 -22.97
C LYS F 172 -26.88 -27.75 -23.24
N TYR F 173 -26.35 -27.23 -24.34
CA TYR F 173 -26.66 -25.86 -24.76
C TYR F 173 -25.79 -24.83 -24.05
N LEU F 174 -25.02 -25.25 -23.06
CA LEU F 174 -24.17 -24.29 -22.34
C LEU F 174 -22.74 -24.16 -22.92
N LEU F 175 -22.23 -25.24 -23.50
CA LEU F 175 -20.91 -25.21 -24.07
C LEU F 175 -20.92 -26.14 -25.28
N PRO F 176 -19.97 -25.95 -26.20
CA PRO F 176 -19.93 -26.72 -27.44
C PRO F 176 -19.81 -28.21 -27.18
N GLU F 177 -20.56 -29.00 -27.97
CA GLU F 177 -20.62 -30.44 -27.81
C GLU F 177 -19.23 -31.03 -27.86
N LYS F 178 -18.40 -30.46 -28.71
CA LYS F 178 -17.03 -30.93 -28.87
C LYS F 178 -16.25 -30.79 -27.57
N VAL F 179 -16.50 -29.70 -26.84
CA VAL F 179 -15.85 -29.49 -25.55
C VAL F 179 -16.42 -30.45 -24.50
N GLN F 180 -17.73 -30.68 -24.58
CA GLN F 180 -18.41 -31.64 -23.70
C GLN F 180 -17.81 -33.03 -23.83
N VAL F 181 -17.66 -33.48 -25.08
CA VAL F 181 -17.08 -34.78 -25.40
C VAL F 181 -15.67 -34.88 -24.83
N TYR F 182 -14.87 -33.83 -25.05
CA TYR F 182 -13.52 -33.79 -24.51
C TYR F 182 -13.57 -33.99 -23.00
N ILE F 183 -14.47 -33.25 -22.35
CA ILE F 183 -14.60 -33.30 -20.90
C ILE F 183 -14.96 -34.70 -20.39
N GLU F 184 -15.93 -35.34 -21.04
CA GLU F 184 -16.38 -36.64 -20.60
C GLU F 184 -15.34 -37.73 -20.89
N ARG F 185 -14.71 -37.63 -22.05
CA ARG F 185 -13.71 -38.59 -22.48
C ARG F 185 -12.42 -38.52 -21.67
N ASN F 186 -12.06 -37.35 -21.17
CA ASN F 186 -10.85 -37.20 -20.35
C ASN F 186 -11.19 -37.09 -18.84
N GLY F 187 -12.46 -37.30 -18.50
CA GLY F 187 -12.92 -37.29 -17.11
C GLY F 187 -12.59 -36.05 -16.29
N LEU F 188 -12.71 -34.87 -16.92
CA LEU F 188 -12.50 -33.63 -16.21
C LEU F 188 -13.66 -33.32 -15.29
N TYR F 189 -13.36 -32.59 -14.21
CA TYR F 189 -14.37 -32.11 -13.27
C TYR F 189 -15.23 -33.17 -12.58
N GLU F 190 -14.74 -34.39 -12.45
CA GLU F 190 -15.54 -35.41 -11.78
C GLU F 190 -15.00 -35.74 -10.39
N ARG G 4 49.30 -5.91 42.85
CA ARG G 4 48.33 -4.82 42.87
C ARG G 4 47.88 -4.49 41.45
N LYS G 5 46.58 -4.44 41.20
CA LYS G 5 46.10 -3.97 39.89
C LYS G 5 45.77 -2.48 39.90
N ILE G 6 46.62 -1.68 39.27
CA ILE G 6 46.42 -0.24 39.23
C ILE G 6 46.27 0.25 37.78
N GLY G 7 45.24 1.03 37.53
CA GLY G 7 45.04 1.63 36.22
C GLY G 7 45.78 2.94 36.13
N ILE G 8 46.28 3.26 34.94
CA ILE G 8 46.94 4.52 34.68
C ILE G 8 46.21 5.26 33.58
N ILE G 9 45.88 6.51 33.83
CA ILE G 9 45.29 7.33 32.77
C ILE G 9 46.01 8.66 32.66
N GLY G 10 46.69 8.85 31.55
CA GLY G 10 47.45 10.07 31.33
C GLY G 10 46.64 11.12 30.60
N GLY G 11 47.11 12.36 30.63
CA GLY G 11 46.45 13.47 29.98
C GLY G 11 47.00 14.78 30.49
N THR G 12 46.64 15.87 29.83
CA THR G 12 47.05 17.19 30.30
C THR G 12 46.21 17.58 31.52
N PHE G 13 44.97 17.10 31.55
CA PHE G 13 44.00 17.48 32.57
C PHE G 13 43.92 18.99 32.68
N ASP G 14 43.76 19.62 31.52
CA ASP G 14 43.84 21.06 31.40
C ASP G 14 42.62 21.59 30.61
N PRO G 15 41.41 21.44 31.16
CA PRO G 15 41.09 20.93 32.50
C PRO G 15 40.73 19.43 32.52
N PRO G 16 40.68 18.84 33.72
CA PRO G 16 40.13 17.48 33.85
C PRO G 16 38.64 17.54 33.60
N HIS G 17 38.04 16.45 33.12
CA HIS G 17 36.64 16.50 32.80
C HIS G 17 35.95 15.14 33.01
N TYR G 18 34.65 15.11 32.72
CA TYR G 18 33.88 13.90 32.96
C TYR G 18 34.28 12.75 32.04
N GLY G 19 34.87 13.06 30.88
CA GLY G 19 35.41 12.00 30.04
C GLY G 19 36.45 11.17 30.81
N HIS G 20 37.33 11.85 31.55
CA HIS G 20 38.35 11.18 32.34
C HIS G 20 37.73 10.30 33.43
N LEU G 21 36.82 10.89 34.18
CA LEU G 21 36.15 10.21 35.26
C LEU G 21 35.39 8.98 34.76
N LEU G 22 34.69 9.15 33.65
CA LEU G 22 33.93 8.04 33.07
C LEU G 22 34.84 6.87 32.75
N ILE G 23 35.89 7.11 31.95
CA ILE G 23 36.82 6.05 31.60
C ILE G 23 37.40 5.41 32.86
N ALA G 24 37.96 6.22 33.76
CA ALA G 24 38.52 5.72 35.00
C ALA G 24 37.55 4.80 35.76
N ASN G 25 36.28 5.18 35.82
CA ASN G 25 35.29 4.39 36.54
C ASN G 25 34.99 3.07 35.84
N GLU G 26 34.82 3.13 34.52
CA GLU G 26 34.47 1.96 33.73
C GLU G 26 35.56 0.90 33.81
N VAL G 27 36.79 1.33 33.66
CA VAL G 27 37.92 0.40 33.68
C VAL G 27 38.15 -0.14 35.08
N TYR G 28 38.05 0.73 36.07
CA TYR G 28 38.10 0.34 37.48
C TYR G 28 37.16 -0.84 37.75
N HIS G 29 35.90 -0.72 37.32
CA HIS G 29 34.91 -1.78 37.54
C HIS G 29 35.09 -2.97 36.60
N ALA G 30 35.33 -2.71 35.32
CA ALA G 30 35.46 -3.80 34.36
C ALA G 30 36.59 -4.76 34.75
N LEU G 31 37.73 -4.21 35.13
CA LEU G 31 38.92 -5.04 35.34
C LEU G 31 39.16 -5.27 36.82
N ASN G 32 38.26 -4.73 37.63
CA ASN G 32 38.34 -4.96 39.07
C ASN G 32 39.68 -4.48 39.60
N LEU G 33 40.01 -3.23 39.29
CA LEU G 33 41.25 -2.64 39.75
C LEU G 33 41.16 -2.25 41.22
N GLU G 34 42.34 -2.04 41.80
CA GLU G 34 42.45 -1.51 43.14
C GLU G 34 42.18 -0.03 43.02
N GLU G 35 42.97 0.63 42.18
CA GLU G 35 42.98 2.07 42.05
C GLU G 35 43.16 2.47 40.61
N VAL G 36 42.86 3.73 40.32
CA VAL G 36 43.22 4.34 39.06
C VAL G 36 44.03 5.60 39.37
N TRP G 37 45.21 5.71 38.75
CA TRP G 37 46.04 6.89 38.95
C TRP G 37 45.95 7.81 37.73
N PHE G 38 45.66 9.07 38.00
CA PHE G 38 45.67 10.09 36.97
C PHE G 38 47.08 10.64 36.85
N LEU G 39 47.60 10.58 35.64
CA LEU G 39 49.00 10.92 35.40
C LEU G 39 49.12 12.13 34.49
N PRO G 40 49.21 13.33 35.09
CA PRO G 40 49.36 14.60 34.36
C PRO G 40 50.64 14.66 33.51
N ASN G 41 50.55 15.18 32.28
CA ASN G 41 51.69 15.35 31.38
C ASN G 41 52.56 16.57 31.69
N GLN G 42 53.53 16.79 30.82
CA GLN G 42 54.49 17.88 30.97
C GLN G 42 54.54 18.77 29.73
N SER G 54 49.22 26.80 34.79
CA SER G 54 50.26 26.39 35.73
C SER G 54 50.06 24.96 36.18
N VAL G 55 51.15 24.30 36.58
CA VAL G 55 51.06 22.95 37.13
C VAL G 55 50.21 22.96 38.38
N GLU G 56 50.43 23.98 39.21
CA GLU G 56 49.67 24.13 40.43
C GLU G 56 48.17 24.12 40.16
N SER G 57 47.72 24.89 39.16
CA SER G 57 46.31 24.98 38.79
C SER G 57 45.76 23.64 38.29
N ARG G 58 46.56 22.95 37.49
CA ARG G 58 46.12 21.67 36.95
C ARG G 58 45.95 20.63 38.05
N LEU G 59 46.92 20.54 38.97
CA LEU G 59 46.87 19.58 40.07
C LEU G 59 45.67 19.86 40.94
N GLN G 60 45.31 21.13 41.02
CA GLN G 60 44.28 21.55 41.95
C GLN G 60 42.89 21.24 41.39
N MET G 61 42.76 21.41 40.08
CA MET G 61 41.55 21.02 39.39
C MET G 61 41.41 19.50 39.41
N LEU G 62 42.53 18.82 39.19
CA LEU G 62 42.57 17.37 39.22
C LEU G 62 42.14 16.83 40.58
N GLU G 63 42.57 17.51 41.63
CA GLU G 63 42.19 17.18 42.99
C GLU G 63 40.68 17.35 43.20
N LEU G 64 40.14 18.48 42.77
CA LEU G 64 38.71 18.74 42.86
C LEU G 64 37.91 17.71 42.05
N ALA G 65 38.41 17.36 40.87
CA ALA G 65 37.76 16.38 40.01
C ALA G 65 37.68 15.01 40.68
N THR G 66 38.69 14.66 41.48
CA THR G 66 38.80 13.31 42.01
C THR G 66 38.57 13.19 43.53
N GLU G 67 38.40 14.31 44.21
CA GLU G 67 38.33 14.28 45.66
C GLU G 67 37.33 13.27 46.26
N ALA G 68 36.28 12.94 45.52
CA ALA G 68 35.18 12.14 46.04
C ALA G 68 35.37 10.62 45.98
N GLU G 69 36.44 10.11 45.39
CA GLU G 69 36.60 8.66 45.31
C GLU G 69 37.99 8.21 45.72
N GLU G 70 38.07 7.56 46.88
CA GLU G 70 39.35 7.15 47.44
C GLU G 70 40.20 6.36 46.46
N HIS G 71 39.54 5.72 45.50
CA HIS G 71 40.20 4.84 44.55
C HIS G 71 40.73 5.55 43.30
N PHE G 72 40.55 6.86 43.23
CA PHE G 72 41.21 7.67 42.21
C PHE G 72 42.36 8.43 42.86
N SER G 73 43.56 8.41 42.29
CA SER G 73 44.67 9.16 42.89
C SER G 73 45.47 9.90 41.84
N ILE G 74 46.23 10.90 42.29
CA ILE G 74 47.05 11.64 41.36
C ILE G 74 48.51 11.15 41.43
N CYS G 75 49.10 10.91 40.25
CA CYS G 75 50.48 10.46 40.18
C CYS G 75 51.36 11.51 39.49
N LEU G 76 52.40 11.96 40.19
CA LEU G 76 53.19 13.08 39.72
C LEU G 76 54.47 12.70 38.98
N GLU G 77 54.66 11.41 38.73
CA GLU G 77 55.89 10.93 38.11
C GLU G 77 56.32 11.77 36.94
N GLU G 78 55.38 12.09 36.06
CA GLU G 78 55.72 12.76 34.82
C GLU G 78 55.94 14.25 35.01
N LEU G 79 55.67 14.75 36.21
CA LEU G 79 55.88 16.16 36.52
C LEU G 79 57.30 16.46 37.03
N SER G 80 57.90 15.53 37.76
CA SER G 80 59.29 15.68 38.21
C SER G 80 60.23 16.21 37.12
N SER G 85 58.52 13.47 28.22
CA SER G 85 58.78 12.10 28.65
C SER G 85 58.22 11.08 27.64
N TYR G 86 58.97 10.01 27.37
CA TYR G 86 58.40 8.88 26.64
C TYR G 86 57.70 7.97 27.65
N THR G 87 56.54 7.43 27.28
CA THR G 87 55.76 6.55 28.15
C THR G 87 56.63 5.45 28.78
N TYR G 88 57.52 4.87 27.97
CA TYR G 88 58.46 3.88 28.47
C TYR G 88 59.28 4.36 29.67
N ASP G 89 59.78 5.59 29.59
CA ASP G 89 60.58 6.13 30.68
C ASP G 89 59.75 6.18 31.95
N THR G 90 58.55 6.74 31.83
CA THR G 90 57.63 6.87 32.94
C THR G 90 57.30 5.53 33.57
N MET G 91 56.92 4.56 32.74
CA MET G 91 56.50 3.27 33.27
C MET G 91 57.67 2.50 33.86
N LEU G 92 58.86 2.71 33.31
CA LEU G 92 60.07 2.12 33.87
C LEU G 92 60.26 2.61 35.30
N GLN G 93 60.16 3.92 35.49
CA GLN G 93 60.28 4.50 36.82
C GLN G 93 59.20 3.95 37.77
N LEU G 94 57.96 3.88 37.29
CA LEU G 94 56.87 3.43 38.14
C LEU G 94 57.00 1.95 38.52
N THR G 95 57.45 1.12 37.60
CA THR G 95 57.64 -0.29 37.92
C THR G 95 58.80 -0.46 38.91
N LYS G 96 59.77 0.46 38.88
CA LYS G 96 60.89 0.44 39.82
C LYS G 96 60.42 0.82 41.21
N LYS G 97 59.58 1.83 41.27
CA LYS G 97 59.10 2.38 42.52
C LYS G 97 57.94 1.54 43.12
N TYR G 98 57.22 0.78 42.30
CA TYR G 98 56.12 -0.10 42.77
C TYR G 98 56.20 -1.48 42.13
N PRO G 99 57.17 -2.28 42.60
CA PRO G 99 57.50 -3.59 42.04
C PRO G 99 56.35 -4.58 42.14
N ASP G 100 55.45 -4.35 43.10
CA ASP G 100 54.32 -5.22 43.41
C ASP G 100 53.06 -4.92 42.58
N VAL G 101 53.14 -3.90 41.73
CA VAL G 101 51.97 -3.39 41.03
C VAL G 101 51.93 -3.89 39.58
N GLN G 102 50.78 -4.40 39.16
CA GLN G 102 50.54 -4.69 37.75
C GLN G 102 49.85 -3.46 37.17
N PHE G 103 50.59 -2.68 36.37
CA PHE G 103 50.03 -1.46 35.79
C PHE G 103 49.18 -1.72 34.56
N HIS G 104 48.00 -1.12 34.56
CA HIS G 104 47.09 -1.19 33.40
C HIS G 104 47.03 0.16 32.71
N PHE G 105 47.75 0.28 31.61
CA PHE G 105 47.85 1.56 30.93
C PHE G 105 46.68 1.78 29.98
N ILE G 106 45.84 2.75 30.31
CA ILE G 106 44.59 2.95 29.57
C ILE G 106 44.79 3.84 28.36
N ILE G 107 44.37 3.36 27.20
CA ILE G 107 44.42 4.19 25.99
C ILE G 107 43.11 4.13 25.21
N GLY G 108 42.91 5.14 24.37
CA GLY G 108 41.75 5.17 23.50
C GLY G 108 41.88 4.12 22.43
N GLY G 109 40.75 3.60 21.96
CA GLY G 109 40.76 2.61 20.90
C GLY G 109 41.44 3.13 19.64
N ASP G 110 41.26 4.42 19.36
CA ASP G 110 41.82 5.01 18.16
C ASP G 110 43.35 4.98 18.21
N MET G 111 43.89 4.84 19.41
CA MET G 111 45.33 4.87 19.61
C MET G 111 45.98 3.50 19.40
N VAL G 112 45.19 2.46 19.63
CA VAL G 112 45.67 1.09 19.54
C VAL G 112 46.40 0.73 18.24
N GLU G 113 45.86 1.16 17.10
CA GLU G 113 46.52 0.93 15.82
C GLU G 113 47.98 1.37 15.78
N TYR G 114 48.31 2.47 16.45
CA TYR G 114 49.62 3.09 16.33
C TYR G 114 50.60 2.71 17.43
N LEU G 115 50.23 1.78 18.28
CA LEU G 115 51.14 1.30 19.33
C LEU G 115 52.51 0.89 18.79
N PRO G 116 52.55 0.23 17.63
CA PRO G 116 53.87 -0.13 17.08
C PRO G 116 54.79 1.09 16.86
N LYS G 117 54.21 2.29 16.79
CA LYS G 117 54.99 3.50 16.57
C LYS G 117 55.53 4.15 17.84
N TRP G 118 55.16 3.60 19.00
CA TRP G 118 55.60 4.16 20.28
C TRP G 118 57.04 3.83 20.56
N TYR G 119 57.73 4.79 21.17
CA TYR G 119 59.11 4.57 21.60
C TYR G 119 59.25 3.31 22.46
N ASN G 120 60.12 2.42 22.04
CA ASN G 120 60.43 1.23 22.81
C ASN G 120 59.21 0.38 23.14
N ILE G 121 58.26 0.32 22.20
CA ILE G 121 56.98 -0.34 22.44
C ILE G 121 57.10 -1.79 22.95
N GLU G 122 58.05 -2.54 22.40
CA GLU G 122 58.26 -3.93 22.81
C GLU G 122 58.60 -4.07 24.29
N ALA G 123 59.59 -3.31 24.72
CA ALA G 123 60.04 -3.30 26.11
C ALA G 123 58.93 -2.78 27.00
N LEU G 124 58.16 -1.83 26.47
CA LEU G 124 57.05 -1.25 27.19
C LEU G 124 55.98 -2.31 27.48
N LEU G 125 55.77 -3.21 26.52
CA LEU G 125 54.78 -4.28 26.67
C LEU G 125 55.06 -5.20 27.88
N ASP G 126 56.32 -5.28 28.29
CA ASP G 126 56.68 -6.13 29.41
C ASP G 126 56.48 -5.41 30.72
N LEU G 127 56.32 -4.09 30.66
CA LEU G 127 56.13 -3.27 31.84
C LEU G 127 54.65 -3.07 32.19
N VAL G 128 53.78 -3.03 31.19
CA VAL G 128 52.38 -2.73 31.44
C VAL G 128 51.43 -3.66 30.70
N THR G 129 50.18 -3.69 31.16
CA THR G 129 49.10 -4.28 30.38
C THR G 129 48.31 -3.12 29.78
N PHE G 130 48.24 -3.05 28.47
CA PHE G 130 47.44 -2.02 27.82
C PHE G 130 45.96 -2.33 27.91
N VAL G 131 45.18 -1.29 28.18
CA VAL G 131 43.73 -1.39 28.17
C VAL G 131 43.21 -0.41 27.13
N GLY G 132 42.60 -0.94 26.06
CA GLY G 132 42.03 -0.10 25.03
C GLY G 132 40.54 0.15 25.26
N VAL G 133 40.13 1.40 25.12
CA VAL G 133 38.72 1.73 25.27
C VAL G 133 38.01 1.64 23.91
N ALA G 134 37.07 0.71 23.81
CA ALA G 134 36.30 0.53 22.58
C ALA G 134 34.87 1.03 22.74
N ARG G 135 34.29 1.48 21.63
CA ARG G 135 32.86 1.73 21.58
C ARG G 135 32.15 0.42 21.75
N PRO G 136 30.97 0.44 22.37
CA PRO G 136 30.21 -0.78 22.61
C PRO G 136 29.95 -1.53 21.30
N GLY G 137 30.24 -2.82 21.29
CA GLY G 137 29.99 -3.63 20.13
C GLY G 137 31.15 -3.72 19.16
N TYR G 138 32.19 -2.93 19.39
CA TYR G 138 33.40 -2.96 18.55
C TYR G 138 34.47 -3.88 19.10
N LYS G 139 35.19 -4.55 18.21
CA LYS G 139 36.41 -5.27 18.56
C LYS G 139 37.63 -4.49 18.10
N LEU G 140 38.62 -4.36 18.98
CA LEU G 140 39.86 -3.67 18.63
C LEU G 140 40.81 -4.58 17.86
N ARG G 141 41.38 -4.06 16.77
CA ARG G 141 42.35 -4.82 15.98
C ARG G 141 43.76 -4.42 16.35
N THR G 142 44.56 -5.40 16.79
CA THR G 142 45.95 -5.13 17.15
C THR G 142 46.80 -6.39 17.26
N PRO G 143 48.09 -6.28 16.87
CA PRO G 143 49.04 -7.40 16.91
C PRO G 143 49.37 -7.75 18.36
N TYR G 144 49.26 -6.76 19.23
CA TYR G 144 49.68 -6.94 20.61
C TYR G 144 48.54 -7.46 21.47
N PRO G 145 48.88 -8.14 22.58
CA PRO G 145 47.90 -8.66 23.52
C PRO G 145 47.37 -7.59 24.45
N ILE G 146 46.24 -6.96 24.10
CA ILE G 146 45.71 -5.94 24.98
C ILE G 146 44.34 -6.31 25.52
N THR G 147 43.95 -5.66 26.61
CA THR G 147 42.63 -5.83 27.19
C THR G 147 41.66 -4.78 26.62
N THR G 148 40.42 -5.17 26.39
CA THR G 148 39.40 -4.26 25.84
C THR G 148 38.32 -3.97 26.87
N VAL G 149 37.97 -2.70 27.03
CA VAL G 149 36.85 -2.35 27.87
C VAL G 149 35.90 -1.52 27.03
N GLU G 150 34.63 -1.92 27.01
CA GLU G 150 33.63 -1.19 26.22
C GLU G 150 33.05 -0.04 27.02
N ILE G 151 33.13 1.15 26.46
CA ILE G 151 32.65 2.36 27.12
C ILE G 151 31.94 3.24 26.12
N PRO G 152 30.74 3.74 26.49
CA PRO G 152 30.03 4.65 25.57
C PRO G 152 30.92 5.84 25.26
N GLU G 153 30.94 6.26 24.01
CA GLU G 153 31.79 7.38 23.65
C GLU G 153 31.29 8.65 24.31
N PHE G 154 32.22 9.36 24.93
CA PHE G 154 31.97 10.71 25.42
C PHE G 154 33.06 11.62 24.85
N ALA G 155 32.77 12.23 23.71
CA ALA G 155 33.79 12.94 22.93
C ALA G 155 34.15 14.31 23.49
N VAL G 156 34.28 14.42 24.80
CA VAL G 156 34.76 15.65 25.41
C VAL G 156 36.28 15.62 25.59
N SER G 157 36.94 16.77 25.50
CA SER G 157 38.39 16.84 25.67
C SER G 157 38.78 18.16 26.29
N SER G 158 39.96 18.19 26.90
CA SER G 158 40.47 19.42 27.53
C SER G 158 40.48 20.60 26.53
N SER G 159 41.00 20.37 25.34
CA SER G 159 41.11 21.46 24.36
C SER G 159 39.75 21.98 23.91
N LEU G 160 38.77 21.10 23.72
CA LEU G 160 37.40 21.53 23.44
C LEU G 160 36.85 22.45 24.54
N LEU G 161 37.08 22.07 25.79
CA LEU G 161 36.65 22.86 26.93
C LEU G 161 37.34 24.21 26.99
N ARG G 162 38.65 24.24 26.73
CA ARG G 162 39.37 25.50 26.75
C ARG G 162 38.78 26.43 25.71
N GLU G 163 38.51 25.87 24.54
CA GLU G 163 37.96 26.62 23.42
C GLU G 163 36.53 27.13 23.70
N ARG G 164 35.76 26.36 24.45
CA ARG G 164 34.44 26.82 24.87
C ARG G 164 34.51 27.94 25.89
N TYR G 165 35.35 27.78 26.91
CA TYR G 165 35.50 28.80 27.96
C TYR G 165 35.95 30.14 27.38
N LYS G 166 36.81 30.09 26.38
CA LYS G 166 37.30 31.30 25.73
C LYS G 166 36.15 32.00 25.04
N GLU G 167 35.23 31.22 24.46
CA GLU G 167 34.08 31.76 23.76
C GLU G 167 32.88 32.00 24.69
N LYS G 168 33.09 31.94 26.00
CA LYS G 168 31.98 32.14 26.95
C LYS G 168 30.84 31.13 26.82
N LYS G 169 31.13 29.96 26.27
CA LYS G 169 30.11 28.98 25.92
C LYS G 169 29.87 27.98 27.06
N THR G 170 28.65 27.46 27.15
CA THR G 170 28.26 26.53 28.21
C THR G 170 29.16 25.28 28.31
N CYS G 171 29.49 24.88 29.53
CA CYS G 171 30.23 23.65 29.71
C CYS G 171 29.49 22.69 30.64
N LYS G 172 28.23 22.99 30.87
CA LYS G 172 27.42 22.19 31.78
C LYS G 172 27.40 20.73 31.35
N TYR G 173 27.62 19.85 32.31
CA TYR G 173 27.60 18.39 32.08
C TYR G 173 28.90 17.82 31.50
N LEU G 174 29.85 18.70 31.16
CA LEU G 174 31.07 18.24 30.53
C LEU G 174 32.20 17.96 31.54
N LEU G 175 32.22 18.75 32.61
CA LEU G 175 33.24 18.58 33.64
C LEU G 175 32.56 18.90 34.95
N PRO G 176 33.15 18.43 36.06
CA PRO G 176 32.55 18.60 37.40
C PRO G 176 32.34 20.07 37.78
N GLU G 177 31.24 20.35 38.46
CA GLU G 177 30.90 21.72 38.84
C GLU G 177 31.97 22.43 39.65
N LYS G 178 32.63 21.70 40.55
CA LYS G 178 33.70 22.26 41.35
C LYS G 178 34.84 22.70 40.49
N VAL G 179 35.17 21.91 39.46
CA VAL G 179 36.21 22.30 38.53
C VAL G 179 35.78 23.54 37.75
N GLN G 180 34.53 23.59 37.31
CA GLN G 180 34.00 24.76 36.64
C GLN G 180 34.14 26.00 37.52
N VAL G 181 33.74 25.87 38.78
CA VAL G 181 33.82 26.95 39.74
C VAL G 181 35.27 27.41 39.88
N TYR G 182 36.18 26.46 40.04
CA TYR G 182 37.59 26.79 40.15
C TYR G 182 38.03 27.62 38.93
N ILE G 183 37.64 27.15 37.75
CA ILE G 183 38.00 27.81 36.50
C ILE G 183 37.48 29.26 36.45
N GLU G 184 36.20 29.45 36.79
CA GLU G 184 35.59 30.77 36.72
C GLU G 184 36.16 31.72 37.77
N ARG G 185 36.38 31.22 38.97
CA ARG G 185 37.02 32.04 40.00
C ARG G 185 38.38 32.53 39.54
N ASN G 186 39.28 31.59 39.25
CA ASN G 186 40.67 31.90 38.87
C ASN G 186 40.82 32.31 37.41
N GLY G 187 39.70 32.61 36.76
CA GLY G 187 39.74 33.16 35.41
C GLY G 187 40.64 32.42 34.45
N LEU G 188 40.62 31.10 34.51
CA LEU G 188 41.38 30.30 33.57
C LEU G 188 40.72 30.34 32.20
N TYR G 189 41.55 30.19 31.17
CA TYR G 189 41.06 30.06 29.79
C TYR G 189 40.25 31.25 29.28
N GLU G 190 40.37 32.41 29.91
CA GLU G 190 39.64 33.60 29.44
C GLU G 190 40.50 34.44 28.49
N MET H 3 -13.62 -7.62 20.35
CA MET H 3 -14.96 -8.04 20.78
C MET H 3 -16.04 -7.09 20.29
N ARG H 4 -15.93 -5.82 20.68
CA ARG H 4 -16.88 -4.79 20.25
C ARG H 4 -17.00 -4.73 18.72
N LYS H 5 -18.21 -4.50 18.25
CA LYS H 5 -18.54 -4.69 16.83
C LYS H 5 -18.86 -3.37 16.12
N ILE H 6 -17.99 -2.98 15.19
CA ILE H 6 -18.17 -1.73 14.48
C ILE H 6 -18.27 -1.99 12.98
N GLY H 7 -19.28 -1.42 12.35
CA GLY H 7 -19.46 -1.55 10.91
C GLY H 7 -18.70 -0.44 10.22
N ILE H 8 -18.19 -0.74 9.04
CA ILE H 8 -17.51 0.25 8.23
C ILE H 8 -18.24 0.37 6.90
N ILE H 9 -18.53 1.59 6.48
CA ILE H 9 -19.10 1.79 5.16
C ILE H 9 -18.36 2.89 4.41
N GLY H 10 -17.67 2.50 3.34
CA GLY H 10 -16.87 3.44 2.57
C GLY H 10 -17.66 4.03 1.41
N GLY H 11 -17.15 5.12 0.86
CA GLY H 11 -17.81 5.78 -0.26
C GLY H 11 -17.27 7.17 -0.42
N THR H 12 -17.61 7.81 -1.55
CA THR H 12 -17.21 9.19 -1.78
C THR H 12 -18.05 10.15 -0.94
N PHE H 13 -19.29 9.75 -0.69
CA PHE H 13 -20.25 10.57 0.03
C PHE H 13 -20.31 11.94 -0.60
N ASP H 14 -20.46 11.93 -1.93
CA ASP H 14 -20.36 13.14 -2.73
C ASP H 14 -21.55 13.24 -3.69
N PRO H 15 -22.77 13.40 -3.14
CA PRO H 15 -23.09 13.58 -1.72
C PRO H 15 -23.49 12.28 -1.00
N PRO H 16 -23.58 12.34 0.34
CA PRO H 16 -24.13 11.20 1.07
C PRO H 16 -25.63 11.15 0.80
N HIS H 17 -26.24 9.99 0.95
CA HIS H 17 -27.64 9.86 0.60
C HIS H 17 -28.35 8.77 1.41
N TYR H 18 -29.65 8.63 1.18
CA TYR H 18 -30.44 7.70 1.96
C TYR H 18 -30.03 6.24 1.75
N GLY H 19 -29.38 5.94 0.62
CA GLY H 19 -28.88 4.60 0.38
C GLY H 19 -27.87 4.23 1.46
N HIS H 20 -26.97 5.16 1.76
CA HIS H 20 -25.97 4.96 2.80
C HIS H 20 -26.65 4.73 4.14
N LEU H 21 -27.59 5.59 4.47
CA LEU H 21 -28.25 5.53 5.77
C LEU H 21 -29.03 4.23 5.93
N LEU H 22 -29.70 3.82 4.85
CA LEU H 22 -30.47 2.59 4.87
C LEU H 22 -29.57 1.39 5.14
N ILE H 23 -28.47 1.28 4.38
CA ILE H 23 -27.54 0.18 4.57
C ILE H 23 -27.01 0.20 6.01
N ALA H 24 -26.45 1.32 6.42
CA ALA H 24 -25.92 1.46 7.78
C ALA H 24 -26.94 1.01 8.83
N ASN H 25 -28.19 1.43 8.70
CA ASN H 25 -29.21 1.09 9.68
C ASN H 25 -29.52 -0.40 9.69
N GLU H 26 -29.71 -0.97 8.51
CA GLU H 26 -30.00 -2.40 8.38
C GLU H 26 -28.93 -3.30 8.99
N VAL H 27 -27.67 -3.00 8.68
CA VAL H 27 -26.56 -3.80 9.15
C VAL H 27 -26.40 -3.62 10.64
N TYR H 28 -26.57 -2.38 11.09
CA TYR H 28 -26.48 -2.05 12.51
C TYR H 28 -27.43 -2.94 13.31
N HIS H 29 -28.66 -3.06 12.84
CA HIS H 29 -29.65 -3.86 13.54
C HIS H 29 -29.48 -5.36 13.32
N ALA H 30 -29.22 -5.75 12.08
CA ALA H 30 -29.10 -7.17 11.73
C ALA H 30 -27.99 -7.86 12.51
N LEU H 31 -26.83 -7.21 12.61
CA LEU H 31 -25.66 -7.80 13.26
C LEU H 31 -25.44 -7.26 14.65
N ASN H 32 -26.35 -6.44 15.11
CA ASN H 32 -26.27 -5.93 16.47
C ASN H 32 -24.93 -5.25 16.73
N LEU H 33 -24.57 -4.32 15.86
CA LEU H 33 -23.33 -3.57 15.99
C LEU H 33 -23.45 -2.52 17.09
N GLU H 34 -22.32 -2.02 17.57
CA GLU H 34 -22.37 -0.91 18.50
C GLU H 34 -22.23 0.45 17.79
N GLU H 35 -21.63 0.44 16.59
CA GLU H 35 -21.55 1.64 15.78
C GLU H 35 -21.36 1.31 14.32
N VAL H 36 -21.67 2.26 13.46
CA VAL H 36 -21.28 2.18 12.07
C VAL H 36 -20.43 3.43 11.74
N TRP H 37 -19.27 3.22 11.14
CA TRP H 37 -18.42 4.35 10.76
C TRP H 37 -18.49 4.58 9.26
N PHE H 38 -18.80 5.81 8.88
CA PHE H 38 -18.75 6.21 7.48
C PHE H 38 -17.32 6.63 7.16
N LEU H 39 -16.78 6.01 6.13
CA LEU H 39 -15.38 6.18 5.78
C LEU H 39 -15.24 6.79 4.39
N PRO H 40 -15.14 8.13 4.32
CA PRO H 40 -14.96 8.90 3.08
C PRO H 40 -13.67 8.53 2.35
N ASN H 41 -13.75 8.30 1.04
CA ASN H 41 -12.59 7.92 0.21
C ASN H 41 -11.92 9.12 -0.42
N GLN H 42 -10.62 9.01 -0.70
CA GLN H 42 -9.90 10.01 -1.49
C GLN H 42 -10.24 9.86 -2.97
N ILE H 43 -10.60 10.97 -3.60
CA ILE H 43 -10.97 10.96 -5.02
C ILE H 43 -9.81 11.27 -5.99
N ILE H 52 -14.24 18.97 -8.68
CA ILE H 52 -14.32 18.10 -7.52
C ILE H 52 -14.72 18.83 -6.23
N THR H 53 -15.65 18.24 -5.50
CA THR H 53 -16.12 18.78 -4.22
C THR H 53 -15.00 18.77 -3.19
N SER H 54 -14.95 19.82 -2.38
CA SER H 54 -13.93 19.90 -1.33
C SER H 54 -14.17 18.84 -0.26
N VAL H 55 -13.10 18.42 0.40
CA VAL H 55 -13.20 17.53 1.54
C VAL H 55 -14.09 18.17 2.60
N GLU H 56 -13.89 19.47 2.83
CA GLU H 56 -14.65 20.25 3.79
C GLU H 56 -16.15 20.18 3.56
N SER H 57 -16.56 20.23 2.28
CA SER H 57 -17.97 20.14 1.92
C SER H 57 -18.50 18.73 2.13
N ARG H 58 -17.73 17.72 1.76
CA ARG H 58 -18.18 16.34 1.92
C ARG H 58 -18.37 16.00 3.39
N LEU H 59 -17.41 16.42 4.21
CA LEU H 59 -17.48 16.20 5.65
C LEU H 59 -18.66 16.92 6.29
N GLN H 60 -19.00 18.07 5.71
CA GLN H 60 -20.10 18.88 6.22
C GLN H 60 -21.43 18.22 5.92
N MET H 61 -21.54 17.66 4.71
CA MET H 61 -22.76 16.98 4.29
C MET H 61 -22.92 15.68 5.05
N LEU H 62 -21.80 14.98 5.22
CA LEU H 62 -21.77 13.70 5.91
C LEU H 62 -22.24 13.90 7.36
N GLU H 63 -21.81 15.00 7.95
CA GLU H 63 -22.21 15.37 9.30
C GLU H 63 -23.72 15.63 9.39
N LEU H 64 -24.25 16.41 8.45
CA LEU H 64 -25.68 16.66 8.38
C LEU H 64 -26.47 15.35 8.16
N ALA H 65 -25.95 14.48 7.30
CA ALA H 65 -26.63 13.24 7.01
C ALA H 65 -26.75 12.37 8.27
N THR H 66 -25.75 12.44 9.13
CA THR H 66 -25.67 11.50 10.25
C THR H 66 -25.91 12.12 11.61
N GLU H 67 -26.08 13.42 11.67
CA GLU H 67 -26.16 14.11 12.96
C GLU H 67 -27.20 13.53 13.93
N ALA H 68 -28.19 12.83 13.40
CA ALA H 68 -29.31 12.39 14.20
C ALA H 68 -29.19 11.00 14.85
N GLU H 69 -28.08 10.30 14.65
CA GLU H 69 -27.92 9.00 15.30
C GLU H 69 -26.56 8.81 15.93
N GLU H 70 -26.51 8.80 17.25
CA GLU H 70 -25.26 8.73 17.98
C GLU H 70 -24.33 7.61 17.54
N HIS H 71 -24.89 6.56 16.95
CA HIS H 71 -24.05 5.42 16.67
C HIS H 71 -23.47 5.42 15.25
N PHE H 72 -23.91 6.37 14.44
CA PHE H 72 -23.26 6.62 13.16
C PHE H 72 -22.14 7.61 13.40
N SER H 73 -20.93 7.31 12.93
CA SER H 73 -19.83 8.25 13.11
C SER H 73 -19.00 8.37 11.84
N ILE H 74 -18.23 9.46 11.75
CA ILE H 74 -17.40 9.68 10.59
C ILE H 74 -15.95 9.30 10.88
N CYS H 75 -15.36 8.49 10.01
CA CYS H 75 -13.98 8.07 10.21
C CYS H 75 -13.09 8.65 9.11
N LEU H 76 -12.05 9.39 9.51
CA LEU H 76 -11.24 10.15 8.57
C LEU H 76 -9.97 9.44 8.12
N GLU H 77 -9.82 8.18 8.51
CA GLU H 77 -8.58 7.47 8.24
C GLU H 77 -8.09 7.64 6.79
N GLU H 78 -8.95 7.46 5.80
CA GLU H 78 -8.50 7.46 4.41
C GLU H 78 -8.12 8.84 3.82
N LEU H 79 -8.81 9.89 4.27
CA LEU H 79 -8.55 11.25 3.80
C LEU H 79 -7.22 11.85 4.34
N SER H 80 -6.53 11.12 5.21
CA SER H 80 -5.27 11.60 5.78
C SER H 80 -4.06 11.36 4.87
N SER H 85 -4.59 4.79 -1.67
CA SER H 85 -5.15 4.11 -0.50
C SER H 85 -5.86 2.80 -0.86
N TYR H 86 -5.30 1.68 -0.40
CA TYR H 86 -5.94 0.38 -0.55
C TYR H 86 -6.72 0.01 0.71
N THR H 87 -7.75 -0.83 0.55
CA THR H 87 -8.58 -1.19 1.68
C THR H 87 -7.75 -1.85 2.76
N TYR H 88 -6.83 -2.73 2.34
CA TYR H 88 -5.92 -3.37 3.28
C TYR H 88 -5.16 -2.36 4.14
N ASP H 89 -4.58 -1.34 3.49
CA ASP H 89 -3.80 -0.33 4.21
C ASP H 89 -4.67 0.33 5.27
N THR H 90 -5.86 0.75 4.87
CA THR H 90 -6.78 1.43 5.77
C THR H 90 -7.15 0.56 6.96
N MET H 91 -7.52 -0.69 6.69
CA MET H 91 -7.95 -1.60 7.74
C MET H 91 -6.79 -1.99 8.66
N LEU H 92 -5.60 -2.06 8.11
CA LEU H 92 -4.41 -2.32 8.92
C LEU H 92 -4.25 -1.20 9.95
N GLN H 93 -4.33 0.04 9.47
CA GLN H 93 -4.24 1.20 10.35
C GLN H 93 -5.32 1.21 11.41
N LEU H 94 -6.56 0.91 11.03
CA LEU H 94 -7.67 0.92 11.98
C LEU H 94 -7.57 -0.19 13.04
N THR H 95 -7.17 -1.40 12.64
CA THR H 95 -6.97 -2.48 13.60
C THR H 95 -5.86 -2.13 14.58
N LYS H 96 -4.93 -1.29 14.17
CA LYS H 96 -3.95 -0.78 15.12
C LYS H 96 -4.55 0.23 16.13
N LYS H 97 -5.20 1.28 15.62
CA LYS H 97 -5.75 2.30 16.50
C LYS H 97 -6.86 1.76 17.39
N TYR H 98 -7.44 0.63 16.99
CA TYR H 98 -8.56 0.05 17.74
C TYR H 98 -8.47 -1.46 17.84
N PRO H 99 -7.51 -1.94 18.65
CA PRO H 99 -7.18 -3.36 18.76
C PRO H 99 -8.33 -4.18 19.30
N ASP H 100 -9.21 -3.54 20.06
CA ASP H 100 -10.37 -4.22 20.65
C ASP H 100 -11.66 -3.83 19.92
N VAL H 101 -11.57 -3.83 18.60
CA VAL H 101 -12.71 -3.68 17.71
C VAL H 101 -12.72 -4.80 16.68
N GLN H 102 -13.88 -5.44 16.54
CA GLN H 102 -14.09 -6.36 15.42
C GLN H 102 -14.75 -5.56 14.29
N PHE H 103 -14.01 -5.28 13.23
CA PHE H 103 -14.54 -4.46 12.16
C PHE H 103 -15.38 -5.29 11.20
N HIS H 104 -16.53 -4.75 10.83
CA HIS H 104 -17.40 -5.39 9.85
C HIS H 104 -17.45 -4.52 8.62
N PHE H 105 -16.72 -4.95 7.59
CA PHE H 105 -16.59 -4.18 6.36
C PHE H 105 -17.74 -4.45 5.41
N ILE H 106 -18.58 -3.45 5.19
CA ILE H 106 -19.82 -3.63 4.44
C ILE H 106 -19.61 -3.42 2.95
N ILE H 107 -20.02 -4.38 2.15
CA ILE H 107 -19.93 -4.24 0.70
C ILE H 107 -21.23 -4.65 0.00
N GLY H 108 -21.45 -4.12 -1.20
CA GLY H 108 -22.59 -4.54 -1.99
C GLY H 108 -22.43 -5.98 -2.46
N GLY H 109 -23.55 -6.69 -2.62
CA GLY H 109 -23.51 -8.07 -3.06
C GLY H 109 -22.84 -8.23 -4.41
N ASP H 110 -22.98 -7.23 -5.27
CA ASP H 110 -22.39 -7.30 -6.60
C ASP H 110 -20.86 -7.29 -6.53
N MET H 111 -20.33 -6.80 -5.41
CA MET H 111 -18.90 -6.69 -5.20
C MET H 111 -18.30 -8.01 -4.74
N VAL H 112 -19.11 -8.85 -4.10
CA VAL H 112 -18.64 -10.07 -3.45
C VAL H 112 -17.90 -11.01 -4.40
N GLU H 113 -18.38 -11.10 -5.64
CA GLU H 113 -17.75 -11.93 -6.69
C GLU H 113 -16.30 -11.49 -7.00
N TYR H 114 -15.98 -10.24 -6.68
CA TYR H 114 -14.71 -9.64 -7.07
C TYR H 114 -13.74 -9.50 -5.91
N LEU H 115 -14.06 -10.10 -4.77
CA LEU H 115 -13.16 -10.01 -3.61
C LEU H 115 -11.79 -10.62 -3.87
N PRO H 116 -11.73 -11.77 -4.58
CA PRO H 116 -10.41 -12.35 -4.84
C PRO H 116 -9.47 -11.39 -5.59
N LYS H 117 -10.02 -10.38 -6.23
CA LYS H 117 -9.22 -9.44 -7.02
C LYS H 117 -8.67 -8.27 -6.19
N TRP H 118 -9.09 -8.18 -4.93
CA TRP H 118 -8.67 -7.08 -4.07
C TRP H 118 -7.23 -7.23 -3.63
N TYR H 119 -6.56 -6.08 -3.51
CA TYR H 119 -5.19 -6.06 -3.02
C TYR H 119 -5.08 -6.74 -1.67
N ASN H 120 -4.21 -7.75 -1.60
CA ASN H 120 -3.91 -8.42 -0.35
C ASN H 120 -5.14 -9.01 0.31
N ILE H 121 -6.07 -9.49 -0.50
CA ILE H 121 -7.34 -9.97 0.02
C ILE H 121 -7.22 -10.98 1.15
N GLU H 122 -6.21 -11.85 1.11
CA GLU H 122 -6.09 -12.94 2.08
C GLU H 122 -5.62 -12.46 3.44
N ALA H 123 -4.81 -11.41 3.46
CA ALA H 123 -4.40 -10.80 4.71
C ALA H 123 -5.50 -9.90 5.24
N LEU H 124 -6.25 -9.30 4.31
CA LEU H 124 -7.37 -8.44 4.64
C LEU H 124 -8.49 -9.24 5.36
N LEU H 125 -8.67 -10.50 4.96
CA LEU H 125 -9.68 -11.36 5.58
C LEU H 125 -9.43 -11.62 7.07
N ASP H 126 -8.18 -11.48 7.50
CA ASP H 126 -7.82 -11.67 8.90
C ASP H 126 -8.04 -10.40 9.70
N LEU H 127 -8.16 -9.28 9.00
CA LEU H 127 -8.38 -7.99 9.63
C LEU H 127 -9.87 -7.65 9.83
N VAL H 128 -10.72 -8.12 8.91
CA VAL H 128 -12.12 -7.71 8.95
C VAL H 128 -13.07 -8.88 8.74
N THR H 129 -14.32 -8.67 9.13
CA THR H 129 -15.40 -9.54 8.71
C THR H 129 -16.16 -8.81 7.63
N PHE H 130 -16.19 -9.37 6.43
CA PHE H 130 -16.99 -8.78 5.36
C PHE H 130 -18.49 -9.01 5.59
N VAL H 131 -19.26 -7.99 5.26
CA VAL H 131 -20.71 -8.08 5.28
C VAL H 131 -21.19 -7.73 3.89
N GLY H 132 -21.82 -8.69 3.22
CA GLY H 132 -22.37 -8.47 1.90
C GLY H 132 -23.84 -8.14 1.97
N VAL H 133 -24.23 -7.12 1.22
CA VAL H 133 -25.64 -6.73 1.16
C VAL H 133 -26.32 -7.44 0.01
N ALA H 134 -27.26 -8.32 0.35
CA ALA H 134 -28.02 -9.07 -0.68
C ALA H 134 -29.46 -8.54 -0.81
N ARG H 135 -30.01 -8.68 -2.00
CA ARG H 135 -31.44 -8.48 -2.17
C ARG H 135 -32.17 -9.55 -1.40
N PRO H 136 -33.38 -9.22 -0.89
CA PRO H 136 -34.15 -10.18 -0.11
C PRO H 136 -34.40 -11.47 -0.90
N GLY H 137 -34.10 -12.59 -0.27
CA GLY H 137 -34.34 -13.87 -0.91
C GLY H 137 -33.16 -14.42 -1.68
N TYR H 138 -32.08 -13.64 -1.82
CA TYR H 138 -30.89 -14.11 -2.54
C TYR H 138 -29.81 -14.60 -1.60
N LYS H 139 -29.10 -15.61 -2.05
CA LYS H 139 -27.91 -16.09 -1.36
C LYS H 139 -26.69 -15.62 -2.14
N LEU H 140 -25.71 -15.10 -1.42
CA LEU H 140 -24.46 -14.66 -2.04
C LEU H 140 -23.50 -15.82 -2.25
N ARG H 141 -22.91 -15.89 -3.44
CA ARG H 141 -21.95 -16.95 -3.76
C ARG H 141 -20.54 -16.40 -3.58
N THR H 142 -19.77 -17.05 -2.73
CA THR H 142 -18.37 -16.66 -2.52
C THR H 142 -17.54 -17.74 -1.81
N PRO H 143 -16.25 -17.83 -2.17
CA PRO H 143 -15.31 -18.78 -1.57
C PRO H 143 -14.99 -18.41 -0.13
N TYR H 144 -15.10 -17.12 0.16
CA TYR H 144 -14.71 -16.59 1.45
C TYR H 144 -15.87 -16.63 2.45
N PRO H 145 -15.53 -16.68 3.75
CA PRO H 145 -16.54 -16.69 4.81
C PRO H 145 -17.10 -15.29 5.10
N ILE H 146 -18.21 -14.92 4.47
CA ILE H 146 -18.75 -13.60 4.72
C ILE H 146 -20.14 -13.65 5.34
N THR H 147 -20.53 -12.56 5.99
CA THR H 147 -21.85 -12.44 6.56
C THR H 147 -22.79 -11.76 5.55
N THR H 148 -24.03 -12.22 5.51
CA THR H 148 -25.03 -11.67 4.59
C THR H 148 -26.13 -10.93 5.34
N VAL H 149 -26.46 -9.74 4.85
CA VAL H 149 -27.61 -9.02 5.37
C VAL H 149 -28.52 -8.71 4.21
N GLU H 150 -29.79 -9.05 4.34
CA GLU H 150 -30.75 -8.79 3.29
C GLU H 150 -31.36 -7.40 3.42
N ILE H 151 -31.24 -6.63 2.36
CA ILE H 151 -31.72 -5.26 2.34
C ILE H 151 -32.44 -5.00 1.02
N PRO H 152 -33.61 -4.36 1.10
CA PRO H 152 -34.29 -3.99 -0.15
C PRO H 152 -33.37 -3.12 -0.99
N GLU H 153 -33.31 -3.34 -2.29
CA GLU H 153 -32.47 -2.53 -3.13
C GLU H 153 -32.93 -1.08 -3.17
N PHE H 154 -31.99 -0.17 -2.96
CA PHE H 154 -32.26 1.24 -3.16
C PHE H 154 -31.15 1.75 -4.10
N ALA H 155 -31.42 1.76 -5.39
CA ALA H 155 -30.40 2.00 -6.39
C ALA H 155 -30.01 3.47 -6.56
N VAL H 156 -29.89 4.21 -5.46
CA VAL H 156 -29.44 5.59 -5.50
C VAL H 156 -27.93 5.62 -5.28
N SER H 157 -27.25 6.58 -5.89
CA SER H 157 -25.79 6.72 -5.75
C SER H 157 -25.40 8.19 -5.84
N SER H 158 -24.22 8.51 -5.31
CA SER H 158 -23.71 9.87 -5.36
C SER H 158 -23.68 10.42 -6.78
N SER H 159 -23.15 9.63 -7.70
CA SER H 159 -23.00 10.12 -9.08
C SER H 159 -24.36 10.38 -9.73
N LEU H 160 -25.34 9.53 -9.46
CA LEU H 160 -26.68 9.76 -10.00
C LEU H 160 -27.22 11.09 -9.51
N LEU H 161 -27.03 11.35 -8.23
CA LEU H 161 -27.47 12.61 -7.62
C LEU H 161 -26.75 13.82 -8.21
N ARG H 162 -25.43 13.72 -8.41
CA ARG H 162 -24.69 14.82 -8.99
C ARG H 162 -25.24 15.13 -10.35
N GLU H 163 -25.50 14.07 -11.11
CA GLU H 163 -26.00 14.21 -12.44
C GLU H 163 -27.33 14.95 -12.41
N ARG H 164 -28.20 14.53 -11.51
CA ARG H 164 -29.52 15.12 -11.41
C ARG H 164 -29.53 16.57 -10.92
N TYR H 165 -28.64 16.93 -10.00
CA TYR H 165 -28.51 18.32 -9.57
C TYR H 165 -28.05 19.20 -10.71
N LYS H 166 -27.19 18.66 -11.57
CA LYS H 166 -26.68 19.42 -12.70
C LYS H 166 -27.81 19.70 -13.69
N GLU H 167 -28.71 18.73 -13.84
CA GLU H 167 -29.86 18.87 -14.73
C GLU H 167 -31.05 19.51 -14.05
N LYS H 168 -30.83 20.04 -12.85
CA LYS H 168 -31.89 20.70 -12.09
C LYS H 168 -33.13 19.79 -11.99
N LYS H 169 -32.89 18.52 -11.69
CA LYS H 169 -33.93 17.51 -11.59
C LYS H 169 -34.19 17.18 -10.12
N THR H 170 -35.40 16.73 -9.81
CA THR H 170 -35.80 16.47 -8.42
C THR H 170 -34.92 15.44 -7.74
N CYS H 171 -34.62 15.66 -6.47
CA CYS H 171 -33.91 14.64 -5.69
C CYS H 171 -34.66 14.26 -4.43
N LYS H 172 -35.93 14.62 -4.39
CA LYS H 172 -36.75 14.39 -3.22
C LYS H 172 -36.77 12.89 -2.88
N TYR H 173 -36.57 12.58 -1.60
CA TYR H 173 -36.63 11.21 -1.11
C TYR H 173 -35.34 10.43 -1.32
N LEU H 174 -34.39 11.00 -2.06
CA LEU H 174 -33.14 10.29 -2.34
C LEU H 174 -32.02 10.58 -1.33
N LEU H 175 -31.99 11.79 -0.79
CA LEU H 175 -31.03 12.12 0.24
C LEU H 175 -31.71 13.03 1.26
N PRO H 176 -31.13 13.16 2.45
CA PRO H 176 -31.74 13.95 3.54
C PRO H 176 -31.94 15.42 3.20
N GLU H 177 -32.98 16.03 3.75
CA GLU H 177 -33.29 17.43 3.47
C GLU H 177 -32.12 18.35 3.83
N LYS H 178 -31.55 18.15 5.01
CA LYS H 178 -30.44 18.98 5.48
C LYS H 178 -29.25 18.90 4.55
N VAL H 179 -29.15 17.81 3.79
CA VAL H 179 -28.08 17.70 2.80
C VAL H 179 -28.45 18.43 1.52
N GLN H 180 -29.71 18.29 1.10
CA GLN H 180 -30.22 18.99 -0.07
C GLN H 180 -30.08 20.50 0.09
N VAL H 181 -30.51 20.99 1.25
CA VAL H 181 -30.43 22.40 1.58
C VAL H 181 -28.99 22.86 1.51
N TYR H 182 -28.08 22.10 2.12
CA TYR H 182 -26.67 22.43 2.07
C TYR H 182 -26.21 22.54 0.63
N ILE H 183 -26.59 21.57 -0.19
CA ILE H 183 -26.20 21.55 -1.60
C ILE H 183 -26.70 22.78 -2.35
N GLU H 184 -27.97 23.12 -2.17
CA GLU H 184 -28.56 24.25 -2.89
C GLU H 184 -28.03 25.57 -2.37
N ARG H 185 -27.91 25.65 -1.04
CA ARG H 185 -27.43 26.85 -0.35
C ARG H 185 -25.94 27.13 -0.57
N ASN H 186 -25.24 26.16 -1.14
CA ASN H 186 -23.81 26.30 -1.41
C ASN H 186 -23.53 26.24 -2.90
N GLY H 187 -24.53 25.79 -3.65
CA GLY H 187 -24.40 25.70 -5.09
C GLY H 187 -23.48 24.58 -5.56
N LEU H 188 -23.51 23.46 -4.87
CA LEU H 188 -22.73 22.30 -5.30
C LEU H 188 -23.37 21.69 -6.54
N TYR H 189 -22.53 21.04 -7.36
CA TYR H 189 -23.00 20.26 -8.50
C TYR H 189 -23.75 21.06 -9.57
K K I . 23.35 -6.91 -16.13
C1 CIT J . 19.96 10.77 -3.36
O1 CIT J . 20.25 11.92 -2.97
O2 CIT J . 19.88 10.56 -4.59
C2 CIT J . 19.65 9.67 -2.35
C3 CIT J . 20.86 9.07 -1.61
O7 CIT J . 20.46 8.86 -0.23
C4 CIT J . 21.27 7.71 -2.18
C5 CIT J . 20.07 6.81 -2.41
O3 CIT J . 19.02 6.92 -1.74
O4 CIT J . 20.14 5.93 -3.30
C6 CIT J . 22.07 9.99 -1.64
O5 CIT J . 22.10 11.09 -1.06
O6 CIT J . 23.09 9.62 -2.29
K K K . -39.49 -33.58 -31.88
C KJZ L . -56.97 -7.18 -13.97
N KJZ L . -56.20 -9.47 -14.32
O KJZ L . -56.80 -7.04 -15.20
CA KJZ L . -57.12 -8.64 -13.60
OAB KJZ L . -56.16 -14.84 -16.79
OAC KJZ L . -57.99 -10.76 -15.53
CLAE KJZ L . -54.73 -14.24 -20.16
CAF KJZ L . -54.09 -8.58 -14.05
CAG KJZ L . -51.58 -16.44 -19.09
CAH KJZ L . -51.42 -15.98 -17.70
CAI KJZ L . -50.23 -12.16 -15.45
CAJ KJZ L . -51.60 -12.09 -15.72
CAK KJZ L . -50.48 -7.97 -12.74
CAL KJZ L . -52.62 -15.88 -19.85
CAM KJZ L . -51.90 -7.81 -13.00
CAN KJZ L . -52.28 -14.99 -17.08
CAO KJZ L . -49.63 -11.16 -14.64
CAP KJZ L . -49.74 -9.10 -13.31
CAQ KJZ L . -52.39 -10.97 -15.20
CAR KJZ L . -56.32 -12.50 -16.57
CAS KJZ L . -55.66 -11.42 -15.67
NAU KJZ L . -54.94 -9.58 -13.88
NAV KJZ L . -54.18 -13.42 -17.26
CAX KJZ L . -55.49 -13.71 -17.01
CAY KJZ L . -56.72 -10.42 -15.15
CAZ KJZ L . -53.49 -14.89 -19.21
CBA KJZ L . -52.59 -8.82 -13.84
CBB KJZ L . -53.33 -14.45 -17.84
CBC KJZ L . -50.39 -10.10 -14.13
CBD KJZ L . -51.81 -9.98 -14.41
OXT KJZ L . -57.22 -6.50 -12.95
C1 CIT M . -43.20 -11.96 -28.62
O1 CIT M . -42.81 -10.86 -29.07
O2 CIT M . -43.27 -12.92 -29.42
C2 CIT M . -43.59 -12.09 -27.16
C3 CIT M . -42.45 -12.65 -26.31
O7 CIT M . -42.75 -12.40 -24.89
C4 CIT M . -42.20 -14.14 -26.59
C5 CIT M . -43.26 -15.10 -25.98
O3 CIT M . -44.26 -14.70 -25.31
O4 CIT M . -43.11 -16.34 -26.14
C6 CIT M . -41.19 -11.84 -26.60
O5 CIT M . -41.12 -10.64 -26.27
O6 CIT M . -40.23 -12.38 -27.15
K K N . -52.20 15.98 0.04
K K O . -65.02 -2.57 -6.63
C1 CIT P . -49.36 -6.40 -0.51
O1 CIT P . -48.66 -7.23 0.12
O2 CIT P . -50.15 -5.67 0.14
C2 CIT P . -49.29 -6.31 -2.03
C3 CIT P . -47.93 -5.90 -2.65
O7 CIT P . -47.71 -6.79 -3.78
C4 CIT P . -47.88 -4.46 -3.13
C5 CIT P . -49.25 -3.86 -3.32
O3 CIT P . -50.02 -4.27 -4.21
O4 CIT P . -49.64 -2.92 -2.58
C6 CIT P . -46.71 -6.12 -1.74
O5 CIT P . -45.85 -7.00 -2.03
O6 CIT P . -46.58 -5.39 -0.72
K K Q . 11.71 21.75 35.32
C KJZ R . 7.15 9.35 11.86
N KJZ R . 7.71 7.34 10.54
O KJZ R . 7.48 9.93 10.80
CA KJZ R . 6.86 7.89 11.58
OAB KJZ R . 7.91 3.40 6.23
OAC KJZ R . 5.97 6.21 9.04
CLAE KJZ R . 9.15 5.75 3.06
CAF KJZ R . 9.96 7.84 10.35
CAG KJZ R . 12.17 3.08 2.90
CAH KJZ R . 12.40 2.80 4.32
CAI KJZ R . 14.48 5.71 8.50
CAJ KJZ R . 13.18 5.85 7.97
CAK KJZ R . 13.02 7.92 12.73
CAL KJZ R . 11.17 4.00 2.52
CAM KJZ R . 11.66 8.09 12.22
CAN KJZ R . 11.59 3.46 5.35
CAO KJZ R . 14.76 6.17 9.81
CAP KJZ R . 14.05 7.26 11.89
CAQ KJZ R . 12.15 6.48 8.75
CAR KJZ R . 7.68 5.60 7.12
CAS KJZ R . 8.26 6.07 8.47
NAU KJZ R . 9.00 7.12 10.88
NAV KJZ R . 9.78 5.04 6.02
CAX KJZ R . 8.53 4.58 6.35
CAY KJZ R . 7.19 6.60 9.46
CAZ KJZ R . 10.36 4.65 3.55
CBA KJZ R . 11.36 7.60 10.86
CBB KJZ R . 10.58 4.39 4.98
CBC KJZ R . 13.75 6.78 10.56
CBD KJZ R . 12.41 6.94 10.02
OXT KJZ R . 6.95 9.65 13.06
C1 CIT S . 14.67 3.02 23.92
O1 CIT S . 14.97 1.87 23.52
O2 CIT S . 14.37 3.14 25.12
C2 CIT S . 14.63 4.20 22.97
C3 CIT S . 15.99 4.81 22.58
O7 CIT S . 16.13 4.68 21.15
C4 CIT S . 16.16 6.29 22.93
C5 CIT S . 14.86 6.98 23.34
O3 CIT S . 14.02 7.25 22.46
O4 CIT S . 14.69 7.31 24.56
C6 CIT S . 17.18 4.10 23.21
O5 CIT S . 17.55 2.95 22.85
O6 CIT S . 17.80 4.70 24.11
S DMS T . 27.80 14.19 33.85
O DMS T . 27.47 12.82 34.99
C1 DMS T . 27.01 13.91 32.25
C2 DMS T . 27.02 15.69 34.55
K K U . 53.11 6.97 -13.83
C1 CIT V . 50.12 -3.16 6.06
O1 CIT V . 49.47 -4.19 6.32
O2 CIT V . 50.86 -3.19 5.05
C2 CIT V . 50.04 -1.95 6.96
C3 CIT V . 48.96 -0.96 6.53
O7 CIT V . 48.83 0.09 7.53
C4 CIT V . 49.32 -0.37 5.17
C5 CIT V . 50.32 0.76 5.20
O3 CIT V . 51.15 0.91 6.15
O4 CIT V . 50.33 1.60 4.26
C6 CIT V . 47.61 -1.66 6.39
O5 CIT V . 47.07 -2.32 7.31
O6 CIT V . 47.03 -1.60 5.29
S DMS W . 36.46 1.37 -8.00
O DMS W . 37.31 1.16 -6.44
C1 DMS W . 37.38 2.56 -9.00
C2 DMS W . 36.64 -0.10 -9.05
K K X . -9.77 -20.60 -34.99
C1 CIT Y . -13.68 -19.44 -12.79
O1 CIT Y . -14.56 -20.09 -12.18
O2 CIT Y . -12.83 -20.08 -13.45
C2 CIT Y . -13.66 -17.93 -12.71
C3 CIT Y . -14.96 -17.20 -13.06
O7 CIT Y . -15.23 -16.35 -11.90
C4 CIT Y . -14.83 -16.25 -14.28
C5 CIT Y . -13.82 -16.70 -15.32
O3 CIT Y . -12.61 -16.43 -15.23
O4 CIT Y . -14.21 -17.35 -16.33
C6 CIT Y . -16.17 -18.12 -13.23
O5 CIT Y . -17.02 -18.26 -12.32
O6 CIT Y . -16.32 -18.78 -14.28
S DMS Z . -26.33 -22.57 -28.07
O DMS Z . -26.05 -24.24 -27.42
C1 DMS Z . -25.81 -21.32 -26.87
C2 DMS Z . -25.26 -22.28 -29.51
K K AA . 40.86 10.96 45.73
C1 CIT BA . 44.89 18.94 25.65
O1 CIT BA . 44.62 19.39 24.51
O2 CIT BA . 45.45 19.70 26.48
C2 CIT BA . 44.54 17.52 26.06
C3 CIT BA . 44.18 16.62 24.88
O7 CIT BA . 45.37 16.46 24.06
C4 CIT BA . 43.74 15.22 25.31
C5 CIT BA . 43.49 15.08 26.80
O3 CIT BA . 42.31 15.13 27.24
O4 CIT BA . 44.45 14.91 27.60
C6 CIT BA . 43.05 17.26 24.05
O5 CIT BA . 42.98 17.16 22.80
O6 CIT BA . 42.17 17.92 24.67
K K CA . -23.60 11.47 14.77
C1 CIT DA . -19.25 8.45 -6.99
O1 CIT DA . -18.76 8.50 -8.14
O2 CIT DA . -19.76 9.46 -6.47
C2 CIT DA . -19.21 7.18 -6.18
C3 CIT DA . -20.21 6.09 -6.59
O7 CIT DA . -19.70 5.43 -7.77
C4 CIT DA . -20.28 5.07 -5.44
C5 CIT DA . -19.13 5.32 -4.49
O3 CIT DA . -19.35 6.05 -3.48
O4 CIT DA . -17.98 4.83 -4.69
C6 CIT DA . -21.59 6.66 -6.91
O5 CIT DA . -22.19 6.43 -8.00
O6 CIT DA . -22.13 7.39 -6.07
S DMS EA . -36.04 8.46 2.72
O DMS EA . -36.50 8.15 4.45
C1 DMS EA . -36.77 7.23 1.58
C2 DMS EA . -36.78 10.02 2.13
#